data_4MJ9
# 
_entry.id   4MJ9 
# 
_audit_conform.dict_name       mmcif_pdbx.dic 
_audit_conform.dict_version    5.387 
_audit_conform.dict_location   http://mmcif.pdb.org/dictionaries/ascii/mmcif_pdbx.dic 
# 
loop_
_database_2.database_id 
_database_2.database_code 
_database_2.pdbx_database_accession 
_database_2.pdbx_DOI 
PDB   4MJ9         pdb_00004mj9 10.2210/pdb4mj9/pdb 
NDB   NA2718       ?            ?                   
RCSB  RCSB081979   ?            ?                   
WWPDB D_1000081979 ?            ?                   
# 
loop_
_pdbx_audit_revision_history.ordinal 
_pdbx_audit_revision_history.data_content_type 
_pdbx_audit_revision_history.major_revision 
_pdbx_audit_revision_history.minor_revision 
_pdbx_audit_revision_history.revision_date 
1 'Structure model' 1 0 2014-09-24 
2 'Structure model' 1 1 2015-02-18 
3 'Structure model' 1 2 2015-05-13 
4 'Structure model' 1 3 2017-11-15 
5 'Structure model' 1 4 2024-02-28 
# 
_pdbx_audit_revision_details.ordinal             1 
_pdbx_audit_revision_details.revision_ordinal    1 
_pdbx_audit_revision_details.data_content_type   'Structure model' 
_pdbx_audit_revision_details.provider            repository 
_pdbx_audit_revision_details.type                'Initial release' 
_pdbx_audit_revision_details.description         ? 
_pdbx_audit_revision_details.details             ? 
# 
loop_
_pdbx_audit_revision_group.ordinal 
_pdbx_audit_revision_group.revision_ordinal 
_pdbx_audit_revision_group.data_content_type 
_pdbx_audit_revision_group.group 
1 2 'Structure model' 'Database references'    
2 3 'Structure model' 'Database references'    
3 4 'Structure model' 'Refinement description' 
4 5 'Structure model' 'Data collection'        
5 5 'Structure model' 'Database references'    
6 5 'Structure model' 'Derived calculations'   
# 
loop_
_pdbx_audit_revision_category.ordinal 
_pdbx_audit_revision_category.revision_ordinal 
_pdbx_audit_revision_category.data_content_type 
_pdbx_audit_revision_category.category 
1 4 'Structure model' software               
2 5 'Structure model' chem_comp_atom         
3 5 'Structure model' chem_comp_bond         
4 5 'Structure model' database_2             
5 5 'Structure model' pdbx_struct_conn_angle 
6 5 'Structure model' struct_conn            
7 5 'Structure model' struct_site            
# 
loop_
_pdbx_audit_revision_item.ordinal 
_pdbx_audit_revision_item.revision_ordinal 
_pdbx_audit_revision_item.data_content_type 
_pdbx_audit_revision_item.item 
1  4 'Structure model' '_software.classification'                    
2  4 'Structure model' '_software.name'                              
3  4 'Structure model' '_software.version'                           
4  5 'Structure model' '_database_2.pdbx_DOI'                        
5  5 'Structure model' '_database_2.pdbx_database_accession'         
6  5 'Structure model' '_pdbx_struct_conn_angle.ptnr1_auth_comp_id'  
7  5 'Structure model' '_pdbx_struct_conn_angle.ptnr1_auth_seq_id'   
8  5 'Structure model' '_pdbx_struct_conn_angle.ptnr1_label_asym_id' 
9  5 'Structure model' '_pdbx_struct_conn_angle.ptnr1_label_atom_id' 
10 5 'Structure model' '_pdbx_struct_conn_angle.ptnr1_label_comp_id' 
11 5 'Structure model' '_pdbx_struct_conn_angle.ptnr1_label_seq_id'  
12 5 'Structure model' '_pdbx_struct_conn_angle.ptnr3_auth_comp_id'  
13 5 'Structure model' '_pdbx_struct_conn_angle.ptnr3_auth_seq_id'   
14 5 'Structure model' '_pdbx_struct_conn_angle.ptnr3_label_asym_id' 
15 5 'Structure model' '_pdbx_struct_conn_angle.ptnr3_label_atom_id' 
16 5 'Structure model' '_pdbx_struct_conn_angle.ptnr3_label_comp_id' 
17 5 'Structure model' '_pdbx_struct_conn_angle.ptnr3_label_seq_id'  
18 5 'Structure model' '_pdbx_struct_conn_angle.value'               
19 5 'Structure model' '_struct_conn.pdbx_dist_value'                
20 5 'Structure model' '_struct_conn.ptnr1_auth_comp_id'             
21 5 'Structure model' '_struct_conn.ptnr1_auth_seq_id'              
22 5 'Structure model' '_struct_conn.ptnr1_label_asym_id'            
23 5 'Structure model' '_struct_conn.ptnr1_label_atom_id'            
24 5 'Structure model' '_struct_conn.ptnr1_label_comp_id'            
25 5 'Structure model' '_struct_conn.ptnr1_label_seq_id'             
26 5 'Structure model' '_struct_conn.ptnr2_auth_comp_id'             
27 5 'Structure model' '_struct_conn.ptnr2_auth_seq_id'              
28 5 'Structure model' '_struct_conn.ptnr2_label_asym_id'            
29 5 'Structure model' '_struct_conn.ptnr2_label_atom_id'            
30 5 'Structure model' '_struct_conn.ptnr2_label_comp_id'            
31 5 'Structure model' '_struct_site.pdbx_auth_asym_id'              
32 5 'Structure model' '_struct_site.pdbx_auth_comp_id'              
33 5 'Structure model' '_struct_site.pdbx_auth_seq_id'               
# 
_pdbx_database_status.status_code                     REL 
_pdbx_database_status.entry_id                        4MJ9 
_pdbx_database_status.recvd_initial_deposition_date   2013-09-03 
_pdbx_database_status.deposit_site                    RCSB 
_pdbx_database_status.process_site                    RCSB 
_pdbx_database_status.status_code_sf                  REL 
_pdbx_database_status.status_code_mr                  ? 
_pdbx_database_status.SG_entry                        ? 
_pdbx_database_status.status_code_cs                  ? 
_pdbx_database_status.methods_development_category    ? 
_pdbx_database_status.pdb_format_compatible           Y 
_pdbx_database_status.status_code_nmr_data            ? 
# 
_pdbx_database_related.db_name        PDB 
_pdbx_database_related.db_id          4III 
_pdbx_database_related.details        '11-Cl derivative with the same sequence' 
_pdbx_database_related.content_type   unspecified 
# 
loop_
_audit_author.name 
_audit_author.pdbx_ordinal 
'Hall, J.P.'   1 
'Cardin, C.J.' 2 
# 
_citation.id                        primary 
_citation.title                     
'The Structural Effect of Methyl Substitution on the Binding of Polypyridyl Ru dppz Complexes to DNA' 
_citation.journal_abbrev            Organometallics 
_citation.journal_volume            ? 
_citation.page_first                ? 
_citation.page_last                 ? 
_citation.year                      2015 
_citation.journal_id_ASTM           ? 
_citation.country                   US 
_citation.journal_id_ISSN           0276-7333 
_citation.journal_id_CSD            ? 
_citation.book_publisher            ? 
_citation.pdbx_database_id_PubMed   ? 
_citation.pdbx_database_id_DOI      10.1021/om501208x 
# 
loop_
_citation_author.citation_id 
_citation_author.name 
_citation_author.ordinal 
_citation_author.identifier_ORCID 
primary 'Hall, J.P.'   1 ? 
primary 'Beer, H.'     2 ? 
primary 'Buchner, K.'  3 ? 
primary 'Cardin, D.J.' 4 ? 
primary 'Cardin, C.J.' 5 ? 
# 
loop_
_entity.id 
_entity.type 
_entity.src_method 
_entity.pdbx_description 
_entity.formula_weight 
_entity.pdbx_number_of_molecules 
_entity.pdbx_ec 
_entity.pdbx_mutation 
_entity.pdbx_fragment 
_entity.details 
1 polymer     syn 
;DNA (5'-D(*TP*CP*GP*GP*CP*GP*CP*CP*GP*A)-3')
;
3045.992 1   ? ? ? ? 
2 non-polymer syn 
"(10-methyldipyrido[3,2-a:2',3'-c]phenazine-kappa~2~N~4~,N~5~)[bis(pyrazino[2,3-f]quinoxaline-kappa~2~N~1~,N~10~)]ruthenium(2+)" 
761.758  1   ? ? ? ? 
3 non-polymer syn 'BARIUM ION' 137.327  1   ? ? ? ? 
4 non-polymer syn 'CHLORIDE ION' 35.453   1   ? ? ? ? 
5 water       nat water 18.015   116 ? ? ? ? 
# 
_entity_poly.entity_id                      1 
_entity_poly.type                           polydeoxyribonucleotide 
_entity_poly.nstd_linkage                   no 
_entity_poly.nstd_monomer                   no 
_entity_poly.pdbx_seq_one_letter_code       '(DT)(DC)(DG)(DG)(DC)(DG)(DC)(DC)(DG)(DA)' 
_entity_poly.pdbx_seq_one_letter_code_can   TCGGCGCCGA 
_entity_poly.pdbx_strand_id                 A 
_entity_poly.pdbx_target_identifier         ? 
# 
loop_
_pdbx_entity_nonpoly.entity_id 
_pdbx_entity_nonpoly.name 
_pdbx_entity_nonpoly.comp_id 
2 "(10-methyldipyrido[3,2-a:2',3'-c]phenazine-kappa~2~N~4~,N~5~)[bis(pyrazino[2,3-f]quinoxaline-kappa~2~N~1~,N~10~)]ruthenium(2+)" 
2J0 
3 'BARIUM ION'                                                                                                                     
BA  
4 'CHLORIDE ION'                                                                                                                   
CL  
5 water                                                                                                                            
HOH 
# 
loop_
_entity_poly_seq.entity_id 
_entity_poly_seq.num 
_entity_poly_seq.mon_id 
_entity_poly_seq.hetero 
1 1  DT n 
1 2  DC n 
1 3  DG n 
1 4  DG n 
1 5  DC n 
1 6  DG n 
1 7  DC n 
1 8  DC n 
1 9  DG n 
1 10 DA n 
# 
_pdbx_entity_src_syn.entity_id              1 
_pdbx_entity_src_syn.pdbx_src_id            1 
_pdbx_entity_src_syn.pdbx_alt_source_flag   sample 
_pdbx_entity_src_syn.pdbx_beg_seq_num       ? 
_pdbx_entity_src_syn.pdbx_end_seq_num       ? 
_pdbx_entity_src_syn.organism_scientific    ? 
_pdbx_entity_src_syn.organism_common_name   ? 
_pdbx_entity_src_syn.ncbi_taxonomy_id       ? 
_pdbx_entity_src_syn.details                'DNA synthesised by ATDBio' 
# 
loop_
_chem_comp.id 
_chem_comp.type 
_chem_comp.mon_nstd_flag 
_chem_comp.name 
_chem_comp.pdbx_synonyms 
_chem_comp.formula 
_chem_comp.formula_weight 
2J0 non-polymer   . 
"(10-methyldipyrido[3,2-a:2',3'-c]phenazine-kappa~2~N~4~,N~5~)[bis(pyrazino[2,3-f]quinoxaline-kappa~2~N~1~,N~10~)]ruthenium(2+)" ? 
'C39 H24 N12 Ru 2' 761.758 
BA  non-polymer   . 'BARIUM ION' ? 'Ba 2'             137.327 
CL  non-polymer   . 'CHLORIDE ION' ? 'Cl -1'            35.453  
DA  'DNA linking' y "2'-DEOXYADENOSINE-5'-MONOPHOSPHATE" ? 'C10 H14 N5 O6 P'  331.222 
DC  'DNA linking' y "2'-DEOXYCYTIDINE-5'-MONOPHOSPHATE" ? 'C9 H14 N3 O7 P'   307.197 
DG  'DNA linking' y "2'-DEOXYGUANOSINE-5'-MONOPHOSPHATE" ? 'C10 H14 N5 O7 P'  347.221 
DT  'DNA linking' y "THYMIDINE-5'-MONOPHOSPHATE" ? 'C10 H15 N2 O8 P'  322.208 
HOH non-polymer   . WATER ? 'H2 O'             18.015  
# 
loop_
_pdbx_poly_seq_scheme.asym_id 
_pdbx_poly_seq_scheme.entity_id 
_pdbx_poly_seq_scheme.seq_id 
_pdbx_poly_seq_scheme.mon_id 
_pdbx_poly_seq_scheme.ndb_seq_num 
_pdbx_poly_seq_scheme.pdb_seq_num 
_pdbx_poly_seq_scheme.auth_seq_num 
_pdbx_poly_seq_scheme.pdb_mon_id 
_pdbx_poly_seq_scheme.auth_mon_id 
_pdbx_poly_seq_scheme.pdb_strand_id 
_pdbx_poly_seq_scheme.pdb_ins_code 
_pdbx_poly_seq_scheme.hetero 
A 1 1  DT 1  1  1  DT DT A . n 
A 1 2  DC 2  2  2  DC DC A . n 
A 1 3  DG 3  3  3  DG DG A . n 
A 1 4  DG 4  4  4  DG DG A . n 
A 1 5  DC 5  5  5  DC DC A . n 
A 1 6  DG 6  6  6  DG DG A . n 
A 1 7  DC 7  7  7  DC DC A . n 
A 1 8  DC 8  8  8  DC DC A . n 
A 1 9  DG 9  9  9  DG DG A . n 
A 1 10 DA 10 10 10 DA DA A . n 
# 
loop_
_pdbx_nonpoly_scheme.asym_id 
_pdbx_nonpoly_scheme.entity_id 
_pdbx_nonpoly_scheme.mon_id 
_pdbx_nonpoly_scheme.ndb_seq_num 
_pdbx_nonpoly_scheme.pdb_seq_num 
_pdbx_nonpoly_scheme.auth_seq_num 
_pdbx_nonpoly_scheme.pdb_mon_id 
_pdbx_nonpoly_scheme.auth_mon_id 
_pdbx_nonpoly_scheme.pdb_strand_id 
_pdbx_nonpoly_scheme.pdb_ins_code 
B 2 2J0 1   101 1   2J0 RKE A . 
C 3 BA  1   102 1   BA  BA  A . 
D 4 CL  1   103 1   CL  CL  A . 
E 5 HOH 1   201 2   HOH HOH A . 
E 5 HOH 2   202 3   HOH HOH A . 
E 5 HOH 3   203 4   HOH HOH A . 
E 5 HOH 4   204 5   HOH HOH A . 
E 5 HOH 5   205 7   HOH HOH A . 
E 5 HOH 6   206 8   HOH HOH A . 
E 5 HOH 7   207 9   HOH HOH A . 
E 5 HOH 8   208 10  HOH HOH A . 
E 5 HOH 9   209 11  HOH HOH A . 
E 5 HOH 10  210 12  HOH HOH A . 
E 5 HOH 11  211 13  HOH HOH A . 
E 5 HOH 12  212 14  HOH HOH A . 
E 5 HOH 13  213 15  HOH HOH A . 
E 5 HOH 14  214 16  HOH HOH A . 
E 5 HOH 15  215 17  HOH HOH A . 
E 5 HOH 16  216 18  HOH HOH A . 
E 5 HOH 17  217 19  HOH HOH A . 
E 5 HOH 18  218 20  HOH HOH A . 
E 5 HOH 19  219 21  HOH HOH A . 
E 5 HOH 20  220 22  HOH HOH A . 
E 5 HOH 21  221 23  HOH HOH A . 
E 5 HOH 22  222 24  HOH HOH A . 
E 5 HOH 23  223 25  HOH HOH A . 
E 5 HOH 24  224 26  HOH HOH A . 
E 5 HOH 25  225 27  HOH HOH A . 
E 5 HOH 26  226 28  HOH HOH A . 
E 5 HOH 27  227 30  HOH HOH A . 
E 5 HOH 28  228 31  HOH HOH A . 
E 5 HOH 29  229 32  HOH HOH A . 
E 5 HOH 30  230 33  HOH HOH A . 
E 5 HOH 31  231 34  HOH HOH A . 
E 5 HOH 32  232 35  HOH HOH A . 
E 5 HOH 33  233 36  HOH HOH A . 
E 5 HOH 34  234 37  HOH HOH A . 
E 5 HOH 35  235 38  HOH HOH A . 
E 5 HOH 36  236 39  HOH HOH A . 
E 5 HOH 37  237 40  HOH HOH A . 
E 5 HOH 38  238 41  HOH HOH A . 
E 5 HOH 39  239 42  HOH HOH A . 
E 5 HOH 40  240 43  HOH HOH A . 
E 5 HOH 41  241 44  HOH HOH A . 
E 5 HOH 42  242 45  HOH HOH A . 
E 5 HOH 43  243 47  HOH HOH A . 
E 5 HOH 44  244 50  HOH HOH A . 
E 5 HOH 45  245 51  HOH HOH A . 
E 5 HOH 46  246 52  HOH HOH A . 
E 5 HOH 47  247 55  HOH HOH A . 
E 5 HOH 48  248 56  HOH HOH A . 
E 5 HOH 49  249 57  HOH HOH A . 
E 5 HOH 50  250 58  HOH HOH A . 
E 5 HOH 51  251 59  HOH HOH A . 
E 5 HOH 52  252 60  HOH HOH A . 
E 5 HOH 53  253 61  HOH HOH A . 
E 5 HOH 54  254 62  HOH HOH A . 
E 5 HOH 55  255 63  HOH HOH A . 
E 5 HOH 56  256 64  HOH HOH A . 
E 5 HOH 57  257 65  HOH HOH A . 
E 5 HOH 58  258 66  HOH HOH A . 
E 5 HOH 59  259 67  HOH HOH A . 
E 5 HOH 60  260 69  HOH HOH A . 
E 5 HOH 61  261 70  HOH HOH A . 
E 5 HOH 62  262 71  HOH HOH A . 
E 5 HOH 63  263 73  HOH HOH A . 
E 5 HOH 64  264 74  HOH HOH A . 
E 5 HOH 65  265 77  HOH HOH A . 
E 5 HOH 66  266 80  HOH HOH A . 
E 5 HOH 67  267 82  HOH HOH A . 
E 5 HOH 68  268 83  HOH HOH A . 
E 5 HOH 69  269 84  HOH HOH A . 
E 5 HOH 70  270 86  HOH HOH A . 
E 5 HOH 71  271 87  HOH HOH A . 
E 5 HOH 72  272 89  HOH HOH A . 
E 5 HOH 73  273 91  HOH HOH A . 
E 5 HOH 74  274 92  HOH HOH A . 
E 5 HOH 75  275 93  HOH HOH A . 
E 5 HOH 76  276 96  HOH HOH A . 
E 5 HOH 77  277 97  HOH HOH A . 
E 5 HOH 78  278 98  HOH HOH A . 
E 5 HOH 79  279 99  HOH HOH A . 
E 5 HOH 80  280 100 HOH HOH A . 
E 5 HOH 81  281 101 HOH HOH A . 
E 5 HOH 82  282 103 HOH HOH A . 
E 5 HOH 83  283 104 HOH HOH A . 
E 5 HOH 84  284 105 HOH HOH A . 
E 5 HOH 85  285 106 HOH HOH A . 
E 5 HOH 86  286 109 HOH HOH A . 
E 5 HOH 87  287 110 HOH HOH A . 
E 5 HOH 88  288 114 HOH HOH A . 
E 5 HOH 89  289 115 HOH HOH A . 
E 5 HOH 90  290 116 HOH HOH A . 
E 5 HOH 91  291 119 HOH HOH A . 
E 5 HOH 92  292 120 HOH HOH A . 
E 5 HOH 93  293 121 HOH HOH A . 
E 5 HOH 94  294 122 HOH HOH A . 
E 5 HOH 95  295 123 HOH HOH A . 
E 5 HOH 96  296 124 HOH HOH A . 
E 5 HOH 97  297 125 HOH HOH A . 
E 5 HOH 98  298 126 HOH HOH A . 
E 5 HOH 99  299 127 HOH HOH A . 
E 5 HOH 100 300 128 HOH HOH A . 
E 5 HOH 101 301 129 HOH HOH A . 
E 5 HOH 102 302 131 HOH HOH A . 
E 5 HOH 103 303 132 HOH HOH A . 
E 5 HOH 104 304 133 HOH HOH A . 
E 5 HOH 105 305 134 HOH HOH A . 
E 5 HOH 106 306 135 HOH HOH A . 
E 5 HOH 107 307 136 HOH HOH A . 
E 5 HOH 108 308 137 HOH HOH A . 
E 5 HOH 109 309 138 HOH HOH A . 
E 5 HOH 110 310 139 HOH HOH A . 
E 5 HOH 111 311 140 HOH HOH A . 
E 5 HOH 112 312 141 HOH HOH A . 
E 5 HOH 113 313 142 HOH HOH A . 
E 5 HOH 114 314 143 HOH HOH A . 
E 5 HOH 115 315 144 HOH HOH A . 
E 5 HOH 116 316 145 HOH HOH A . 
# 
loop_
_software.name 
_software.classification 
_software.version 
_software.citation_id 
_software.pdbx_ordinal 
GDA     'data collection' .        ? 1 
SHELXCD phasing           .        ? 2 
SHELXE  'model building'  .        ? 3 
REFMAC  refinement        5.7.0032 ? 4 
XDS     'data reduction'  .        ? 5 
Aimless 'data scaling'    .        ? 6 
# 
_cell.entry_id           4MJ9 
_cell.length_a           42.270 
_cell.length_b           42.270 
_cell.length_c           39.670 
_cell.angle_alpha        90.00 
_cell.angle_beta         90.00 
_cell.angle_gamma        90.00 
_cell.Z_PDB              8 
_cell.pdbx_unique_axis   ? 
_cell.length_a_esd       ? 
_cell.length_b_esd       ? 
_cell.length_c_esd       ? 
_cell.angle_alpha_esd    ? 
_cell.angle_beta_esd     ? 
_cell.angle_gamma_esd    ? 
# 
_symmetry.entry_id                         4MJ9 
_symmetry.space_group_name_H-M             'P 43 21 2' 
_symmetry.pdbx_full_space_group_name_H-M   ? 
_symmetry.cell_setting                     ? 
_symmetry.Int_Tables_number                96 
_symmetry.space_group_name_Hall            ? 
# 
_exptl.entry_id          4MJ9 
_exptl.method            'X-RAY DIFFRACTION' 
_exptl.crystals_number   1 
# 
_exptl_crystal.id                    1 
_exptl_crystal.density_meas          ? 
_exptl_crystal.density_Matthews      2.91 
_exptl_crystal.density_percent_sol   57.71 
_exptl_crystal.description           ? 
_exptl_crystal.F_000                 ? 
_exptl_crystal.preparation           ? 
# 
_exptl_crystal_grow.crystal_id      1 
_exptl_crystal_grow.method          'VAPOR DIFFUSION, SITTING DROP' 
_exptl_crystal_grow.temp            291 
_exptl_crystal_grow.temp_details    ? 
_exptl_crystal_grow.pH              6.3 
_exptl_crystal_grow.pdbx_details    
;1ul 1mM d(TCGGCGCCGA)2, 1ul 4mM rac-Ru(TAP)2(dppz-10-Me)]2+, 6ul 40mM Na cacodylate pH 6.3, 12mM spermine-tetra HCl, 20mM BaCl2, 80mM KCl, 10% 2-methyl-2,4-pentanediol equilibriated against 1ml 35% 2-methyl-2,4-pentanediol , VAPOR DIFFUSION, SITTING DROP, temperature 291K
;
_exptl_crystal_grow.pdbx_pH_range   ? 
# 
_diffrn.id                     1 
_diffrn.ambient_temp           100 
_diffrn.ambient_temp_details   ? 
_diffrn.crystal_id             1 
# 
_diffrn_detector.diffrn_id              1 
_diffrn_detector.detector               PIXEL 
_diffrn_detector.type                   'DECTRIS PILATUS 6M' 
_diffrn_detector.pdbx_collection_date   2013-05-12 
_diffrn_detector.details                ? 
# 
_diffrn_radiation.diffrn_id                        1 
_diffrn_radiation.wavelength_id                    1 
_diffrn_radiation.pdbx_monochromatic_or_laue_m_l   M 
_diffrn_radiation.monochromator                    'dual Si(111)' 
_diffrn_radiation.pdbx_diffrn_protocol             'SINGLE WAVELENGTH' 
_diffrn_radiation.pdbx_scattering_type             x-ray 
# 
_diffrn_radiation_wavelength.id           1 
_diffrn_radiation_wavelength.wavelength   0.8856 
_diffrn_radiation_wavelength.wt           1.0 
# 
_diffrn_source.diffrn_id                   1 
_diffrn_source.source                      SYNCHROTRON 
_diffrn_source.type                        'DIAMOND BEAMLINE I02' 
_diffrn_source.pdbx_synchrotron_site       Diamond 
_diffrn_source.pdbx_synchrotron_beamline   I02 
_diffrn_source.pdbx_wavelength             ? 
_diffrn_source.pdbx_wavelength_list        0.8856 
# 
_reflns.entry_id                     4MJ9 
_reflns.observed_criterion_sigma_I   2.6 
_reflns.observed_criterion_sigma_F   ? 
_reflns.d_resolution_low             21.14 
_reflns.d_resolution_high            0.97 
_reflns.number_obs                   20804 
_reflns.number_all                   20804 
_reflns.percent_possible_obs         95.9 
_reflns.pdbx_Rmerge_I_obs            ? 
_reflns.pdbx_Rsym_value              ? 
_reflns.pdbx_netI_over_sigmaI        ? 
_reflns.B_iso_Wilson_estimate        ? 
_reflns.pdbx_redundancy              ? 
_reflns.R_free_details               ? 
_reflns.limit_h_max                  ? 
_reflns.limit_h_min                  ? 
_reflns.limit_k_max                  ? 
_reflns.limit_k_min                  ? 
_reflns.limit_l_max                  ? 
_reflns.limit_l_min                  ? 
_reflns.observed_criterion_F_max     ? 
_reflns.observed_criterion_F_min     ? 
_reflns.pdbx_chi_squared             ? 
_reflns.pdbx_scaling_rejects         ? 
_reflns.pdbx_ordinal                 1 
_reflns.pdbx_diffrn_id               1 
# 
_reflns_shell.d_res_high             0.97 
_reflns_shell.d_res_low              1.00 
_reflns_shell.percent_possible_all   98.7 
_reflns_shell.Rmerge_I_obs           ? 
_reflns_shell.pdbx_Rsym_value        ? 
_reflns_shell.meanI_over_sigI_obs    ? 
_reflns_shell.pdbx_redundancy        ? 
_reflns_shell.percent_possible_obs   ? 
_reflns_shell.number_unique_all      ? 
_reflns_shell.number_measured_all    ? 
_reflns_shell.number_measured_obs    ? 
_reflns_shell.number_unique_obs      ? 
_reflns_shell.pdbx_chi_squared       ? 
_reflns_shell.pdbx_ordinal           1 
_reflns_shell.pdbx_diffrn_id         1 
# 
_refine.entry_id                                 4MJ9 
_refine.ls_number_reflns_obs                     19713 
_refine.ls_number_reflns_all                     ? 
_refine.pdbx_ls_sigma_I                          ? 
_refine.pdbx_ls_sigma_F                          . 
_refine.pdbx_data_cutoff_high_absF               ? 
_refine.pdbx_data_cutoff_low_absF                ? 
_refine.pdbx_data_cutoff_high_rms_absF           ? 
_refine.ls_d_res_low                             21.14 
_refine.ls_d_res_high                            0.97 
_refine.ls_percent_reflns_obs                    94.98 
_refine.ls_R_factor_obs                          0.08650 
_refine.ls_R_factor_all                          ? 
_refine.ls_R_factor_R_work                       0.08601 
_refine.ls_R_factor_R_free                       0.09564 
_refine.ls_R_factor_R_free_error                 ? 
_refine.ls_R_factor_R_free_error_details         ? 
_refine.ls_percent_reflns_R_free                 5.1 
_refine.ls_number_reflns_R_free                  1069 
_refine.ls_number_parameters                     ? 
_refine.ls_number_restraints                     ? 
_refine.occupancy_min                            ? 
_refine.occupancy_max                            ? 
_refine.correlation_coeff_Fo_to_Fc               0.991 
_refine.correlation_coeff_Fo_to_Fc_free          0.989 
_refine.B_iso_mean                               17.357 
_refine.aniso_B[1][1]                            -0.14 
_refine.aniso_B[2][2]                            -0.14 
_refine.aniso_B[3][3]                            0.28 
_refine.aniso_B[1][2]                            -0.00 
_refine.aniso_B[1][3]                            -0.00 
_refine.aniso_B[2][3]                            -0.00 
_refine.solvent_model_details                    MASK 
_refine.solvent_model_param_ksol                 ? 
_refine.solvent_model_param_bsol                 ? 
_refine.pdbx_solvent_vdw_probe_radii             1.20 
_refine.pdbx_solvent_ion_probe_radii             0.80 
_refine.pdbx_solvent_shrinkage_radii             0.80 
_refine.pdbx_ls_cross_valid_method               THROUGHOUT 
_refine.details                                  'HYDROGENS HAVE BEEN ADDED IN THE RIDING POSITIONS' 
_refine.pdbx_starting_model                      ? 
_refine.pdbx_method_to_determine_struct          SAD 
_refine.pdbx_isotropic_thermal_model             ? 
_refine.pdbx_stereochemistry_target_values       'MAXIMUM LIKELIHOOD' 
_refine.pdbx_stereochem_target_val_spec_case     ? 
_refine.pdbx_R_Free_selection_details            RANDOM 
_refine.pdbx_overall_ESU_R                       0.013 
_refine.pdbx_overall_ESU_R_Free                  0.013 
_refine.overall_SU_ML                            0.008 
_refine.pdbx_overall_phase_error                 ? 
_refine.overall_SU_B                             0.328 
_refine.overall_SU_R_Cruickshank_DPI             ? 
_refine.ls_redundancy_reflns_obs                 ? 
_refine.B_iso_min                                ? 
_refine.B_iso_max                                ? 
_refine.overall_SU_R_free                        ? 
_refine.ls_wR_factor_R_free                      ? 
_refine.ls_wR_factor_R_work                      ? 
_refine.overall_FOM_free_R_set                   ? 
_refine.overall_FOM_work_R_set                   ? 
_refine.pdbx_diffrn_id                           1 
_refine.pdbx_refine_id                           'X-RAY DIFFRACTION' 
_refine.pdbx_TLS_residual_ADP_flag               ? 
_refine.pdbx_overall_SU_R_free_Cruickshank_DPI   ? 
_refine.pdbx_overall_SU_R_Blow_DPI               ? 
_refine.pdbx_overall_SU_R_free_Blow_DPI          ? 
# 
_refine_hist.pdbx_refine_id                   'X-RAY DIFFRACTION' 
_refine_hist.cycle_id                         LAST 
_refine_hist.pdbx_number_atoms_protein        0 
_refine_hist.pdbx_number_atoms_nucleic_acid   202 
_refine_hist.pdbx_number_atoms_ligand         54 
_refine_hist.number_atoms_solvent             116 
_refine_hist.number_atoms_total               372 
_refine_hist.d_res_high                       0.97 
_refine_hist.d_res_low                        21.14 
# 
loop_
_refine_ls_restr.type 
_refine_ls_restr.dev_ideal 
_refine_ls_restr.dev_ideal_target 
_refine_ls_restr.weight 
_refine_ls_restr.number 
_refine_ls_restr.pdbx_restraint_function 
_refine_ls_restr.pdbx_refine_id 
r_bond_refined_d             0.032  0.013  ? 291 ? 'X-RAY DIFFRACTION' 
r_bond_other_d               0.002  0.020  ? 137 ? 'X-RAY DIFFRACTION' 
r_angle_refined_deg          2.549  1.604  ? 458 ? 'X-RAY DIFFRACTION' 
r_angle_other_deg            1.428  3.000  ? 313 ? 'X-RAY DIFFRACTION' 
r_dihedral_angle_1_deg       ?      ?      ? ?   ? 'X-RAY DIFFRACTION' 
r_dihedral_angle_2_deg       ?      ?      ? ?   ? 'X-RAY DIFFRACTION' 
r_dihedral_angle_3_deg       ?      ?      ? ?   ? 'X-RAY DIFFRACTION' 
r_dihedral_angle_4_deg       ?      ?      ? ?   ? 'X-RAY DIFFRACTION' 
r_chiral_restr               0.060  0.200  ? 30  ? 'X-RAY DIFFRACTION' 
r_gen_planes_refined         0.031  0.020  ? 177 ? 'X-RAY DIFFRACTION' 
r_gen_planes_other           0.006  0.020  ? 77  ? 'X-RAY DIFFRACTION' 
r_nbd_refined                ?      ?      ? ?   ? 'X-RAY DIFFRACTION' 
r_nbd_other                  ?      ?      ? ?   ? 'X-RAY DIFFRACTION' 
r_nbtor_refined              ?      ?      ? ?   ? 'X-RAY DIFFRACTION' 
r_nbtor_other                ?      ?      ? ?   ? 'X-RAY DIFFRACTION' 
r_xyhbond_nbd_refined        ?      ?      ? ?   ? 'X-RAY DIFFRACTION' 
r_xyhbond_nbd_other          ?      ?      ? ?   ? 'X-RAY DIFFRACTION' 
r_metal_ion_refined          ?      ?      ? ?   ? 'X-RAY DIFFRACTION' 
r_metal_ion_other            ?      ?      ? ?   ? 'X-RAY DIFFRACTION' 
r_symmetry_vdw_refined       ?      ?      ? ?   ? 'X-RAY DIFFRACTION' 
r_symmetry_vdw_other         ?      ?      ? ?   ? 'X-RAY DIFFRACTION' 
r_symmetry_hbond_refined     ?      ?      ? ?   ? 'X-RAY DIFFRACTION' 
r_symmetry_hbond_other       ?      ?      ? ?   ? 'X-RAY DIFFRACTION' 
r_symmetry_metal_ion_refined ?      ?      ? ?   ? 'X-RAY DIFFRACTION' 
r_symmetry_metal_ion_other   ?      ?      ? ?   ? 'X-RAY DIFFRACTION' 
r_mcbond_it                  ?      ?      ? ?   ? 'X-RAY DIFFRACTION' 
r_mcbond_other               ?      ?      ? ?   ? 'X-RAY DIFFRACTION' 
r_mcangle_it                 ?      ?      ? ?   ? 'X-RAY DIFFRACTION' 
r_mcangle_other              ?      ?      ? ?   ? 'X-RAY DIFFRACTION' 
r_scbond_it                  1.273  1.306  ? 291 ? 'X-RAY DIFFRACTION' 
r_scbond_other               1.271  1.308  ? 292 ? 'X-RAY DIFFRACTION' 
r_scangle_it                 ?      ?      ? ?   ? 'X-RAY DIFFRACTION' 
r_scangle_other              1.722  1.958  ? 459 ? 'X-RAY DIFFRACTION' 
r_long_range_B_refined       4.446  15.964 ? 756 ? 'X-RAY DIFFRACTION' 
r_long_range_B_other         2.933  14.934 ? 681 ? 'X-RAY DIFFRACTION' 
r_rigid_bond_restr           2.265  3.000  ? 427 ? 'X-RAY DIFFRACTION' 
r_sphericity_free            45.644 5.000  ? 26  ? 'X-RAY DIFFRACTION' 
r_sphericity_bonded          13.429 5.000  ? 483 ? 'X-RAY DIFFRACTION' 
# 
_refine_ls_shell.pdbx_total_number_of_bins_used   20 
_refine_ls_shell.d_res_high                       0.970 
_refine_ls_shell.d_res_low                        0.995 
_refine_ls_shell.number_reflns_R_work             1475 
_refine_ls_shell.R_factor_R_work                  0.191 
_refine_ls_shell.percent_reflns_obs               98.24 
_refine_ls_shell.R_factor_R_free                  0.162 
_refine_ls_shell.R_factor_R_free_error            ? 
_refine_ls_shell.percent_reflns_R_free            ? 
_refine_ls_shell.number_reflns_R_free             89 
_refine_ls_shell.number_reflns_all                ? 
_refine_ls_shell.R_factor_all                     ? 
_refine_ls_shell.number_reflns_obs                ? 
_refine_ls_shell.redundancy_reflns_obs            ? 
_refine_ls_shell.pdbx_refine_id                   'X-RAY DIFFRACTION' 
# 
_struct.entry_id                  4MJ9 
_struct.title                     'lambda-[Ru(TAP)2(dppz-10-Me)]2+ bound to a synthetic DNA oligomer' 
_struct.pdbx_model_details        ? 
_struct.pdbx_CASP_flag            ? 
_struct.pdbx_model_type_details   ? 
# 
_struct_keywords.entry_id        4MJ9 
_struct_keywords.pdbx_keywords   DNA 
_struct_keywords.text            'methyl-substituted, Intercalation, Ruthenium, asymmetric substitution, DNA' 
# 
loop_
_struct_asym.id 
_struct_asym.pdbx_blank_PDB_chainid_flag 
_struct_asym.pdbx_modified 
_struct_asym.entity_id 
_struct_asym.details 
A N N 1 ? 
B N N 2 ? 
C N N 3 ? 
D N N 4 ? 
E N N 5 ? 
# 
_struct_ref.id                         1 
_struct_ref.db_name                    PDB 
_struct_ref.db_code                    4MJ9 
_struct_ref.pdbx_db_accession          4MJ9 
_struct_ref.entity_id                  1 
_struct_ref.pdbx_align_begin           ? 
_struct_ref.pdbx_seq_one_letter_code   TCGGCGCCGA 
_struct_ref.pdbx_db_isoform            ? 
# 
_struct_ref_seq.align_id                      1 
_struct_ref_seq.ref_id                        1 
_struct_ref_seq.pdbx_PDB_id_code              4MJ9 
_struct_ref_seq.pdbx_strand_id                A 
_struct_ref_seq.seq_align_beg                 1 
_struct_ref_seq.pdbx_seq_align_beg_ins_code   ? 
_struct_ref_seq.seq_align_end                 10 
_struct_ref_seq.pdbx_seq_align_end_ins_code   ? 
_struct_ref_seq.pdbx_db_accession             4MJ9 
_struct_ref_seq.db_align_beg                  1 
_struct_ref_seq.pdbx_db_align_beg_ins_code    ? 
_struct_ref_seq.db_align_end                  10 
_struct_ref_seq.pdbx_db_align_end_ins_code    ? 
_struct_ref_seq.pdbx_auth_seq_align_beg       1 
_struct_ref_seq.pdbx_auth_seq_align_end       10 
# 
_pdbx_struct_assembly.id                   1 
_pdbx_struct_assembly.details              author_and_software_defined_assembly 
_pdbx_struct_assembly.method_details       PISA 
_pdbx_struct_assembly.oligomeric_details   dimeric 
_pdbx_struct_assembly.oligomeric_count     2 
# 
loop_
_pdbx_struct_assembly_prop.biol_id 
_pdbx_struct_assembly_prop.type 
_pdbx_struct_assembly_prop.value 
_pdbx_struct_assembly_prop.details 
1 'ABSA (A^2)' 760  ? 
1 MORE         -4   ? 
1 'SSA (A^2)'  4260 ? 
# 
_pdbx_struct_assembly_gen.assembly_id       1 
_pdbx_struct_assembly_gen.oper_expression   1,2 
_pdbx_struct_assembly_gen.asym_id_list      A,B,C,D,E 
# 
loop_
_pdbx_struct_oper_list.id 
_pdbx_struct_oper_list.type 
_pdbx_struct_oper_list.name 
_pdbx_struct_oper_list.symmetry_operation 
_pdbx_struct_oper_list.matrix[1][1] 
_pdbx_struct_oper_list.matrix[1][2] 
_pdbx_struct_oper_list.matrix[1][3] 
_pdbx_struct_oper_list.vector[1] 
_pdbx_struct_oper_list.matrix[2][1] 
_pdbx_struct_oper_list.matrix[2][2] 
_pdbx_struct_oper_list.matrix[2][3] 
_pdbx_struct_oper_list.vector[2] 
_pdbx_struct_oper_list.matrix[3][1] 
_pdbx_struct_oper_list.matrix[3][2] 
_pdbx_struct_oper_list.matrix[3][3] 
_pdbx_struct_oper_list.vector[3] 
1 'identity operation'         1_555 x,y,z    1.0000000000 0.0000000000  0.0000000000 0.0000000000 0.0000000000  1.0000000000  0.0000000000  0.0000000000 0.0000000000 0.0000000000  1.0000000000  0.0000000000  
2 'crystal symmetry operation' 7_556 y,x,-z+1 0.3594947547 -0.7524059279 0.5519500350 1.9133896210 -0.7524059279 -0.5835845057 -0.3054741306 3.3949264578 0.5519500350 -0.3054741306 -0.7759102490 -0.0849358799 
# 
_struct_biol.id        1 
_struct_biol.details   ? 
# 
loop_
_struct_conn.id 
_struct_conn.conn_type_id 
_struct_conn.pdbx_leaving_atom_flag 
_struct_conn.pdbx_PDB_id 
_struct_conn.ptnr1_label_asym_id 
_struct_conn.ptnr1_label_comp_id 
_struct_conn.ptnr1_label_seq_id 
_struct_conn.ptnr1_label_atom_id 
_struct_conn.pdbx_ptnr1_label_alt_id 
_struct_conn.pdbx_ptnr1_PDB_ins_code 
_struct_conn.pdbx_ptnr1_standard_comp_id 
_struct_conn.ptnr1_symmetry 
_struct_conn.ptnr2_label_asym_id 
_struct_conn.ptnr2_label_comp_id 
_struct_conn.ptnr2_label_seq_id 
_struct_conn.ptnr2_label_atom_id 
_struct_conn.pdbx_ptnr2_label_alt_id 
_struct_conn.pdbx_ptnr2_PDB_ins_code 
_struct_conn.ptnr1_auth_asym_id 
_struct_conn.ptnr1_auth_comp_id 
_struct_conn.ptnr1_auth_seq_id 
_struct_conn.ptnr2_auth_asym_id 
_struct_conn.ptnr2_auth_comp_id 
_struct_conn.ptnr2_auth_seq_id 
_struct_conn.ptnr2_symmetry 
_struct_conn.pdbx_ptnr3_label_atom_id 
_struct_conn.pdbx_ptnr3_label_seq_id 
_struct_conn.pdbx_ptnr3_label_comp_id 
_struct_conn.pdbx_ptnr3_label_asym_id 
_struct_conn.pdbx_ptnr3_label_alt_id 
_struct_conn.pdbx_ptnr3_PDB_ins_code 
_struct_conn.details 
_struct_conn.pdbx_dist_value 
_struct_conn.pdbx_value_order 
_struct_conn.pdbx_role 
metalc1  metalc ? ? A DG 4 O6 ? ? ? 1_555 C BA  . BA ? ? A DG 4   A BA  102 1_555 ? ? ? ? ? ? ?            2.854 ? ? 
metalc2  metalc ? ? C BA . BA ? ? ? 1_555 E HOH . O  ? ? A BA 102 A HOH 201 1_555 ? ? ? ? ? ? ?            2.804 ? ? 
metalc3  metalc ? ? C BA . BA ? ? ? 1_555 E HOH . O  ? ? A BA 102 A HOH 202 1_555 ? ? ? ? ? ? ?            2.815 ? ? 
metalc4  metalc ? ? C BA . BA ? ? ? 1_555 E HOH . O  ? ? A BA 102 A HOH 203 1_555 ? ? ? ? ? ? ?            2.764 ? ? 
metalc5  metalc ? ? C BA . BA ? ? ? 1_555 E HOH . O  ? ? A BA 102 A HOH 206 1_555 ? ? ? ? ? ? ?            2.797 ? ? 
metalc6  metalc ? ? C BA . BA ? ? ? 1_555 E HOH . O  ? ? A BA 102 A HOH 209 1_555 ? ? ? ? ? ? ?            2.807 ? ? 
metalc7  metalc ? ? C BA . BA ? ? ? 1_555 E HOH . O  ? ? A BA 102 A HOH 219 1_555 ? ? ? ? ? ? ?            2.821 ? ? 
hydrog1  hydrog ? ? A DC 2 N3 ? ? ? 1_555 A DG  9 N1 ? ? A DC 2   A DG  9   7_556 ? ? ? ? ? ? WATSON-CRICK ?     ? ? 
hydrog2  hydrog ? ? A DC 2 N4 ? ? ? 1_555 A DG  9 O6 ? ? A DC 2   A DG  9   7_556 ? ? ? ? ? ? WATSON-CRICK ?     ? ? 
hydrog3  hydrog ? ? A DC 2 O2 ? ? ? 1_555 A DG  9 N2 ? ? A DC 2   A DG  9   7_556 ? ? ? ? ? ? WATSON-CRICK ?     ? ? 
hydrog4  hydrog ? ? A DG 3 N1 ? ? ? 1_555 A DC  8 N3 ? ? A DG 3   A DC  8   7_556 ? ? ? ? ? ? WATSON-CRICK ?     ? ? 
hydrog5  hydrog ? ? A DG 3 N2 ? ? ? 1_555 A DC  8 O2 ? ? A DG 3   A DC  8   7_556 ? ? ? ? ? ? WATSON-CRICK ?     ? ? 
hydrog6  hydrog ? ? A DG 3 O6 ? ? ? 1_555 A DC  8 N4 ? ? A DG 3   A DC  8   7_556 ? ? ? ? ? ? WATSON-CRICK ?     ? ? 
hydrog7  hydrog ? ? A DG 4 N1 ? ? ? 1_555 A DC  7 N3 ? ? A DG 4   A DC  7   7_556 ? ? ? ? ? ? WATSON-CRICK ?     ? ? 
hydrog8  hydrog ? ? A DG 4 N2 ? ? ? 1_555 A DC  7 O2 ? ? A DG 4   A DC  7   7_556 ? ? ? ? ? ? WATSON-CRICK ?     ? ? 
hydrog9  hydrog ? ? A DG 4 O6 ? ? ? 1_555 A DC  7 N4 ? ? A DG 4   A DC  7   7_556 ? ? ? ? ? ? WATSON-CRICK ?     ? ? 
hydrog10 hydrog ? ? A DC 5 N3 ? ? ? 1_555 A DG  6 N1 ? ? A DC 5   A DG  6   7_556 ? ? ? ? ? ? WATSON-CRICK ?     ? ? 
hydrog11 hydrog ? ? A DC 5 N4 ? ? ? 1_555 A DG  6 O6 ? ? A DC 5   A DG  6   7_556 ? ? ? ? ? ? WATSON-CRICK ?     ? ? 
hydrog12 hydrog ? ? A DC 5 O2 ? ? ? 1_555 A DG  6 N2 ? ? A DC 5   A DG  6   7_556 ? ? ? ? ? ? WATSON-CRICK ?     ? ? 
hydrog13 hydrog ? ? A DG 6 N1 ? ? ? 1_555 A DC  5 N3 ? ? A DG 6   A DC  5   7_556 ? ? ? ? ? ? WATSON-CRICK ?     ? ? 
hydrog14 hydrog ? ? A DG 6 N2 ? ? ? 1_555 A DC  5 O2 ? ? A DG 6   A DC  5   7_556 ? ? ? ? ? ? WATSON-CRICK ?     ? ? 
hydrog15 hydrog ? ? A DG 6 O6 ? ? ? 1_555 A DC  5 N4 ? ? A DG 6   A DC  5   7_556 ? ? ? ? ? ? WATSON-CRICK ?     ? ? 
hydrog16 hydrog ? ? A DC 7 N3 ? ? ? 1_555 A DG  4 N1 ? ? A DC 7   A DG  4   7_556 ? ? ? ? ? ? WATSON-CRICK ?     ? ? 
hydrog17 hydrog ? ? A DC 7 N4 ? ? ? 1_555 A DG  4 O6 ? ? A DC 7   A DG  4   7_556 ? ? ? ? ? ? WATSON-CRICK ?     ? ? 
hydrog18 hydrog ? ? A DC 7 O2 ? ? ? 1_555 A DG  4 N2 ? ? A DC 7   A DG  4   7_556 ? ? ? ? ? ? WATSON-CRICK ?     ? ? 
hydrog19 hydrog ? ? A DC 8 N3 ? ? ? 1_555 A DG  3 N1 ? ? A DC 8   A DG  3   7_556 ? ? ? ? ? ? WATSON-CRICK ?     ? ? 
hydrog20 hydrog ? ? A DC 8 N4 ? ? ? 1_555 A DG  3 O6 ? ? A DC 8   A DG  3   7_556 ? ? ? ? ? ? WATSON-CRICK ?     ? ? 
hydrog21 hydrog ? ? A DC 8 O2 ? ? ? 1_555 A DG  3 N2 ? ? A DC 8   A DG  3   7_556 ? ? ? ? ? ? WATSON-CRICK ?     ? ? 
hydrog22 hydrog ? ? A DG 9 N1 ? ? ? 1_555 A DC  2 N3 ? ? A DG 9   A DC  2   7_556 ? ? ? ? ? ? WATSON-CRICK ?     ? ? 
hydrog23 hydrog ? ? A DG 9 N2 ? ? ? 1_555 A DC  2 O2 ? ? A DG 9   A DC  2   7_556 ? ? ? ? ? ? WATSON-CRICK ?     ? ? 
hydrog24 hydrog ? ? A DG 9 O6 ? ? ? 1_555 A DC  2 N4 ? ? A DG 9   A DC  2   7_556 ? ? ? ? ? ? WATSON-CRICK ?     ? ? 
# 
loop_
_struct_conn_type.id 
_struct_conn_type.criteria 
_struct_conn_type.reference 
metalc ? ? 
hydrog ? ? 
# 
loop_
_pdbx_struct_conn_angle.id 
_pdbx_struct_conn_angle.ptnr1_label_atom_id 
_pdbx_struct_conn_angle.ptnr1_label_alt_id 
_pdbx_struct_conn_angle.ptnr1_label_asym_id 
_pdbx_struct_conn_angle.ptnr1_label_comp_id 
_pdbx_struct_conn_angle.ptnr1_label_seq_id 
_pdbx_struct_conn_angle.ptnr1_auth_atom_id 
_pdbx_struct_conn_angle.ptnr1_auth_asym_id 
_pdbx_struct_conn_angle.ptnr1_auth_comp_id 
_pdbx_struct_conn_angle.ptnr1_auth_seq_id 
_pdbx_struct_conn_angle.ptnr1_PDB_ins_code 
_pdbx_struct_conn_angle.ptnr1_symmetry 
_pdbx_struct_conn_angle.ptnr2_label_atom_id 
_pdbx_struct_conn_angle.ptnr2_label_alt_id 
_pdbx_struct_conn_angle.ptnr2_label_asym_id 
_pdbx_struct_conn_angle.ptnr2_label_comp_id 
_pdbx_struct_conn_angle.ptnr2_label_seq_id 
_pdbx_struct_conn_angle.ptnr2_auth_atom_id 
_pdbx_struct_conn_angle.ptnr2_auth_asym_id 
_pdbx_struct_conn_angle.ptnr2_auth_comp_id 
_pdbx_struct_conn_angle.ptnr2_auth_seq_id 
_pdbx_struct_conn_angle.ptnr2_PDB_ins_code 
_pdbx_struct_conn_angle.ptnr2_symmetry 
_pdbx_struct_conn_angle.ptnr3_label_atom_id 
_pdbx_struct_conn_angle.ptnr3_label_alt_id 
_pdbx_struct_conn_angle.ptnr3_label_asym_id 
_pdbx_struct_conn_angle.ptnr3_label_comp_id 
_pdbx_struct_conn_angle.ptnr3_label_seq_id 
_pdbx_struct_conn_angle.ptnr3_auth_atom_id 
_pdbx_struct_conn_angle.ptnr3_auth_asym_id 
_pdbx_struct_conn_angle.ptnr3_auth_comp_id 
_pdbx_struct_conn_angle.ptnr3_auth_seq_id 
_pdbx_struct_conn_angle.ptnr3_PDB_ins_code 
_pdbx_struct_conn_angle.ptnr3_symmetry 
_pdbx_struct_conn_angle.value 
_pdbx_struct_conn_angle.value_esd 
1  O6 ? A DG  4 ? A DG  4   ? 1_555 BA ? C BA . ? A BA 102 ? 1_555 O ? E HOH . ? A HOH 201 ? 1_555 138.3 ? 
2  O6 ? A DG  4 ? A DG  4   ? 1_555 BA ? C BA . ? A BA 102 ? 1_555 O ? E HOH . ? A HOH 202 ? 1_555 127.2 ? 
3  O  ? E HOH . ? A HOH 201 ? 1_555 BA ? C BA . ? A BA 102 ? 1_555 O ? E HOH . ? A HOH 202 ? 1_555 67.5  ? 
4  O6 ? A DG  4 ? A DG  4   ? 1_555 BA ? C BA . ? A BA 102 ? 1_555 O ? E HOH . ? A HOH 203 ? 1_555 71.6  ? 
5  O  ? E HOH . ? A HOH 201 ? 1_555 BA ? C BA . ? A BA 102 ? 1_555 O ? E HOH . ? A HOH 203 ? 1_555 76.3  ? 
6  O  ? E HOH . ? A HOH 202 ? 1_555 BA ? C BA . ? A BA 102 ? 1_555 O ? E HOH . ? A HOH 203 ? 1_555 139.5 ? 
7  O6 ? A DG  4 ? A DG  4   ? 1_555 BA ? C BA . ? A BA 102 ? 1_555 O ? E HOH . ? A HOH 206 ? 1_555 124.0 ? 
8  O  ? E HOH . ? A HOH 201 ? 1_555 BA ? C BA . ? A BA 102 ? 1_555 O ? E HOH . ? A HOH 206 ? 1_555 71.2  ? 
9  O  ? E HOH . ? A HOH 202 ? 1_555 BA ? C BA . ? A BA 102 ? 1_555 O ? E HOH . ? A HOH 206 ? 1_555 107.0 ? 
10 O  ? E HOH . ? A HOH 203 ? 1_555 BA ? C BA . ? A BA 102 ? 1_555 O ? E HOH . ? A HOH 206 ? 1_555 76.6  ? 
11 O6 ? A DG  4 ? A DG  4   ? 1_555 BA ? C BA . ? A BA 102 ? 1_555 O ? E HOH . ? A HOH 209 ? 1_555 109.2 ? 
12 O  ? E HOH . ? A HOH 201 ? 1_555 BA ? C BA . ? A BA 102 ? 1_555 O ? E HOH . ? A HOH 209 ? 1_555 112.0 ? 
13 O  ? E HOH . ? A HOH 202 ? 1_555 BA ? C BA . ? A BA 102 ? 1_555 O ? E HOH . ? A HOH 209 ? 1_555 65.9  ? 
14 O  ? E HOH . ? A HOH 203 ? 1_555 BA ? C BA . ? A BA 102 ? 1_555 O ? E HOH . ? A HOH 209 ? 1_555 149.2 ? 
15 O  ? E HOH . ? A HOH 206 ? 1_555 BA ? C BA . ? A BA 102 ? 1_555 O ? E HOH . ? A HOH 209 ? 1_555 78.4  ? 
16 O6 ? A DG  4 ? A DG  4   ? 1_555 BA ? C BA . ? A BA 102 ? 1_555 O ? E HOH . ? A HOH 219 ? 1_555 64.0  ? 
17 O  ? E HOH . ? A HOH 201 ? 1_555 BA ? C BA . ? A BA 102 ? 1_555 O ? E HOH . ? A HOH 219 ? 1_555 137.1 ? 
18 O  ? E HOH . ? A HOH 202 ? 1_555 BA ? C BA . ? A BA 102 ? 1_555 O ? E HOH . ? A HOH 219 ? 1_555 136.4 ? 
19 O  ? E HOH . ? A HOH 203 ? 1_555 BA ? C BA . ? A BA 102 ? 1_555 O ? E HOH . ? A HOH 219 ? 1_555 83.1  ? 
20 O  ? E HOH . ? A HOH 206 ? 1_555 BA ? C BA . ? A BA 102 ? 1_555 O ? E HOH . ? A HOH 219 ? 1_555 67.6  ? 
21 O  ? E HOH . ? A HOH 209 ? 1_555 BA ? C BA . ? A BA 102 ? 1_555 O ? E HOH . ? A HOH 219 ? 1_555 70.8  ? 
# 
loop_
_struct_site.id 
_struct_site.pdbx_evidence_code 
_struct_site.pdbx_auth_asym_id 
_struct_site.pdbx_auth_comp_id 
_struct_site.pdbx_auth_seq_id 
_struct_site.pdbx_auth_ins_code 
_struct_site.pdbx_num_residues 
_struct_site.details 
AC1 Software A 2J0 101 ? 11 'BINDING SITE FOR RESIDUE 2J0 A 101' 
AC2 Software A BA  102 ? 8  'BINDING SITE FOR RESIDUE BA A 102'  
AC3 Software A CL  103 ? 3  'BINDING SITE FOR RESIDUE CL A 103'  
# 
loop_
_struct_site_gen.id 
_struct_site_gen.site_id 
_struct_site_gen.pdbx_num_res 
_struct_site_gen.label_comp_id 
_struct_site_gen.label_asym_id 
_struct_site_gen.label_seq_id 
_struct_site_gen.pdbx_auth_ins_code 
_struct_site_gen.auth_comp_id 
_struct_site_gen.auth_asym_id 
_struct_site_gen.auth_seq_id 
_struct_site_gen.label_atom_id 
_struct_site_gen.label_alt_id 
_struct_site_gen.symmetry 
_struct_site_gen.details 
1  AC1 11 DT  A 1  ? DT  A 1   . ? 4_455 ? 
2  AC1 11 DC  A 2  ? DC  A 2   . ? 4_455 ? 
3  AC1 11 DG  A 3  ? DG  A 3   . ? 4_455 ? 
4  AC1 11 DG  A 3  ? DG  A 3   . ? 1_555 ? 
5  AC1 11 DG  A 4  ? DG  A 4   . ? 1_555 ? 
6  AC1 11 DC  A 5  ? DC  A 5   . ? 1_555 ? 
7  AC1 11 DC  A 7  ? DC  A 7   . ? 7_556 ? 
8  AC1 11 DC  A 8  ? DC  A 8   . ? 7_556 ? 
9  AC1 11 DG  A 9  ? DG  A 9   . ? 6_456 ? 
10 AC1 11 DA  A 10 ? DA  A 10  . ? 7_556 ? 
11 AC1 11 HOH E .  ? HOH A 296 . ? 4_455 ? 
12 AC2 8  DG  A 3  ? DG  A 3   . ? 1_555 ? 
13 AC2 8  DG  A 4  ? DG  A 4   . ? 1_555 ? 
14 AC2 8  HOH E .  ? HOH A 201 . ? 1_555 ? 
15 AC2 8  HOH E .  ? HOH A 202 . ? 1_555 ? 
16 AC2 8  HOH E .  ? HOH A 203 . ? 1_555 ? 
17 AC2 8  HOH E .  ? HOH A 206 . ? 1_555 ? 
18 AC2 8  HOH E .  ? HOH A 209 . ? 1_555 ? 
19 AC2 8  HOH E .  ? HOH A 219 . ? 1_555 ? 
20 AC3 3  DG  A 4  ? DG  A 4   . ? 1_555 ? 
21 AC3 3  DC  A 5  ? DC  A 5   . ? 1_555 ? 
22 AC3 3  HOH E .  ? HOH A 277 . ? 1_555 ? 
# 
_pdbx_validate_planes.id              1 
_pdbx_validate_planes.PDB_model_num   1 
_pdbx_validate_planes.auth_comp_id    DC 
_pdbx_validate_planes.auth_asym_id    A 
_pdbx_validate_planes.auth_seq_id     5 
_pdbx_validate_planes.PDB_ins_code    ? 
_pdbx_validate_planes.label_alt_id    ? 
_pdbx_validate_planes.rmsd            0.081 
_pdbx_validate_planes.type            'SIDE CHAIN' 
# 
_pdbx_struct_special_symmetry.id              1 
_pdbx_struct_special_symmetry.PDB_model_num   1 
_pdbx_struct_special_symmetry.auth_asym_id    A 
_pdbx_struct_special_symmetry.auth_comp_id    HOH 
_pdbx_struct_special_symmetry.auth_seq_id     301 
_pdbx_struct_special_symmetry.PDB_ins_code    ? 
_pdbx_struct_special_symmetry.label_asym_id   E 
_pdbx_struct_special_symmetry.label_comp_id   HOH 
_pdbx_struct_special_symmetry.label_seq_id    . 
# 
loop_
_chem_comp_atom.comp_id 
_chem_comp_atom.atom_id 
_chem_comp_atom.type_symbol 
_chem_comp_atom.pdbx_aromatic_flag 
_chem_comp_atom.pdbx_stereo_config 
_chem_comp_atom.pdbx_ordinal 
2J0 C14    C  Y N 1   
2J0 C13    C  Y N 2   
2J0 N4     N  Y N 3   
2J0 C7     C  Y N 4   
2J0 C8     C  Y N 5   
2J0 C9     C  Y N 6   
2J0 C11    C  Y N 7   
2J0 C12    C  Y N 8   
2J0 C10    C  Y N 9   
2J0 N1     N  Y N 10  
2J0 C18    C  Y N 11  
2J0 C17    C  Y N 12  
2J0 C16    C  Y N 13  
2J0 C15    C  Y N 14  
2J0 N3     N  Y N 15  
2J0 C6     C  Y N 16  
2J0 C5     C  Y N 17  
2J0 C1     C  Y N 18  
2J0 C4     C  Y N 19  
2J0 C3     C  Y N 20  
2J0 C2     C  Y N 21  
2J0 N2     N  Y N 22  
2J0 RU     RU N N 23  
2J0 N12    N  Y N 24  
2J0 C36    C  Y N 25  
2J0 C38    C  Y N 26  
2J0 N5     N  Y N 27  
2J0 C20    C  Y N 28  
2J0 C21    C  Y N 29  
2J0 N6     N  Y N 30  
2J0 C19    C  Y N 31  
2J0 C22    C  Y N 32  
2J0 C23    C  Y N 33  
2J0 C24    C  Y N 34  
2J0 C25    C  Y N 35  
2J0 N7     N  Y N 36  
2J0 C27    C  Y N 37  
2J0 C28    C  Y N 38  
2J0 C26    C  Y N 39  
2J0 N8     N  Y N 40  
2J0 N9     N  Y N 41  
2J0 C29    C  Y N 42  
2J0 C30    C  Y N 43  
2J0 C31    C  Y N 44  
2J0 N10    N  Y N 45  
2J0 C32    C  Y N 46  
2J0 C33    C  Y N 47  
2J0 C34    C  Y N 48  
2J0 C35    C  Y N 49  
2J0 N11    N  Y N 50  
2J0 C37    C  Y N 51  
2J0 C39    C  N N 52  
2J0 H9     H  N N 53  
2J0 H11    H  N N 54  
2J0 H12    H  N N 55  
2J0 H18    H  N N 56  
2J0 H17    H  N N 57  
2J0 H16    H  N N 58  
2J0 H4     H  N N 59  
2J0 H3     H  N N 60  
2J0 H2     H  N N 61  
2J0 H38    H  N N 62  
2J0 H20    H  N N 63  
2J0 H21    H  N N 64  
2J0 H23    H  N N 65  
2J0 H24    H  N N 66  
2J0 H27    H  N N 67  
2J0 H28    H  N N 68  
2J0 H30    H  N N 69  
2J0 H31    H  N N 70  
2J0 H33    H  N N 71  
2J0 H34    H  N N 72  
2J0 H37    H  N N 73  
2J0 H392   H  N N 74  
2J0 H39    H  N N 75  
2J0 H391   H  N N 76  
BA  BA     BA N N 77  
CL  CL     CL N N 78  
DA  OP3    O  N N 79  
DA  P      P  N N 80  
DA  OP1    O  N N 81  
DA  OP2    O  N N 82  
DA  "O5'"  O  N N 83  
DA  "C5'"  C  N N 84  
DA  "C4'"  C  N R 85  
DA  "O4'"  O  N N 86  
DA  "C3'"  C  N S 87  
DA  "O3'"  O  N N 88  
DA  "C2'"  C  N N 89  
DA  "C1'"  C  N R 90  
DA  N9     N  Y N 91  
DA  C8     C  Y N 92  
DA  N7     N  Y N 93  
DA  C5     C  Y N 94  
DA  C6     C  Y N 95  
DA  N6     N  N N 96  
DA  N1     N  Y N 97  
DA  C2     C  Y N 98  
DA  N3     N  Y N 99  
DA  C4     C  Y N 100 
DA  HOP3   H  N N 101 
DA  HOP2   H  N N 102 
DA  "H5'"  H  N N 103 
DA  "H5''" H  N N 104 
DA  "H4'"  H  N N 105 
DA  "H3'"  H  N N 106 
DA  "HO3'" H  N N 107 
DA  "H2'"  H  N N 108 
DA  "H2''" H  N N 109 
DA  "H1'"  H  N N 110 
DA  H8     H  N N 111 
DA  H61    H  N N 112 
DA  H62    H  N N 113 
DA  H2     H  N N 114 
DC  OP3    O  N N 115 
DC  P      P  N N 116 
DC  OP1    O  N N 117 
DC  OP2    O  N N 118 
DC  "O5'"  O  N N 119 
DC  "C5'"  C  N N 120 
DC  "C4'"  C  N R 121 
DC  "O4'"  O  N N 122 
DC  "C3'"  C  N S 123 
DC  "O3'"  O  N N 124 
DC  "C2'"  C  N N 125 
DC  "C1'"  C  N R 126 
DC  N1     N  N N 127 
DC  C2     C  N N 128 
DC  O2     O  N N 129 
DC  N3     N  N N 130 
DC  C4     C  N N 131 
DC  N4     N  N N 132 
DC  C5     C  N N 133 
DC  C6     C  N N 134 
DC  HOP3   H  N N 135 
DC  HOP2   H  N N 136 
DC  "H5'"  H  N N 137 
DC  "H5''" H  N N 138 
DC  "H4'"  H  N N 139 
DC  "H3'"  H  N N 140 
DC  "HO3'" H  N N 141 
DC  "H2'"  H  N N 142 
DC  "H2''" H  N N 143 
DC  "H1'"  H  N N 144 
DC  H41    H  N N 145 
DC  H42    H  N N 146 
DC  H5     H  N N 147 
DC  H6     H  N N 148 
DG  OP3    O  N N 149 
DG  P      P  N N 150 
DG  OP1    O  N N 151 
DG  OP2    O  N N 152 
DG  "O5'"  O  N N 153 
DG  "C5'"  C  N N 154 
DG  "C4'"  C  N R 155 
DG  "O4'"  O  N N 156 
DG  "C3'"  C  N S 157 
DG  "O3'"  O  N N 158 
DG  "C2'"  C  N N 159 
DG  "C1'"  C  N R 160 
DG  N9     N  Y N 161 
DG  C8     C  Y N 162 
DG  N7     N  Y N 163 
DG  C5     C  Y N 164 
DG  C6     C  N N 165 
DG  O6     O  N N 166 
DG  N1     N  N N 167 
DG  C2     C  N N 168 
DG  N2     N  N N 169 
DG  N3     N  N N 170 
DG  C4     C  Y N 171 
DG  HOP3   H  N N 172 
DG  HOP2   H  N N 173 
DG  "H5'"  H  N N 174 
DG  "H5''" H  N N 175 
DG  "H4'"  H  N N 176 
DG  "H3'"  H  N N 177 
DG  "HO3'" H  N N 178 
DG  "H2'"  H  N N 179 
DG  "H2''" H  N N 180 
DG  "H1'"  H  N N 181 
DG  H8     H  N N 182 
DG  H1     H  N N 183 
DG  H21    H  N N 184 
DG  H22    H  N N 185 
DT  OP3    O  N N 186 
DT  P      P  N N 187 
DT  OP1    O  N N 188 
DT  OP2    O  N N 189 
DT  "O5'"  O  N N 190 
DT  "C5'"  C  N N 191 
DT  "C4'"  C  N R 192 
DT  "O4'"  O  N N 193 
DT  "C3'"  C  N S 194 
DT  "O3'"  O  N N 195 
DT  "C2'"  C  N N 196 
DT  "C1'"  C  N R 197 
DT  N1     N  N N 198 
DT  C2     C  N N 199 
DT  O2     O  N N 200 
DT  N3     N  N N 201 
DT  C4     C  N N 202 
DT  O4     O  N N 203 
DT  C5     C  N N 204 
DT  C7     C  N N 205 
DT  C6     C  N N 206 
DT  HOP3   H  N N 207 
DT  HOP2   H  N N 208 
DT  "H5'"  H  N N 209 
DT  "H5''" H  N N 210 
DT  "H4'"  H  N N 211 
DT  "H3'"  H  N N 212 
DT  "HO3'" H  N N 213 
DT  "H2'"  H  N N 214 
DT  "H2''" H  N N 215 
DT  "H1'"  H  N N 216 
DT  H3     H  N N 217 
DT  H71    H  N N 218 
DT  H72    H  N N 219 
DT  H73    H  N N 220 
DT  H6     H  N N 221 
HOH O      O  N N 222 
HOH H1     H  N N 223 
HOH H2     H  N N 224 
# 
loop_
_chem_comp_bond.comp_id 
_chem_comp_bond.atom_id_1 
_chem_comp_bond.atom_id_2 
_chem_comp_bond.value_order 
_chem_comp_bond.pdbx_aromatic_flag 
_chem_comp_bond.pdbx_stereo_config 
_chem_comp_bond.pdbx_ordinal 
2J0 C17   C16    doub Y N 1   
2J0 C17   C18    sing Y N 2   
2J0 C16   C15    sing Y N 3   
2J0 C18   C14    doub Y N 4   
2J0 C15   N3     doub Y N 5   
2J0 C15   C13    sing Y N 6   
2J0 C14   C13    sing Y N 7   
2J0 C14   C39    sing N N 8   
2J0 N3    C6     sing Y N 9   
2J0 N10   C31    doub Y N 10  
2J0 N10   C32    sing Y N 11  
2J0 C13   N4     doub Y N 12  
2J0 C31   C30    sing Y N 13  
2J0 C33   C32    doub Y N 14  
2J0 C33   C34    sing Y N 15  
2J0 C4    C5     doub Y N 16  
2J0 C4    C3     sing Y N 17  
2J0 C6    C5     sing Y N 18  
2J0 C6    C7     doub Y N 19  
2J0 N4    C7     sing Y N 20  
2J0 C32   C29    sing Y N 21  
2J0 C5    C1     sing Y N 22  
2J0 C3    C2     doub Y N 23  
2J0 C7    C8     sing Y N 24  
2J0 C30   N9     doub Y N 25  
2J0 C34   C35    doub Y N 26  
2J0 C29   N9     sing Y N 27  
2J0 C29   C36    doub Y N 28  
2J0 C1    N2     doub Y N 29  
2J0 C1    C10    sing Y N 30  
2J0 C2    N2     sing Y N 31  
2J0 N9    RU     sing N N 32  
2J0 C8    C10    doub Y N 33  
2J0 C8    C9     sing Y N 34  
2J0 N2    RU     sing N N 35  
2J0 C10   N1     sing Y N 36  
2J0 C9    C11    doub Y N 37  
2J0 C35   C36    sing Y N 38  
2J0 C35   N11    sing Y N 39  
2J0 C36   N12    sing Y N 40  
2J0 N11   C37    doub Y N 41  
2J0 C11   C12    sing Y N 42  
2J0 N1    RU     sing N N 43  
2J0 N1    C12    doub Y N 44  
2J0 RU    N12    sing N N 45  
2J0 RU    N8     sing N N 46  
2J0 RU    N5     sing N N 47  
2J0 N12   C38    doub Y N 48  
2J0 C37   C38    sing Y N 49  
2J0 C28   N8     doub Y N 50  
2J0 C28   C27    sing Y N 51  
2J0 N8    C26    sing Y N 52  
2J0 N5    C20    doub Y N 53  
2J0 N5    C19    sing Y N 54  
2J0 C20   C21    sing Y N 55  
2J0 C27   N7     doub Y N 56  
2J0 C26   C19    doub Y N 57  
2J0 C26   C25    sing Y N 58  
2J0 C19   C22    sing Y N 59  
2J0 C21   N6     doub Y N 60  
2J0 N7    C25    sing Y N 61  
2J0 C25   C24    doub Y N 62  
2J0 C22   N6     sing Y N 63  
2J0 C22   C23    doub Y N 64  
2J0 C24   C23    sing Y N 65  
2J0 C9    H9     sing N N 66  
2J0 C11   H11    sing N N 67  
2J0 C12   H12    sing N N 68  
2J0 C18   H18    sing N N 69  
2J0 C17   H17    sing N N 70  
2J0 C16   H16    sing N N 71  
2J0 C4    H4     sing N N 72  
2J0 C3    H3     sing N N 73  
2J0 C2    H2     sing N N 74  
2J0 C38   H38    sing N N 75  
2J0 C20   H20    sing N N 76  
2J0 C21   H21    sing N N 77  
2J0 C23   H23    sing N N 78  
2J0 C24   H24    sing N N 79  
2J0 C27   H27    sing N N 80  
2J0 C28   H28    sing N N 81  
2J0 C30   H30    sing N N 82  
2J0 C31   H31    sing N N 83  
2J0 C33   H33    sing N N 84  
2J0 C34   H34    sing N N 85  
2J0 C37   H37    sing N N 86  
2J0 C39   H392   sing N N 87  
2J0 C39   H39    sing N N 88  
2J0 C39   H391   sing N N 89  
DA  OP3   P      sing N N 90  
DA  OP3   HOP3   sing N N 91  
DA  P     OP1    doub N N 92  
DA  P     OP2    sing N N 93  
DA  P     "O5'"  sing N N 94  
DA  OP2   HOP2   sing N N 95  
DA  "O5'" "C5'"  sing N N 96  
DA  "C5'" "C4'"  sing N N 97  
DA  "C5'" "H5'"  sing N N 98  
DA  "C5'" "H5''" sing N N 99  
DA  "C4'" "O4'"  sing N N 100 
DA  "C4'" "C3'"  sing N N 101 
DA  "C4'" "H4'"  sing N N 102 
DA  "O4'" "C1'"  sing N N 103 
DA  "C3'" "O3'"  sing N N 104 
DA  "C3'" "C2'"  sing N N 105 
DA  "C3'" "H3'"  sing N N 106 
DA  "O3'" "HO3'" sing N N 107 
DA  "C2'" "C1'"  sing N N 108 
DA  "C2'" "H2'"  sing N N 109 
DA  "C2'" "H2''" sing N N 110 
DA  "C1'" N9     sing N N 111 
DA  "C1'" "H1'"  sing N N 112 
DA  N9    C8     sing Y N 113 
DA  N9    C4     sing Y N 114 
DA  C8    N7     doub Y N 115 
DA  C8    H8     sing N N 116 
DA  N7    C5     sing Y N 117 
DA  C5    C6     sing Y N 118 
DA  C5    C4     doub Y N 119 
DA  C6    N6     sing N N 120 
DA  C6    N1     doub Y N 121 
DA  N6    H61    sing N N 122 
DA  N6    H62    sing N N 123 
DA  N1    C2     sing Y N 124 
DA  C2    N3     doub Y N 125 
DA  C2    H2     sing N N 126 
DA  N3    C4     sing Y N 127 
DC  OP3   P      sing N N 128 
DC  OP3   HOP3   sing N N 129 
DC  P     OP1    doub N N 130 
DC  P     OP2    sing N N 131 
DC  P     "O5'"  sing N N 132 
DC  OP2   HOP2   sing N N 133 
DC  "O5'" "C5'"  sing N N 134 
DC  "C5'" "C4'"  sing N N 135 
DC  "C5'" "H5'"  sing N N 136 
DC  "C5'" "H5''" sing N N 137 
DC  "C4'" "O4'"  sing N N 138 
DC  "C4'" "C3'"  sing N N 139 
DC  "C4'" "H4'"  sing N N 140 
DC  "O4'" "C1'"  sing N N 141 
DC  "C3'" "O3'"  sing N N 142 
DC  "C3'" "C2'"  sing N N 143 
DC  "C3'" "H3'"  sing N N 144 
DC  "O3'" "HO3'" sing N N 145 
DC  "C2'" "C1'"  sing N N 146 
DC  "C2'" "H2'"  sing N N 147 
DC  "C2'" "H2''" sing N N 148 
DC  "C1'" N1     sing N N 149 
DC  "C1'" "H1'"  sing N N 150 
DC  N1    C2     sing N N 151 
DC  N1    C6     sing N N 152 
DC  C2    O2     doub N N 153 
DC  C2    N3     sing N N 154 
DC  N3    C4     doub N N 155 
DC  C4    N4     sing N N 156 
DC  C4    C5     sing N N 157 
DC  N4    H41    sing N N 158 
DC  N4    H42    sing N N 159 
DC  C5    C6     doub N N 160 
DC  C5    H5     sing N N 161 
DC  C6    H6     sing N N 162 
DG  OP3   P      sing N N 163 
DG  OP3   HOP3   sing N N 164 
DG  P     OP1    doub N N 165 
DG  P     OP2    sing N N 166 
DG  P     "O5'"  sing N N 167 
DG  OP2   HOP2   sing N N 168 
DG  "O5'" "C5'"  sing N N 169 
DG  "C5'" "C4'"  sing N N 170 
DG  "C5'" "H5'"  sing N N 171 
DG  "C5'" "H5''" sing N N 172 
DG  "C4'" "O4'"  sing N N 173 
DG  "C4'" "C3'"  sing N N 174 
DG  "C4'" "H4'"  sing N N 175 
DG  "O4'" "C1'"  sing N N 176 
DG  "C3'" "O3'"  sing N N 177 
DG  "C3'" "C2'"  sing N N 178 
DG  "C3'" "H3'"  sing N N 179 
DG  "O3'" "HO3'" sing N N 180 
DG  "C2'" "C1'"  sing N N 181 
DG  "C2'" "H2'"  sing N N 182 
DG  "C2'" "H2''" sing N N 183 
DG  "C1'" N9     sing N N 184 
DG  "C1'" "H1'"  sing N N 185 
DG  N9    C8     sing Y N 186 
DG  N9    C4     sing Y N 187 
DG  C8    N7     doub Y N 188 
DG  C8    H8     sing N N 189 
DG  N7    C5     sing Y N 190 
DG  C5    C6     sing N N 191 
DG  C5    C4     doub Y N 192 
DG  C6    O6     doub N N 193 
DG  C6    N1     sing N N 194 
DG  N1    C2     sing N N 195 
DG  N1    H1     sing N N 196 
DG  C2    N2     sing N N 197 
DG  C2    N3     doub N N 198 
DG  N2    H21    sing N N 199 
DG  N2    H22    sing N N 200 
DG  N3    C4     sing N N 201 
DT  OP3   P      sing N N 202 
DT  OP3   HOP3   sing N N 203 
DT  P     OP1    doub N N 204 
DT  P     OP2    sing N N 205 
DT  P     "O5'"  sing N N 206 
DT  OP2   HOP2   sing N N 207 
DT  "O5'" "C5'"  sing N N 208 
DT  "C5'" "C4'"  sing N N 209 
DT  "C5'" "H5'"  sing N N 210 
DT  "C5'" "H5''" sing N N 211 
DT  "C4'" "O4'"  sing N N 212 
DT  "C4'" "C3'"  sing N N 213 
DT  "C4'" "H4'"  sing N N 214 
DT  "O4'" "C1'"  sing N N 215 
DT  "C3'" "O3'"  sing N N 216 
DT  "C3'" "C2'"  sing N N 217 
DT  "C3'" "H3'"  sing N N 218 
DT  "O3'" "HO3'" sing N N 219 
DT  "C2'" "C1'"  sing N N 220 
DT  "C2'" "H2'"  sing N N 221 
DT  "C2'" "H2''" sing N N 222 
DT  "C1'" N1     sing N N 223 
DT  "C1'" "H1'"  sing N N 224 
DT  N1    C2     sing N N 225 
DT  N1    C6     sing N N 226 
DT  C2    O2     doub N N 227 
DT  C2    N3     sing N N 228 
DT  N3    C4     sing N N 229 
DT  N3    H3     sing N N 230 
DT  C4    O4     doub N N 231 
DT  C4    C5     sing N N 232 
DT  C5    C7     sing N N 233 
DT  C5    C6     doub N N 234 
DT  C7    H71    sing N N 235 
DT  C7    H72    sing N N 236 
DT  C7    H73    sing N N 237 
DT  C6    H6     sing N N 238 
HOH O     H1     sing N N 239 
HOH O     H2     sing N N 240 
# 
loop_
_ndb_struct_conf_na.entry_id 
_ndb_struct_conf_na.feature 
4MJ9 'double helix'        
4MJ9 'b-form double helix' 
# 
loop_
_ndb_struct_na_base_pair.model_number 
_ndb_struct_na_base_pair.i_label_asym_id 
_ndb_struct_na_base_pair.i_label_comp_id 
_ndb_struct_na_base_pair.i_label_seq_id 
_ndb_struct_na_base_pair.i_symmetry 
_ndb_struct_na_base_pair.j_label_asym_id 
_ndb_struct_na_base_pair.j_label_comp_id 
_ndb_struct_na_base_pair.j_label_seq_id 
_ndb_struct_na_base_pair.j_symmetry 
_ndb_struct_na_base_pair.shear 
_ndb_struct_na_base_pair.stretch 
_ndb_struct_na_base_pair.stagger 
_ndb_struct_na_base_pair.buckle 
_ndb_struct_na_base_pair.propeller 
_ndb_struct_na_base_pair.opening 
_ndb_struct_na_base_pair.pair_number 
_ndb_struct_na_base_pair.pair_name 
_ndb_struct_na_base_pair.i_auth_asym_id 
_ndb_struct_na_base_pair.i_auth_seq_id 
_ndb_struct_na_base_pair.i_PDB_ins_code 
_ndb_struct_na_base_pair.j_auth_asym_id 
_ndb_struct_na_base_pair.j_auth_seq_id 
_ndb_struct_na_base_pair.j_PDB_ins_code 
_ndb_struct_na_base_pair.hbond_type_28 
_ndb_struct_na_base_pair.hbond_type_12 
1 A DC 2 1_555 A DG 9 7_556 0.142  -0.085 0.260  -12.203 7.315  1.485  1 A_DC2:DG9_A A 2 ? A 9 ? 19 1 
1 A DG 3 1_555 A DC 8 7_556 -0.233 -0.032 0.148  24.671  -4.395 -0.677 2 A_DG3:DC8_A A 3 ? A 8 ? 19 1 
1 A DG 4 1_555 A DC 7 7_556 -0.203 -0.148 -0.031 -8.275  1.489  -1.523 3 A_DG4:DC7_A A 4 ? A 7 ? 19 1 
1 A DC 5 1_555 A DG 6 7_556 0.231  -0.105 0.303  -4.276  -5.505 -0.612 4 A_DC5:DG6_A A 5 ? A 6 ? 19 1 
1 A DG 6 1_555 A DC 5 7_556 -0.231 -0.105 0.303  4.276   -5.505 -0.612 5 A_DG6:DC5_A A 6 ? A 5 ? 19 1 
1 A DC 7 1_555 A DG 4 7_556 0.203  -0.148 -0.031 8.275   1.489  -1.523 6 A_DC7:DG4_A A 7 ? A 4 ? 19 1 
1 A DC 8 1_555 A DG 3 7_556 0.233  -0.032 0.148  -24.671 -4.395 -0.677 7 A_DC8:DG3_A A 8 ? A 3 ? 19 1 
1 A DG 9 1_555 A DC 2 7_556 -0.142 -0.085 0.260  12.203  7.315  1.485  8 A_DG9:DC2_A A 9 ? A 2 ? 19 1 
# 
loop_
_ndb_struct_na_base_pair_step.model_number 
_ndb_struct_na_base_pair_step.i_label_asym_id_1 
_ndb_struct_na_base_pair_step.i_label_comp_id_1 
_ndb_struct_na_base_pair_step.i_label_seq_id_1 
_ndb_struct_na_base_pair_step.i_symmetry_1 
_ndb_struct_na_base_pair_step.j_label_asym_id_1 
_ndb_struct_na_base_pair_step.j_label_comp_id_1 
_ndb_struct_na_base_pair_step.j_label_seq_id_1 
_ndb_struct_na_base_pair_step.j_symmetry_1 
_ndb_struct_na_base_pair_step.i_label_asym_id_2 
_ndb_struct_na_base_pair_step.i_label_comp_id_2 
_ndb_struct_na_base_pair_step.i_label_seq_id_2 
_ndb_struct_na_base_pair_step.i_symmetry_2 
_ndb_struct_na_base_pair_step.j_label_asym_id_2 
_ndb_struct_na_base_pair_step.j_label_comp_id_2 
_ndb_struct_na_base_pair_step.j_label_seq_id_2 
_ndb_struct_na_base_pair_step.j_symmetry_2 
_ndb_struct_na_base_pair_step.shift 
_ndb_struct_na_base_pair_step.slide 
_ndb_struct_na_base_pair_step.rise 
_ndb_struct_na_base_pair_step.tilt 
_ndb_struct_na_base_pair_step.roll 
_ndb_struct_na_base_pair_step.twist 
_ndb_struct_na_base_pair_step.x_displacement 
_ndb_struct_na_base_pair_step.y_displacement 
_ndb_struct_na_base_pair_step.helical_rise 
_ndb_struct_na_base_pair_step.inclination 
_ndb_struct_na_base_pair_step.tip 
_ndb_struct_na_base_pair_step.helical_twist 
_ndb_struct_na_base_pair_step.step_number 
_ndb_struct_na_base_pair_step.step_name 
_ndb_struct_na_base_pair_step.i_auth_asym_id_1 
_ndb_struct_na_base_pair_step.i_auth_seq_id_1 
_ndb_struct_na_base_pair_step.i_PDB_ins_code_1 
_ndb_struct_na_base_pair_step.j_auth_asym_id_1 
_ndb_struct_na_base_pair_step.j_auth_seq_id_1 
_ndb_struct_na_base_pair_step.j_PDB_ins_code_1 
_ndb_struct_na_base_pair_step.i_auth_asym_id_2 
_ndb_struct_na_base_pair_step.i_auth_seq_id_2 
_ndb_struct_na_base_pair_step.i_PDB_ins_code_2 
_ndb_struct_na_base_pair_step.j_auth_asym_id_2 
_ndb_struct_na_base_pair_step.j_auth_seq_id_2 
_ndb_struct_na_base_pair_step.j_PDB_ins_code_2 
1 A DC 2 1_555 A DG 9 7_556 A DG 3 1_555 A DC 8 7_556 -0.506 1.648 2.596 2.414  3.219  19.377 3.532  2.421  2.747 9.432  -7.073 
19.787 1 AA_DC2DG3:DC8DG9_AA A 2 ? A 9 ? A 3 ? A 8 ? 
1 A DG 3 1_555 A DC 8 7_556 A DG 4 1_555 A DC 7 7_556 -0.144 0.797 5.223 -2.740 50.807 15.503 -5.302 -0.173 2.344 74.062 3.995  
53.039 2 AA_DG3DG4:DC7DC8_AA A 3 ? A 8 ? A 4 ? A 7 ? 
1 A DG 4 1_555 A DC 7 7_556 A DC 5 1_555 A DG 6 7_556 -0.836 0.076 3.257 -3.489 -3.789 38.954 0.566  0.826  3.296 -5.651 5.205  
39.280 3 AA_DG4DC5:DG6DC7_AA A 4 ? A 7 ? A 5 ? A 6 ? 
1 A DC 5 1_555 A DG 6 7_556 A DG 6 1_555 A DC 5 7_556 0.000  0.713 3.386 0.000  23.691 27.717 -2.596 0.000  3.058 41.207 0.000  
36.311 4 AA_DC5DG6:DC5DG6_AA A 5 ? A 6 ? A 6 ? A 5 ? 
1 A DG 6 1_555 A DC 5 7_556 A DC 7 1_555 A DG 4 7_556 0.836  0.076 3.257 3.489  -3.789 38.954 0.566  -0.826 3.296 -5.651 -5.204 
39.280 5 AA_DG6DC7:DG4DC5_AA A 6 ? A 5 ? A 7 ? A 4 ? 
1 A DC 7 1_555 A DG 4 7_556 A DC 8 1_555 A DG 3 7_556 0.144  0.797 5.223 2.740  50.807 15.503 -5.302 0.173  2.344 74.062 -3.995 
53.039 6 AA_DC7DC8:DG3DG4_AA A 7 ? A 4 ? A 8 ? A 3 ? 
1 A DC 8 1_555 A DG 3 7_556 A DG 9 1_555 A DC 2 7_556 0.506  1.648 2.596 -2.414 3.219  19.377 3.532  -2.421 2.747 9.432  7.073  
19.787 7 AA_DC8DG9:DC2DG3_AA A 8 ? A 3 ? A 9 ? A 2 ? 
# 
_atom_sites.entry_id                    4MJ9 
_atom_sites.fract_transf_matrix[1][1]   0.02314555 
_atom_sites.fract_transf_matrix[1][2]   0.00183277 
_atom_sites.fract_transf_matrix[1][3]   -0.00453632 
_atom_sites.fract_transf_matrix[2][1]   0.00443789 
_atom_sites.fract_transf_matrix[2][2]   -0.01709870 
_atom_sites.fract_transf_matrix[2][3]   0.01573510 
_atom_sites.fract_transf_matrix[3][1]   -0.00219474 
_atom_sites.fract_transf_matrix[3][2]   -0.01731101 
_atom_sites.fract_transf_matrix[3][3]   -0.01819218 
_atom_sites.fract_transf_vector[1]      0.199924 
_atom_sites.fract_transf_vector[2]      0.250818 
_atom_sites.fract_transf_vector[3]      0.530713 
# 
loop_
_atom_type.symbol 
BA 
C  
CL 
H  
N  
O  
P  
RU 
# 
loop_
_atom_site.group_PDB 
_atom_site.id 
_atom_site.type_symbol 
_atom_site.label_atom_id 
_atom_site.label_alt_id 
_atom_site.label_comp_id 
_atom_site.label_asym_id 
_atom_site.label_entity_id 
_atom_site.label_seq_id 
_atom_site.pdbx_PDB_ins_code 
_atom_site.Cartn_x 
_atom_site.Cartn_y 
_atom_site.Cartn_z 
_atom_site.occupancy 
_atom_site.B_iso_or_equiv 
_atom_site.pdbx_formal_charge 
_atom_site.auth_seq_id 
_atom_site.auth_comp_id 
_atom_site.auth_asym_id 
_atom_site.auth_atom_id 
_atom_site.pdbx_PDB_model_num 
ATOM   1   O  "O5'"  . DT  A 1 1  ? 9.064   6.499  15.375  1.00 20.81  ? 1   DT  A "O5'"  1 
ATOM   2   C  "C5'"  . DT  A 1 1  ? 9.378   5.242  15.993  1.00 17.23  ? 1   DT  A "C5'"  1 
ATOM   3   C  "C4'"  . DT  A 1 1  ? 8.199   4.305  15.887  1.00 14.06  ? 1   DT  A "C4'"  1 
ATOM   4   O  "O4'"  . DT  A 1 1  ? 7.075   4.846  16.607  1.00 14.77  ? 1   DT  A "O4'"  1 
ATOM   5   C  "C3'"  . DT  A 1 1  ? 7.686   4.069  14.472  1.00 14.05  ? 1   DT  A "C3'"  1 
ATOM   6   O  "O3'"  . DT  A 1 1  ? 8.450   2.994  13.929  1.00 13.49  ? 1   DT  A "O3'"  1 
ATOM   7   C  "C2'"  . DT  A 1 1  ? 6.229   3.710  14.696  1.00 14.12  ? 1   DT  A "C2'"  1 
ATOM   8   C  "C1'"  . DT  A 1 1  ? 5.856   4.490  15.954  1.00 13.44  ? 1   DT  A "C1'"  1 
ATOM   9   N  N1     . DT  A 1 1  ? 5.091   5.735  15.736  1.00 13.95  ? 1   DT  A N1     1 
ATOM   10  C  C2     . DT  A 1 1  ? 4.159   6.091  16.682  1.00 12.80  ? 1   DT  A C2     1 
ATOM   11  O  O2     . DT  A 1 1  ? 3.876   5.389  17.629  1.00 12.82  ? 1   DT  A O2     1 
ATOM   12  N  N3     . DT  A 1 1  ? 3.533   7.288  16.452  1.00 14.59  ? 1   DT  A N3     1 
ATOM   13  C  C4     . DT  A 1 1  ? 3.742   8.147  15.396  1.00 17.42  ? 1   DT  A C4     1 
ATOM   14  O  O4     . DT  A 1 1  ? 3.095   9.185  15.319  1.00 20.09  ? 1   DT  A O4     1 
ATOM   15  C  C5     . DT  A 1 1  ? 4.755   7.728  14.453  1.00 19.03  ? 1   DT  A C5     1 
ATOM   16  C  C7     . DT  A 1 1  ? 5.060   8.606  13.281  1.00 25.77  ? 1   DT  A C7     1 
ATOM   17  C  C6     . DT  A 1 1  ? 5.372   6.558  14.667  1.00 17.04  ? 1   DT  A C6     1 
ATOM   18  H  "H5'"  . DT  A 1 1  ? 9.636   5.399  17.042  1.00 17.03  ? 1   DT  A "H5'"  1 
ATOM   19  H  "H5''" . DT  A 1 1  ? 10.241  4.800  15.492  1.00 17.55  ? 1   DT  A "H5''" 1 
ATOM   20  H  "H4'"  . DT  A 1 1  ? 8.484   3.337  16.323  1.00 14.29  ? 1   DT  A "H4'"  1 
ATOM   21  H  "H3'"  . DT  A 1 1  ? 7.782   4.976  13.863  1.00 14.52  ? 1   DT  A "H3'"  1 
ATOM   22  H  "H2'"  . DT  A 1 1  ? 5.613   3.999  13.843  1.00 14.10  ? 1   DT  A "H2'"  1 
ATOM   23  H  "H2''" . DT  A 1 1  ? 6.118   2.638  14.869  1.00 14.24  ? 1   DT  A "H2''" 1 
ATOM   24  H  "H1'"  . DT  A 1 1  ? 5.290   3.806  16.600  1.00 13.73  ? 1   DT  A "H1'"  1 
ATOM   25  H  H3     . DT  A 1 1  ? 2.800   7.560  17.131  1.00 14.83  ? 1   DT  A H3     1 
ATOM   26  H  H71    . DT  A 1 1  ? 4.339   8.447  12.523  1.00 24.52  ? 1   DT  A H71    1 
ATOM   27  H  H72    . DT  A 1 1  ? 5.038   9.622  13.582  1.00 24.37  ? 1   DT  A H72    1 
ATOM   28  H  H73    . DT  A 1 1  ? 6.023   8.376  12.906  1.00 24.22  ? 1   DT  A H73    1 
ATOM   29  H  H6     . DT  A 1 1  ? 6.135   6.266  13.967  1.00 16.54  ? 1   DT  A H6     1 
ATOM   30  H  "HO5'" . DT  A 1 1  ? 8.270   6.999  15.657  1.00 20.10  ? 1   DT  A "HO5'" 1 
ATOM   31  P  P      . DC  A 1 2  ? 8.351   2.580  12.390  1.00 14.36  ? 2   DC  A P      1 
ATOM   32  O  OP1    . DC  A 1 2  ? 9.529   1.721  12.130  1.00 15.91  ? 2   DC  A OP1    1 
ATOM   33  O  OP2    . DC  A 1 2  ? 8.119   3.772  11.544  1.00 16.24  ? 2   DC  A OP2    1 
ATOM   34  O  "O5'"  . DC  A 1 2  ? 7.029   1.707  12.309  1.00 13.54  ? 2   DC  A "O5'"  1 
ATOM   35  C  "C5'"  . DC  A 1 2  ? 6.915   0.473  13.031  1.00 13.02  ? 2   DC  A "C5'"  1 
ATOM   36  C  "C4'"  . DC  A 1 2  ? 5.597   -0.173 12.686  1.00 11.68  ? 2   DC  A "C4'"  1 
ATOM   37  O  "O4'"  . DC  A 1 2  ? 4.510   0.700  13.046  1.00 11.88  ? 2   DC  A "O4'"  1 
ATOM   38  C  "C3'"  . DC  A 1 2  ? 5.425   -0.453 11.197  1.00 11.05  ? 2   DC  A "C3'"  1 
ATOM   39  O  "O3'"  . DC  A 1 2  ? 5.947   -1.770 10.993  1.00 11.98  ? 2   DC  A "O3'"  1 
ATOM   40  C  "C2'"  . DC  A 1 2  ? 3.929   -0.321 10.974  1.00 11.19  ? 2   DC  A "C2'"  1 
ATOM   41  C  "C1'"  . DC  A 1 2  ? 3.436   0.571  12.111  1.00 11.39  ? 2   DC  A "C1'"  1 
ATOM   42  N  N1     . DC  A 1 2  ? 3.042   1.925  11.696  1.00 10.84  ? 2   DC  A N1     1 
ATOM   43  C  C2     . DC  A 1 2  ? 1.759   2.394  12.000  1.00 10.88  ? 2   DC  A C2     1 
ATOM   44  O  O2     . DC  A 1 2  ? 0.958   1.628  12.564  1.00 11.29  ? 2   DC  A O2     1 
ATOM   45  N  N3     . DC  A 1 2  ? 1.426   3.664  11.671  1.00 11.25  ? 2   DC  A N3     1 
ATOM   46  C  C4     . DC  A 1 2  ? 2.320   4.456  11.070  1.00 11.82  ? 2   DC  A C4     1 
ATOM   47  N  N4     . DC  A 1 2  ? 1.951   5.703  10.770  1.00 13.63  ? 2   DC  A N4     1 
ATOM   48  C  C5     . DC  A 1 2  ? 3.635   4.006  10.761  1.00 12.52  ? 2   DC  A C5     1 
ATOM   49  C  C6     . DC  A 1 2  ? 3.951   2.748  11.091  1.00 12.16  ? 2   DC  A C6     1 
ATOM   50  H  "H5'"  . DC  A 1 2  ? 6.968   0.659  14.105  1.00 12.85  ? 2   DC  A "H5'"  1 
ATOM   51  H  "H5''" . DC  A 1 2  ? 7.736   -0.194 12.758  1.00 13.09  ? 2   DC  A "H5''" 1 
ATOM   52  H  "H4'"  . DC  A 1 2  ? 5.523   -1.119 13.229  1.00 11.88  ? 2   DC  A "H4'"  1 
ATOM   53  H  "H3'"  . DC  A 1 2  ? 5.966   0.289  10.594  1.00 11.34  ? 2   DC  A "H3'"  1 
ATOM   54  H  "H2'"  . DC  A 1 2  ? 3.736   0.148  10.009  1.00 11.21  ? 2   DC  A "H2'"  1 
ATOM   55  H  "H2''" . DC  A 1 2  ? 3.445   -1.297 11.010  1.00 11.22  ? 2   DC  A "H2''" 1 
ATOM   56  H  "H1'"  . DC  A 1 2  ? 2.594   0.061  12.593  1.00 11.21  ? 2   DC  A "H1'"  1 
ATOM   57  H  H41    . DC  A 1 2  ? 2.599   6.322  10.305  1.00 13.07  ? 2   DC  A H41    1 
ATOM   58  H  H42    . DC  A 1 2  ? 1.014   6.018  10.976  1.00 13.20  ? 2   DC  A H42    1 
ATOM   59  H  H5     . DC  A 1 2  ? 4.354   4.653  10.278  1.00 12.53  ? 2   DC  A H5     1 
ATOM   60  H  H6     . DC  A 1 2  ? 4.948   2.382  10.882  1.00 11.97  ? 2   DC  A H6     1 
ATOM   61  P  P      . DG  A 1 3  ? 6.116   -2.413 9.536   1.00 11.47  ? 3   DG  A P      1 
ATOM   62  O  OP1    . DG  A 1 3  ? 7.138   -3.474 9.691   1.00 13.07  ? 3   DG  A OP1    1 
ATOM   63  O  OP2    . DG  A 1 3  ? 6.316   -1.332 8.529   1.00 11.89  ? 3   DG  A OP2    1 
ATOM   64  O  "O5'"  . DG  A 1 3  ? 4.700   -3.054 9.210   1.00 10.94  ? 3   DG  A "O5'"  1 
ATOM   65  C  "C5'"  . DG  A 1 3  ? 4.257   -4.199 9.943   1.00 10.96  ? 3   DG  A "C5'"  1 
ATOM   66  C  "C4'"  . DG  A 1 3  ? 2.777   -4.389 9.716   1.00 10.75  ? 3   DG  A "C4'"  1 
ATOM   67  O  "O4'"  . DG  A 1 3  ? 2.069   -3.244 10.236  1.00 10.16  ? 3   DG  A "O4'"  1 
ATOM   68  C  "C3'"  . DG  A 1 3  ? 2.365   -4.509 8.250   1.00 10.36  ? 3   DG  A "C3'"  1 
ATOM   69  O  "O3'"  . DG  A 1 3  ? 2.327   -5.902 7.924   1.00 12.61  ? 3   DG  A "O3'"  1 
ATOM   70  C  "C2'"  . DG  A 1 3  ? 0.980   -3.895 8.221   1.00 10.55  ? 3   DG  A "C2'"  1 
ATOM   71  C  "C1'"  . DG  A 1 3  ? 0.982   -2.894 9.374   1.00 9.97   ? 3   DG  A "C1'"  1 
ATOM   72  N  N9     . DG  A 1 3  ? 1.163   -1.501 8.981   1.00 9.16   ? 3   DG  A N9     1 
ATOM   73  C  C8     . DG  A 1 3  ? 2.129   -0.995 8.146   1.00 9.48   ? 3   DG  A C8     1 
ATOM   74  N  N7     . DG  A 1 3  ? 2.070   0.304  8.022   1.00 9.30   ? 3   DG  A N7     1 
ATOM   75  C  C5     . DG  A 1 3  ? 1.009   0.679  8.836   1.00 9.48   ? 3   DG  A C5     1 
ATOM   76  C  C6     . DG  A 1 3  ? 0.425   1.956  9.057   1.00 9.33   ? 3   DG  A C6     1 
ATOM   77  O  O6     . DG  A 1 3  ? 0.770   3.048  8.594   1.00 10.02  ? 3   DG  A O6     1 
ATOM   78  N  N1     . DG  A 1 3  ? -0.699  1.874  9.875   1.00 9.33   ? 3   DG  A N1     1 
ATOM   79  C  C2     . DG  A 1 3  ? -1.209  0.711  10.394  1.00 9.38   ? 3   DG  A C2     1 
ATOM   80  N  N2     . DG  A 1 3  ? -2.321  0.832  11.132  1.00 10.19  ? 3   DG  A N2     1 
ATOM   81  N  N3     . DG  A 1 3  ? -0.668  -0.482 10.208  1.00 9.49   ? 3   DG  A N3     1 
ATOM   82  C  C4     . DG  A 1 3  ? 0.432   -0.424 9.425   1.00 9.25   ? 3   DG  A C4     1 
ATOM   83  H  "H5'"  . DG  A 1 3  ? 4.454   -4.059 11.008  1.00 10.85  ? 3   DG  A "H5'"  1 
ATOM   84  H  "H5''" . DG  A 1 3  ? 4.800   -5.086 9.609   1.00 10.97  ? 3   DG  A "H5''" 1 
ATOM   85  H  "H4'"  . DG  A 1 3  ? 2.455   -5.295 10.249  1.00 10.75  ? 3   DG  A "H4'"  1 
ATOM   86  H  "H3'"  . DG  A 1 3  ? 3.047   -3.947 7.597   1.00 10.80  ? 3   DG  A "H3'"  1 
ATOM   87  H  "H2'"  . DG  A 1 3  ? 0.799   -3.391 7.270   1.00 10.50  ? 3   DG  A "H2'"  1 
ATOM   88  H  "H2''" . DG  A 1 3  ? 0.218   -4.661 8.374   1.00 10.77  ? 3   DG  A "H2''" 1 
ATOM   89  H  "H1'"  . DG  A 1 3  ? 0.036   -3.007 9.922   1.00 10.00  ? 3   DG  A "H1'"  1 
ATOM   90  H  H8     . DG  A 1 3  ? 2.919   -1.606 7.735   1.00 9.61   ? 3   DG  A H8     1 
ATOM   91  H  H1     . DG  A 1 3  ? -1.197  2.762  10.082  1.00 9.31   ? 3   DG  A H1     1 
ATOM   92  H  H21    . DG  A 1 3  ? -2.713  0.017  11.584  1.00 10.01  ? 3   DG  A H21    1 
ATOM   93  H  H22    . DG  A 1 3  ? -2.712  1.742  11.325  1.00 9.95   ? 3   DG  A H22    1 
ATOM   94  P  P      . DG  A 1 4  ? 2.744   -6.442 6.481   1.00 14.34  ? 4   DG  A P      1 
ATOM   95  O  OP1    . DG  A 1 4  ? 2.704   -7.920 6.569   1.00 17.96  ? 4   DG  A OP1    1 
ATOM   96  O  OP2    . DG  A 1 4  ? 3.972   -5.760 6.050   1.00 17.72  ? 4   DG  A OP2    1 
ATOM   97  O  "O5'"  . DG  A 1 4  ? 1.589   -5.921 5.525   1.00 12.11  ? 4   DG  A "O5'"  1 
ATOM   98  C  "C5'"  . DG  A 1 4  ? 0.279   -6.490 5.631   1.00 12.12  ? 4   DG  A "C5'"  1 
ATOM   99  C  "C4'"  . DG  A 1 4  ? -0.589  -5.908 4.548   1.00 10.95  ? 4   DG  A "C4'"  1 
ATOM   100 O  "O4'"  . DG  A 1 4  ? -0.710  -4.486 4.784   1.00 11.20  ? 4   DG  A "O4'"  1 
ATOM   101 C  "C3'"  . DG  A 1 4  ? -0.039  -6.047 3.128   1.00 11.41  ? 4   DG  A "C3'"  1 
ATOM   102 O  "O3'"  . DG  A 1 4  ? -1.175  -6.210 2.279   1.00 13.66  ? 4   DG  A "O3'"  1 
ATOM   103 C  "C2'"  . DG  A 1 4  ? 0.630   -4.709 2.878   1.00 11.71  ? 4   DG  A "C2'"  1 
ATOM   104 C  "C1'"  . DG  A 1 4  ? -0.294  -3.770 3.631   1.00 10.60  ? 4   DG  A "C1'"  1 
ATOM   105 N  N9     . DG  A 1 4  ? 0.298   -2.509 4.067   1.00 10.23  ? 4   DG  A N9     1 
ATOM   106 C  C8     . DG  A 1 4  ? 1.566   -2.297 4.555   1.00 10.89  ? 4   DG  A C8     1 
ATOM   107 N  N7     . DG  A 1 4  ? 1.798   -1.046 4.848   1.00 10.44  ? 4   DG  A N7     1 
ATOM   108 C  C5     . DG  A 1 4  ? 0.608   -0.398 4.546   1.00 9.91   ? 4   DG  A C5     1 
ATOM   109 C  C6     . DG  A 1 4  ? 0.258   0.968  4.668   1.00 9.39   ? 4   DG  A C6     1 
ATOM   110 O  O6     . DG  A 1 4  ? 0.951   1.896  5.093   1.00 10.00  ? 4   DG  A O6     1 
ATOM   111 N  N1     . DG  A 1 4  ? -1.039  1.211  4.223   1.00 9.70   ? 4   DG  A N1     1 
ATOM   112 C  C2     . DG  A 1 4  ? -1.912  0.245  3.798   1.00 9.62   ? 4   DG  A C2     1 
ATOM   113 N  N2     . DG  A 1 4  ? -3.143  0.670  3.469   1.00 10.59  ? 4   DG  A N2     1 
ATOM   114 N  N3     . DG  A 1 4  ? -1.598  -1.037 3.679   1.00 9.90   ? 4   DG  A N3     1 
ATOM   115 C  C4     . DG  A 1 4  ? -0.328  -1.285 4.070   1.00 9.72   ? 4   DG  A C4     1 
ATOM   116 H  "H5'"  . DG  A 1 4  ? -0.147  -6.265 6.611   1.00 12.30  ? 4   DG  A "H5'"  1 
ATOM   117 H  "H5''" . DG  A 1 4  ? 0.331   -7.574 5.519   1.00 12.36  ? 4   DG  A "H5''" 1 
ATOM   118 H  "H4'"  . DG  A 1 4  ? -1.579  -6.380 4.600   1.00 11.18  ? 4   DG  A "H4'"  1 
ATOM   119 H  "H3'"  . DG  A 1 4  ? 0.676   -6.879 3.052   1.00 11.58  ? 4   DG  A "H3'"  1 
ATOM   120 H  "H2'"  . DG  A 1 4  ? 1.646   -4.698 3.273   1.00 11.65  ? 4   DG  A "H2'"  1 
ATOM   121 H  "H2''" . DG  A 1 4  ? 0.652   -4.462 1.815   1.00 11.47  ? 4   DG  A "H2''" 1 
ATOM   122 H  "H1'"  . DG  A 1 4  ? -1.165  -3.569 2.994   1.00 10.62  ? 4   DG  A "H1'"  1 
ATOM   123 H  H8     . DG  A 1 4  ? 2.304   -3.079 4.660   1.00 10.93  ? 4   DG  A H8     1 
ATOM   124 H  H1     . DG  A 1 4  ? -1.393  2.181  4.317   1.00 9.61   ? 4   DG  A H1     1 
ATOM   125 H  H21    . DG  A 1 4  ? -3.809  0.009  3.105   1.00 10.27  ? 4   DG  A H21    1 
ATOM   126 H  H22    . DG  A 1 4  ? -3.391  1.644  3.540   1.00 10.32  ? 4   DG  A H22    1 
ATOM   127 P  P      . DC  A 1 5  ? -1.071  -6.684 0.763   1.00 13.64  ? 5   DC  A P      1 
ATOM   128 O  OP1    . DC  A 1 5  ? -1.562  -8.075 0.663   1.00 16.73  ? 5   DC  A OP1    1 
ATOM   129 O  OP2    . DC  A 1 5  ? 0.265   -6.381 0.214   1.00 15.00  ? 5   DC  A OP2    1 
ATOM   130 O  "O5'"  . DC  A 1 5  ? -2.129  -5.704 0.073   1.00 12.38  ? 5   DC  A "O5'"  1 
ATOM   131 C  "C5'"  . DC  A 1 5  ? -3.536  -5.808 0.405   1.00 12.10  ? 5   DC  A "C5'"  1 
ATOM   132 C  "C4'"  . DC  A 1 5  ? -4.276  -4.543 0.019   1.00 11.54  ? 5   DC  A "C4'"  1 
ATOM   133 O  "O4'"  . DC  A 1 5  ? -3.802  -3.450 0.824   1.00 11.73  ? 5   DC  A "O4'"  1 
ATOM   134 C  "C3'"  . DC  A 1 5  ? -4.124  -4.039 -1.407  1.00 11.75  ? 5   DC  A "C3'"  1 
ATOM   135 O  "O3'"  . DC  A 1 5  ? -5.122  -4.679 -2.209  1.00 11.81  ? 5   DC  A "O3'"  1 
ATOM   136 C  "C2'"  . DC  A 1 5  ? -4.372  -2.546 -1.278  1.00 12.56  ? 5   DC  A "C2'"  1 
ATOM   137 C  "C1'"  . DC  A 1 5  ? -3.834  -2.228 0.093   1.00 12.07  ? 5   DC  A "C1'"  1 
ATOM   138 N  N1     . DC  A 1 5  ? -2.504  -1.625 0.198   1.00 11.61  ? 5   DC  A N1     1 
ATOM   139 C  C2     . DC  A 1 5  ? -2.436  -0.244 0.341   1.00 11.68  ? 5   DC  A C2     1 
ATOM   140 O  O2     . DC  A 1 5  ? -3.477  0.422  0.209   1.00 13.91  ? 5   DC  A O2     1 
ATOM   141 N  N3     . DC  A 1 5  ? -1.246  0.332  0.622   1.00 10.97  ? 5   DC  A N3     1 
ATOM   142 C  C4     . DC  A 1 5  ? -0.155  -0.425 0.772   1.00 10.11  ? 5   DC  A C4     1 
ATOM   143 N  N4     . DC  A 1 5  ? 0.969   0.174  1.144   1.00 10.02  ? 5   DC  A N4     1 
ATOM   144 C  C5     . DC  A 1 5  ? -0.176  -1.828 0.530   1.00 10.80  ? 5   DC  A C5     1 
ATOM   145 C  C6     . DC  A 1 5  ? -1.366  -2.387 0.268   1.00 11.46  ? 5   DC  A C6     1 
ATOM   146 H  "H5'"  . DC  A 1 5  ? -3.652  -5.982 1.477   1.00 12.28  ? 5   DC  A "H5'"  1 
ATOM   147 H  "H5''" . DC  A 1 5  ? -3.972  -6.658 -0.122  1.00 11.98  ? 5   DC  A "H5''" 1 
ATOM   148 H  "H4'"  . DC  A 1 5  ? -5.344  -4.703 0.214   1.00 11.82  ? 5   DC  A "H4'"  1 
ATOM   149 H  "H3'"  . DC  A 1 5  ? -3.107  -4.226 -1.780  1.00 12.07  ? 5   DC  A "H3'"  1 
ATOM   150 H  "H2'"  . DC  A 1 5  ? -3.857  -1.979 -2.054  1.00 12.27  ? 5   DC  A "H2'"  1 
ATOM   151 H  "H2''" . DC  A 1 5  ? -5.440  -2.361 -1.327  1.00 12.66  ? 5   DC  A "H2''" 1 
ATOM   152 H  "H1'"  . DC  A 1 5  ? -4.564  -1.572 0.581   1.00 12.26  ? 5   DC  A "H1'"  1 
ATOM   153 H  H41    . DC  A 1 5  ? 1.829   -0.356 1.166   1.00 9.99   ? 5   DC  A H41    1 
ATOM   154 H  H42    . DC  A 1 5  ? 1.005   1.181  1.184   1.00 10.07  ? 5   DC  A H42    1 
ATOM   155 H  H5     . DC  A 1 5  ? 0.694   -2.440 0.711   1.00 10.83  ? 5   DC  A H5     1 
ATOM   156 H  H6     . DC  A 1 5  ? -1.432  -3.462 0.213   1.00 11.25  ? 5   DC  A H6     1 
ATOM   157 P  P      . DG  A 1 6  ? -4.966  -4.777 -3.782  1.00 13.68  ? 6   DG  A P      1 
ATOM   158 O  OP1    . DG  A 1 6  ? -6.120  -5.556 -4.262  1.00 17.29  ? 6   DG  A OP1    1 
ATOM   159 O  OP2    . DG  A 1 6  ? -3.591  -5.197 -4.092  1.00 17.83  ? 6   DG  A OP2    1 
ATOM   160 O  "O5'"  . DG  A 1 6  ? -5.037  -3.287 -4.294  1.00 12.29  ? 6   DG  A "O5'"  1 
ATOM   161 C  "C5'"  . DG  A 1 6  ? -6.258  -2.567 -4.196  1.00 12.48  ? 6   DG  A "C5'"  1 
ATOM   162 C  "C4'"  . DG  A 1 6  ? -6.096  -1.305 -4.992  1.00 13.41  ? 6   DG  A "C4'"  1 
ATOM   163 O  "O4'"  . DG  A 1 6  ? -5.072  -0.494 -4.383  1.00 14.94  ? 6   DG  A "O4'"  1 
ATOM   164 C  "C3'"  . DG  A 1 6  ? -5.639  -1.564 -6.428  1.00 13.93  ? 6   DG  A "C3'"  1 
ATOM   165 O  "O3'"  . DG  A 1 6  ? -6.335  -0.638 -7.245  1.00 16.33  ? 6   DG  A "O3'"  1 
ATOM   166 C  "C2'"  . DG  A 1 6  ? -4.137  -1.330 -6.389  1.00 13.43  ? 6   DG  A "C2'"  1 
ATOM   167 C  "C1'"  . DG  A 1 6  ? -3.973  -0.310 -5.268  1.00 12.85  ? 6   DG  A "C1'"  1 
ATOM   168 N  N9     . DG  A 1 6  ? -2.746  -0.445 -4.486  1.00 12.00  ? 6   DG  A N9     1 
ATOM   169 C  C8     . DG  A 1 6  ? -2.130  -1.609 -4.107  1.00 11.85  ? 6   DG  A C8     1 
ATOM   170 N  N7     . DG  A 1 6  ? -1.061  -1.411 -3.383  1.00 11.12  ? 6   DG  A N7     1 
ATOM   171 C  C5     . DG  A 1 6  ? -0.969  -0.032 -3.272  1.00 10.66  ? 6   DG  A C5     1 
ATOM   172 C  C6     . DG  A 1 6  ? 0.018   0.780  -2.640  1.00 10.12  ? 6   DG  A C6     1 
ATOM   173 O  O6     . DG  A 1 6  ? 1.048   0.435  -2.046  1.00 10.23  ? 6   DG  A O6     1 
ATOM   174 N  N1     . DG  A 1 6  ? -0.282  2.129  -2.761  1.00 11.18  ? 6   DG  A N1     1 
ATOM   175 C  C2     . DG  A 1 6  ? -1.342  2.638  -3.468  1.00 12.77  ? 6   DG  A C2     1 
ATOM   176 N  N2     . DG  A 1 6  ? -1.447  3.972  -3.500  1.00 14.25  ? 6   DG  A N2     1 
ATOM   177 N  N3     . DG  A 1 6  ? -2.242  1.896  -4.095  1.00 12.92  ? 6   DG  A N3     1 
ATOM   178 C  C4     . DG  A 1 6  ? -1.996  0.579  -3.956  1.00 11.19  ? 6   DG  A C4     1 
ATOM   179 H  "H5'"  . DG  A 1 6  ? -6.493  -2.332 -3.159  1.00 12.90  ? 6   DG  A "H5'"  1 
ATOM   180 H  "H5''" . DG  A 1 6  ? -7.077  -3.159 -4.609  1.00 12.53  ? 6   DG  A "H5''" 1 
ATOM   181 H  "H4'"  . DG  A 1 6  ? -7.053  -0.763 -5.004  1.00 13.62  ? 6   DG  A "H4'"  1 
ATOM   182 H  "H3'"  . DG  A 1 6  ? -5.862  -2.602 -6.716  1.00 14.02  ? 6   DG  A "H3'"  1 
ATOM   183 H  "H2'"  . DG  A 1 6  ? -3.612  -2.261 -6.184  1.00 13.78  ? 6   DG  A "H2'"  1 
ATOM   184 H  "H2''" . DG  A 1 6  ? -3.773  -0.924 -7.333  1.00 13.66  ? 6   DG  A "H2''" 1 
ATOM   185 H  "H1'"  . DG  A 1 6  ? -4.024  0.695  -5.709  1.00 12.87  ? 6   DG  A "H1'"  1 
ATOM   186 H  H8     . DG  A 1 6  ? -2.490  -2.595 -4.364  1.00 12.09  ? 6   DG  A H8     1 
ATOM   187 H  H1     . DG  A 1 6  ? 0.391   2.801  -2.343  1.00 11.17  ? 6   DG  A H1     1 
ATOM   188 H  H21    . DG  A 1 6  ? -2.221  4.401  -3.988  1.00 13.63  ? 6   DG  A H21    1 
ATOM   189 H  H22    . DG  A 1 6  ? -0.764  4.552  -3.041  1.00 13.46  ? 6   DG  A H22    1 
ATOM   190 P  P      . DC  A 1 7  ? -6.195  -0.656 -8.844  1.00 20.45  ? 7   DC  A P      1 
ATOM   191 O  OP1    . DC  A 1 7  ? -7.472  -0.168 -9.395  1.00 26.46  ? 7   DC  A OP1    1 
ATOM   192 O  OP2    . DC  A 1 7  ? -5.654  -1.970 -9.275  1.00 22.35  ? 7   DC  A OP2    1 
ATOM   193 O  "O5'"  . DC  A 1 7  ? -5.052  0.412  -9.115  1.00 16.23  ? 7   DC  A "O5'"  1 
ATOM   194 C  "C5'"  . DC  A 1 7  ? -5.300  1.796  -8.844  1.00 14.36  ? 7   DC  A "C5'"  1 
ATOM   195 C  "C4'"  . DC  A 1 7  ? -4.011  2.578  -8.897  1.00 12.80  ? 7   DC  A "C4'"  1 
ATOM   196 O  "O4'"  . DC  A 1 7  ? -3.190  2.203  -7.789  1.00 12.84  ? 7   DC  A "O4'"  1 
ATOM   197 C  "C3'"  . DC  A 1 7  ? -3.121  2.308  -10.095 1.00 11.72  ? 7   DC  A "C3'"  1 
ATOM   198 O  "O3'"  . DC  A 1 7  ? -3.609  3.080  -11.186 1.00 13.08  ? 7   DC  A "O3'"  1 
ATOM   199 C  "C2'"  . DC  A 1 7  ? -1.769  2.783  -9.598  1.00 11.88  ? 7   DC  A "C2'"  1 
ATOM   200 C  "C1'"  . DC  A 1 7  ? -1.865  2.638  -8.079  1.00 11.87  ? 7   DC  A "C1'"  1 
ATOM   201 N  N1     . DC  A 1 7  ? -0.949  1.653  -7.487  1.00 11.21  ? 7   DC  A N1     1 
ATOM   202 C  C2     . DC  A 1 7  ? 0.066   2.086  -6.632  1.00 11.22  ? 7   DC  A C2     1 
ATOM   203 O  O2     . DC  A 1 7  ? 0.220   3.302  -6.447  1.00 11.92  ? 7   DC  A O2     1 
ATOM   204 N  N3     . DC  A 1 7  ? 0.851   1.171  -6.019  1.00 10.43  ? 7   DC  A N3     1 
ATOM   205 C  C4     . DC  A 1 7  ? 0.676   -0.129 -6.264  1.00 10.85  ? 7   DC  A C4     1 
ATOM   206 N  N4     . DC  A 1 7  ? 1.481   -0.996 -5.654  1.00 11.22  ? 7   DC  A N4     1 
ATOM   207 C  C5     . DC  A 1 7  ? -0.348  -0.600 -7.135  1.00 11.50  ? 7   DC  A C5     1 
ATOM   208 C  C6     . DC  A 1 7  ? -1.125  0.317  -7.726  1.00 11.44  ? 7   DC  A C6     1 
ATOM   209 H  "H5'"  . DC  A 1 7  ? -5.752  1.904  -7.856  1.00 14.04  ? 7   DC  A "H5'"  1 
ATOM   210 H  "H5''" . DC  A 1 7  ? -6.000  2.194  -9.582  1.00 14.15  ? 7   DC  A "H5''" 1 
ATOM   211 H  "H4'"  . DC  A 1 7  ? -4.239  3.652  -8.853  1.00 12.66  ? 7   DC  A "H4'"  1 
ATOM   212 H  "H3'"  . DC  A 1 7  ? -3.080  1.235  -10.323 1.00 12.23  ? 7   DC  A "H3'"  1 
ATOM   213 H  "H2'"  . DC  A 1 7  ? -0.966  2.160  -9.998  1.00 11.87  ? 7   DC  A "H2'"  1 
ATOM   214 H  "H2''" . DC  A 1 7  ? -1.594  3.823  -9.879  1.00 11.93  ? 7   DC  A "H2''" 1 
ATOM   215 H  "H1'"  . DC  A 1 7  ? -1.720  3.628  -7.631  1.00 12.03  ? 7   DC  A "H1'"  1 
ATOM   216 H  H41    . DC  A 1 7  ? 1.372   -1.986 -5.819  1.00 11.02  ? 7   DC  A H41    1 
ATOM   217 H  H42    . DC  A 1 7  ? 2.218   -0.666 -5.050  1.00 11.19  ? 7   DC  A H42    1 
ATOM   218 H  H5     . DC  A 1 7  ? -0.496  -1.659 -7.309  1.00 11.57  ? 7   DC  A H5     1 
ATOM   219 H  H6     . DC  A 1 7  ? -1.934  -0.003 -8.367  1.00 11.70  ? 7   DC  A H6     1 
ATOM   220 P  P      . DC  A 1 8  ? -3.605  2.511  -12.670 1.00 15.59  ? 8   DC  A P      1 
ATOM   221 O  OP1    . DC  A 1 8  ? -4.302  3.487  -13.534 1.00 18.83  ? 8   DC  A OP1    1 
ATOM   222 O  OP2    . DC  A 1 8  ? -4.057  1.099  -12.658 1.00 20.37  ? 8   DC  A OP2    1 
ATOM   223 O  "O5'"  . DC  A 1 8  ? -2.069  2.468  -13.062 1.00 13.43  ? 8   DC  A "O5'"  1 
ATOM   224 C  "C5'"  . DC  A 1 8  ? -1.331  3.671  -13.262 1.00 11.78  ? 8   DC  A "C5'"  1 
ATOM   225 C  "C4'"  . DC  A 1 8  ? 0.092   3.318  -13.606 1.00 11.92  ? 8   DC  A "C4'"  1 
ATOM   226 O  "O4'"  . DC  A 1 8  ? 0.668   2.617  -12.495 1.00 13.18  ? 8   DC  A "O4'"  1 
ATOM   227 C  "C3'"  . DC  A 1 8  ? 0.285   2.408  -14.818 1.00 12.90  ? 8   DC  A "C3'"  1 
ATOM   228 O  "O3'"  . DC  A 1 8  ? 0.783   3.263  -15.860 1.00 13.88  ? 8   DC  A "O3'"  1 
ATOM   229 C  "C2'"  . DC  A 1 8  ? 1.271   1.337  -14.350 1.00 12.12  ? 8   DC  A "C2'"  1 
ATOM   230 C  "C1'"  . DC  A 1 8  ? 1.722   1.798  -12.973 1.00 11.82  ? 8   DC  A "C1'"  1 
ATOM   231 N  N1     . DC  A 1 8  ? 1.900   0.744  -11.975 1.00 10.84  ? 8   DC  A N1     1 
ATOM   232 C  C2     . DC  A 1 8  ? 3.109   0.627  -11.282 1.00 10.15  ? 8   DC  A C2     1 
ATOM   233 O  O2     . DC  A 1 8  ? 4.075   1.327  -11.631 1.00 10.66  ? 8   DC  A O2     1 
ATOM   234 N  N3     . DC  A 1 8  ? 3.212   -0.289 -10.287 1.00 10.28  ? 8   DC  A N3     1 
ATOM   235 C  C4     . DC  A 1 8  ? 2.161   -1.048 -9.966  1.00 11.00  ? 8   DC  A C4     1 
ATOM   236 N  N4     . DC  A 1 8  ? 2.296   -1.914 -8.960  1.00 11.79  ? 8   DC  A N4     1 
ATOM   237 C  C5     . DC  A 1 8  ? 0.918   -0.943 -10.655 1.00 12.19  ? 8   DC  A C5     1 
ATOM   238 C  C6     . DC  A 1 8  ? 0.827   -0.032 -11.630 1.00 11.67  ? 8   DC  A C6     1 
ATOM   239 H  "H5'"  . DC  A 1 8  ? -1.356  4.277  -12.354 1.00 12.20  ? 8   DC  A "H5'"  1 
ATOM   240 H  "H5''" . DC  A 1 8  ? -1.775  4.250  -14.074 1.00 12.01  ? 8   DC  A "H5''" 1 
ATOM   241 H  "H4'"  . DC  A 1 8  ? 0.649   4.250  -13.775 1.00 12.06  ? 8   DC  A "H4'"  1 
ATOM   242 H  "H3'"  . DC  A 1 8  ? -0.671  1.944  -15.097 1.00 12.94  ? 8   DC  A "H3'"  1 
ATOM   243 H  "H2'"  . DC  A 1 8  ? 0.787   0.360  -14.306 1.00 12.17  ? 8   DC  A "H2'"  1 
ATOM   244 H  "H2''" . DC  A 1 8  ? 2.122   1.280  -15.028 1.00 12.26  ? 8   DC  A "H2''" 1 
ATOM   245 H  "H1'"  . DC  A 1 8  ? 2.633   2.401  -13.089 1.00 11.81  ? 8   DC  A "H1'"  1 
ATOM   246 H  H41    . DC  A 1 8  ? 1.526   -2.518 -8.708  1.00 11.62  ? 8   DC  A H41    1 
ATOM   247 H  H42    . DC  A 1 8  ? 3.189   -2.021 -8.500  1.00 11.72  ? 8   DC  A H42    1 
ATOM   248 H  H5     . DC  A 1 8  ? 0.061   -1.539 -10.363 1.00 12.40  ? 8   DC  A H5     1 
ATOM   249 H  H6     . DC  A 1 8  ? -0.113  0.111  -12.143 1.00 12.17  ? 8   DC  A H6     1 
ATOM   250 P  P      . DG  A 1 9  ? 0.729   2.843  -17.384 1.00 17.02  ? 9   DG  A P      1 
ATOM   251 O  OP1    . DG  A 1 9  ? 0.832   4.076  -18.183 1.00 20.56  ? 9   DG  A OP1    1 
ATOM   252 O  OP2    . DG  A 1 9  ? -0.419  1.945  -17.572 1.00 19.80  ? 9   DG  A OP2    1 
ATOM   253 O  "O5'"  . DG  A 1 9  ? 2.041   1.971  -17.572 1.00 15.47  ? 9   DG  A "O5'"  1 
ATOM   254 C  "C5'"  . DG  A 1 9  ? 3.318   2.600  -17.439 1.00 14.55  ? 9   DG  A "C5'"  1 
ATOM   255 C  "C4'"  . DG  A 1 9  ? 4.386   1.541  -17.445 1.00 15.88  ? 9   DG  A "C4'"  1 
ATOM   256 O  "O4'"  . DG  A 1 9  ? 4.258   0.761  -16.241 1.00 14.31  ? 9   DG  A "O4'"  1 
ATOM   257 C  "C3'"  . DG  A 1 9  ? 4.241   0.561  -18.611 1.00 19.12  ? 9   DG  A "C3'"  1 
ATOM   258 O  "O3'"  . DG  A 1 9  ? 5.508   0.294  -19.201 1.00 27.21  ? 9   DG  A "O3'"  1 
ATOM   259 C  "C2'"  . DG  A 1 9  ? 3.684   -0.695 -17.973 1.00 17.93  ? 9   DG  A "C2'"  1 
ATOM   260 C  "C1'"  . DG  A 1 9  ? 4.293   -0.603 -16.597 1.00 15.94  ? 9   DG  A "C1'"  1 
ATOM   261 N  N9     . DG  A 1 9  ? 3.658   -1.366 -15.535 1.00 14.17  ? 9   DG  A N9     1 
ATOM   262 C  C8     . DG  A 1 9  ? 2.419   -1.957 -15.491 1.00 15.25  ? 9   DG  A C8     1 
ATOM   263 N  N7     . DG  A 1 9  ? 2.195   -2.586 -14.367 1.00 14.71  ? 9   DG  A N7     1 
ATOM   264 C  C5     . DG  A 1 9  ? 3.354   -2.393 -13.629 1.00 13.14  ? 9   DG  A C5     1 
ATOM   265 C  C6     . DG  A 1 9  ? 3.732   -2.879 -12.348 1.00 12.21  ? 9   DG  A C6     1 
ATOM   266 O  O6     . DG  A 1 9  ? 3.097   -3.602 -11.578 1.00 13.45  ? 9   DG  A O6     1 
ATOM   267 N  N1     . DG  A 1 9  ? 5.011   -2.460 -11.998 1.00 11.72  ? 9   DG  A N1     1 
ATOM   268 C  C2     . DG  A 1 9  ? 5.826   -1.677 -12.777 1.00 11.66  ? 9   DG  A C2     1 
ATOM   269 N  N2     . DG  A 1 9  ? 7.025   -1.367 -12.270 1.00 12.25  ? 9   DG  A N2     1 
ATOM   270 N  N3     . DG  A 1 9  ? 5.498   -1.246 -13.978 1.00 12.88  ? 9   DG  A N3     1 
ATOM   271 C  C4     . DG  A 1 9  ? 4.264   -1.644 -14.341 1.00 13.07  ? 9   DG  A C4     1 
ATOM   272 H  "H5'"  . DG  A 1 9  ? 3.357   3.153  -16.499 1.00 14.91  ? 9   DG  A "H5'"  1 
ATOM   273 H  "H5''" . DG  A 1 9  ? 3.477   3.301  -18.260 1.00 14.99  ? 9   DG  A "H5''" 1 
ATOM   274 H  "H4'"  . DG  A 1 9  ? 5.374   2.020  -17.488 1.00 15.98  ? 9   DG  A "H4'"  1 
ATOM   275 H  "H3'"  . DG  A 1 9  ? 3.527   0.956  -19.347 1.00 19.26  ? 9   DG  A "H3'"  1 
ATOM   276 H  "H2'"  . DG  A 1 9  ? 2.594   -0.663 -17.944 1.00 18.10  ? 9   DG  A "H2'"  1 
ATOM   277 H  "H2''" . DG  A 1 9  ? 4.022   -1.592 -18.496 1.00 18.16  ? 9   DG  A "H2''" 1 
ATOM   278 H  "H1'"  . DG  A 1 9  ? 5.342   -0.919 -16.682 1.00 15.47  ? 9   DG  A "H1'"  1 
ATOM   279 H  H8     . DG  A 1 9  ? 1.700   -1.910 -16.294 1.00 15.39  ? 9   DG  A H8     1 
ATOM   280 H  H1     . DG  A 1 9  ? 5.359   -2.741 -11.062 1.00 11.76  ? 9   DG  A H1     1 
ATOM   281 H  H21    . DG  A 1 9  ? 7.649   -0.810 -12.822 1.00 12.02  ? 9   DG  A H21    1 
ATOM   282 H  H22    . DG  A 1 9  ? 7.305   -1.684 -11.357 1.00 12.24  ? 9   DG  A H22    1 
ATOM   283 P  P      . DA  A 1 10 ? 5.678   0.471  -20.770 1.00 29.75  ? 10  DA  A P      1 
ATOM   284 O  OP1    . DA  A 1 10 ? 4.466   -0.061 -21.445 1.00 31.46  ? 10  DA  A OP1    1 
ATOM   285 O  OP2    . DA  A 1 10 ? 7.022   0.000  -21.142 1.00 30.34  ? 10  DA  A OP2    1 
ATOM   286 O  "O5'"  . DA  A 1 10 ? 5.582   2.040  -20.964 1.00 25.25  ? 10  DA  A "O5'"  1 
ATOM   287 C  "C5'"  . DA  A 1 10 ? 6.722   2.843  -20.693 1.00 23.39  ? 10  DA  A "C5'"  1 
ATOM   288 C  "C4'"  . DA  A 1 10 ? 6.291   4.284  -20.716 1.00 20.24  ? 10  DA  A "C4'"  1 
ATOM   289 O  "O4'"  . DA  A 1 10 ? 5.423   4.530  -19.590 1.00 20.02  ? 10  DA  A "O4'"  1 
ATOM   290 C  "C3'"  . DA  A 1 10 ? 7.435   5.288  -20.612 1.00 23.19  ? 10  DA  A "C3'"  1 
ATOM   291 O  "O3'"  . DA  A 1 10 ? 7.210   6.348  -21.539 1.00 28.07  ? 10  DA  A "O3'"  1 
ATOM   292 C  "C2'"  . DA  A 1 10 ? 7.356   5.775  -19.177 1.00 22.33  ? 10  DA  A "C2'"  1 
ATOM   293 C  "C1'"  . DA  A 1 10 ? 5.877   5.662  -18.872 1.00 19.25  ? 10  DA  A "C1'"  1 
ATOM   294 N  N9     . DA  A 1 10 ? 5.508   5.468  -17.472 1.00 17.89  ? 10  DA  A N9     1 
ATOM   295 C  C8     . DA  A 1 10 ? 6.175   4.789  -16.483 1.00 17.68  ? 10  DA  A C8     1 
ATOM   296 N  N7     . DA  A 1 10 ? 5.546   4.782  -15.333 1.00 15.16  ? 10  DA  A N7     1 
ATOM   297 C  C5     . DA  A 1 10 ? 4.376   5.481  -15.588 1.00 13.91  ? 10  DA  A C5     1 
ATOM   298 C  C6     . DA  A 1 10 ? 3.281   5.828  -14.776 1.00 12.48  ? 10  DA  A C6     1 
ATOM   299 N  N6     . DA  A 1 10 ? 3.178   5.494  -13.488 1.00 11.60  ? 10  DA  A N6     1 
ATOM   300 N  N1     . DA  A 1 10 ? 2.278   6.534  -15.344 1.00 13.87  ? 10  DA  A N1     1 
ATOM   301 C  C2     . DA  A 1 10 ? 2.384   6.878  -16.635 1.00 15.88  ? 10  DA  A C2     1 
ATOM   302 N  N3     . DA  A 1 10 ? 3.365   6.617  -17.494 1.00 16.73  ? 10  DA  A N3     1 
ATOM   303 C  C4     . DA  A 1 10 ? 4.343   5.914  -16.901 1.00 15.36  ? 10  DA  A C4     1 
ATOM   304 H  "H5'"  . DA  A 1 10 ? 7.493   2.664  -21.443 1.00 21.59  ? 10  DA  A "H5'"  1 
ATOM   305 H  "H5''" . DA  A 1 10 ? 7.130   2.592  -19.711 1.00 23.34  ? 10  DA  A "H5''" 1 
ATOM   306 H  "H4'"  . DA  A 1 10 ? 5.742   4.468  -21.650 1.00 20.68  ? 10  DA  A "H4'"  1 
ATOM   307 H  "H3'"  . DA  A 1 10 ? 8.398   4.789  -20.794 1.00 22.74  ? 10  DA  A "H3'"  1 
ATOM   308 H  "HO3'" . DA  A 1 10 ? 6.480   6.986  -21.386 1.00 26.88  ? 10  DA  A "HO3'" 1 
ATOM   309 H  "H2'"  . DA  A 1 10 ? 7.961   5.143  -18.524 1.00 21.82  ? 10  DA  A "H2'"  1 
ATOM   310 H  "H2''" . DA  A 1 10 ? 7.692   6.810  -19.100 1.00 22.12  ? 10  DA  A "H2''" 1 
ATOM   311 H  "H1'"  . DA  A 1 10 ? 5.381   6.562  -19.262 1.00 19.35  ? 10  DA  A "H1'"  1 
ATOM   312 H  H8     . DA  A 1 10 ? 7.138   4.317  -16.629 1.00 17.17  ? 10  DA  A H8     1 
ATOM   313 H  H61    . DA  A 1 10 ? 2.365   5.769  -12.957 1.00 11.68  ? 10  DA  A H61    1 
ATOM   314 H  H62    . DA  A 1 10 ? 3.913   4.963  -13.044 1.00 11.73  ? 10  DA  A H62    1 
ATOM   315 H  H2     . DA  A 1 10 ? 1.554   7.445  -17.036 1.00 15.46  ? 10  DA  A H2     1 
HETATM 316 C  C14    . 2J0 B 2 .  ? -13.835 -0.209 11.942  1.00 16.67  ? 101 2J0 A C14    1 
HETATM 317 C  C13    . 2J0 B 2 .  ? -12.532 -0.564 11.585  1.00 14.87  ? 101 2J0 A C13    1 
HETATM 318 N  N4     . 2J0 B 2 .  ? -12.140 -0.421 10.300  1.00 13.36  ? 101 2J0 A N4     1 
HETATM 319 C  C7     . 2J0 B 2 .  ? -10.877 -0.782 9.955   1.00 11.52  ? 101 2J0 A C7     1 
HETATM 320 C  C8     . 2J0 B 2 .  ? -10.435 -0.642 8.609   1.00 10.98  ? 101 2J0 A C8     1 
HETATM 321 C  C9     . 2J0 B 2 .  ? -11.244 -0.144 7.591   1.00 11.62  ? 101 2J0 A C9     1 
HETATM 322 C  C11    . 2J0 B 2 .  ? -10.756 -0.041 6.299   1.00 11.40  ? 101 2J0 A C11    1 
HETATM 323 C  C12    . 2J0 B 2 .  ? -9.434  -0.446 6.019   1.00 10.63  ? 101 2J0 A C12    1 
HETATM 324 C  C10    . 2J0 B 2 .  ? -9.122  -1.021 8.255   1.00 10.10  ? 101 2J0 A C10    1 
HETATM 325 N  N1     . 2J0 B 2 .  ? -8.620  -1.034 6.931   1.00 10.15  ? 101 2J0 A N1     1 
HETATM 326 C  C18    . 2J0 B 2 .  ? -14.239 -0.338 13.267  1.00 17.93  ? 101 2J0 A C18    1 
HETATM 327 C  C17    . 2J0 B 2 .  ? -13.372 -0.839 14.240  1.00 18.48  ? 101 2J0 A C17    1 
HETATM 328 C  C16    . 2J0 B 2 .  ? -12.083 -1.211 13.903  1.00 17.12  ? 101 2J0 A C16    1 
HETATM 329 C  C15    . 2J0 B 2 .  ? -11.664 -1.079 12.570  1.00 14.48  ? 101 2J0 A C15    1 
HETATM 330 N  N3     . 2J0 B 2 .  ? -10.408 -1.446 12.239  1.00 13.33  ? 101 2J0 A N3     1 
HETATM 331 C  C6     . 2J0 B 2 .  ? -9.994  -1.310 10.952  1.00 11.99  ? 101 2J0 A C6     1 
HETATM 332 C  C5     . 2J0 B 2 .  ? -8.661  -1.669 10.586  1.00 11.10  ? 101 2J0 A C5     1 
HETATM 333 C  C1     . 2J0 B 2 .  ? -8.239  -1.518 9.239   1.00 10.13  ? 101 2J0 A C1     1 
HETATM 334 C  C4     . 2J0 B 2 .  ? -7.743  -2.167 11.513  1.00 12.32  ? 101 2J0 A C4     1 
HETATM 335 C  C3     . 2J0 B 2 .  ? -6.467  -2.484 11.066  1.00 12.79  ? 101 2J0 A C3     1 
HETATM 336 C  C2     . 2J0 B 2 .  ? -6.106  -2.306 9.718   1.00 11.21  ? 101 2J0 A C2     1 
HETATM 337 N  N2     . 2J0 B 2 .  ? -6.921  -1.751 8.797   1.00 10.36  ? 101 2J0 A N2     1 
HETATM 338 RU RU     . 2J0 B 2 .  ? -6.685  -1.514 6.829   1.00 9.60   ? 101 2J0 A RU     1 
HETATM 339 N  N12    . 2J0 B 2 .  ? -4.710  -1.897 6.819   1.00 9.49   ? 101 2J0 A N12    1 
HETATM 340 C  C36    . 2J0 B 2 .  ? -3.954  -0.710 7.004   1.00 9.02   ? 101 2J0 A C36    1 
HETATM 341 C  C38    . 2J0 B 2 .  ? -3.964  -2.996 6.803   1.00 10.18  ? 101 2J0 A C38    1 
HETATM 342 N  N5     . 2J0 B 2 .  ? -7.201  -3.386 6.441   1.00 11.23  ? 101 2J0 A N5     1 
HETATM 343 C  C20    . 2J0 B 2 .  ? -7.377  -4.513 7.174   1.00 12.50  ? 101 2J0 A C20    1 
HETATM 344 C  C21    . 2J0 B 2 .  ? -7.704  -5.756 6.593   1.00 14.36  ? 101 2J0 A C21    1 
HETATM 345 N  N6     . 2J0 B 2 .  ? -7.782  -5.963 5.279   1.00 14.28  ? 101 2J0 A N6     1 
HETATM 346 C  C19    . 2J0 B 2 .  ? -7.211  -3.647 5.055   1.00 11.52  ? 101 2J0 A C19    1 
HETATM 347 C  C22    . 2J0 B 2 .  ? -7.532  -4.908 4.471   1.00 13.09  ? 101 2J0 A C22    1 
HETATM 348 C  C23    . 2J0 B 2 .  ? -7.580  -5.067 3.079   1.00 14.18  ? 101 2J0 A C23    1 
HETATM 349 C  C24    . 2J0 B 2 .  ? -7.298  -3.992 2.233   1.00 13.81  ? 101 2J0 A C24    1 
HETATM 350 C  C25    . 2J0 B 2 .  ? -6.951  -2.735 2.793   1.00 12.05  ? 101 2J0 A C25    1 
HETATM 351 N  N7     . 2J0 B 2 .  ? -6.655  -1.678 2.000   1.00 13.00  ? 101 2J0 A N7     1 
HETATM 352 C  C27    . 2J0 B 2 .  ? -6.377  -0.501 2.593   1.00 12.09  ? 101 2J0 A C27    1 
HETATM 353 C  C28    . 2J0 B 2 .  ? -6.372  -0.339 4.004   1.00 11.10  ? 101 2J0 A C28    1 
HETATM 354 C  C26    . 2J0 B 2 .  ? -6.934  -2.556 4.203   1.00 11.31  ? 101 2J0 A C26    1 
HETATM 355 N  N8     . 2J0 B 2 .  ? -6.558  -1.348 4.843   1.00 10.38  ? 101 2J0 A N8     1 
HETATM 356 N  N9     . 2J0 B 2 .  ? -6.072  0.374  7.139   1.00 9.19   ? 101 2J0 A N9     1 
HETATM 357 C  C29    . 2J0 B 2 .  ? -4.674  0.490  7.117   1.00 9.15   ? 101 2J0 A C29    1 
HETATM 358 C  C30    . 2J0 B 2 .  ? -6.706  1.547  7.204   1.00 9.91   ? 101 2J0 A C30    1 
HETATM 359 C  C31    . 2J0 B 2 .  ? -6.023  2.785  7.322   1.00 10.39  ? 101 2J0 A C31    1 
HETATM 360 N  N10    . 2J0 B 2 .  ? -4.683  2.896  7.347   1.00 10.14  ? 101 2J0 A N10    1 
HETATM 361 C  C32    . 2J0 B 2 .  ? -3.993  1.726  7.233   1.00 9.27   ? 101 2J0 A C32    1 
HETATM 362 C  C33    . 2J0 B 2 .  ? -2.579  1.732  7.242   1.00 9.61   ? 101 2J0 A C33    1 
HETATM 363 C  C34    . 2J0 B 2 .  ? -1.877  0.547  7.135   1.00 9.54   ? 101 2J0 A C34    1 
HETATM 364 C  C35    . 2J0 B 2 .  ? -2.535  -0.682 7.028   1.00 9.34   ? 101 2J0 A C35    1 
HETATM 365 N  N11    . 2J0 B 2 .  ? -1.839  -1.844 6.946   1.00 9.83   ? 101 2J0 A N11    1 
HETATM 366 C  C37    . 2J0 B 2 .  ? -2.553  -2.969 6.845   1.00 10.10  ? 101 2J0 A C37    1 
HETATM 367 C  C39    . 2J0 B 2 .  ? -14.773 0.332  10.897  1.00 19.05  ? 101 2J0 A C39    1 
HETATM 368 H  H9     . 2J0 B 2 .  ? -12.272 0.132  7.794   1.00 11.48  ? 101 2J0 A H9     1 
HETATM 369 H  H11    . 2J0 B 2 .  ? -11.396 0.318  5.502   1.00 11.14  ? 101 2J0 A H11    1 
HETATM 370 H  H12    . 2J0 B 2 .  ? -9.079  -0.350 5.001   1.00 10.75  ? 101 2J0 A H12    1 
HETATM 371 H  H18    . 2J0 B 2 .  ? -15.252 -0.074 13.545  1.00 17.77  ? 101 2J0 A H18    1 
HETATM 372 H  H17    . 2J0 B 2 .  ? -13.714 -0.944 15.263  1.00 17.84  ? 101 2J0 A H17    1 
HETATM 373 H  H16    . 2J0 B 2 .  ? -11.406 -1.588 14.658  1.00 16.95  ? 101 2J0 A H16    1 
HETATM 374 H  H4     . 2J0 B 2 .  ? -8.003  -2.284 12.557  1.00 12.14  ? 101 2J0 A H4     1 
HETATM 375 H  H3     . 2J0 B 2 .  ? -5.738  -2.873 11.765  1.00 13.06  ? 101 2J0 A H3     1 
HETATM 376 H  H2     . 2J0 B 2 .  ? -5.110  -2.593 9.410   1.00 11.37  ? 101 2J0 A H2     1 
HETATM 377 H  H38    . 2J0 B 2 .  ? -4.460  -3.950 6.686   1.00 10.23  ? 101 2J0 A H38    1 
HETATM 378 H  H20    . 2J0 B 2 .  ? -7.402  -4.424 8.253   1.00 12.69  ? 101 2J0 A H20    1 
HETATM 379 H  H21    . 2J0 B 2 .  ? -7.951  -6.580 7.249   1.00 13.83  ? 101 2J0 A H21    1 
HETATM 380 H  H23    . 2J0 B 2 .  ? -7.805  -6.038 2.656   1.00 13.87  ? 101 2J0 A H23    1 
HETATM 381 H  H24    . 2J0 B 2 .  ? -7.312  -4.122 1.159   1.00 13.23  ? 101 2J0 A H24    1 
HETATM 382 H  H27    . 2J0 B 2 .  ? -6.167  0.362  1.977   1.00 12.18  ? 101 2J0 A H27    1 
HETATM 383 H  H28    . 2J0 B 2 .  ? -6.103  0.623  4.416   1.00 11.07  ? 101 2J0 A H28    1 
HETATM 384 H  H30    . 2J0 B 2 .  ? -7.785  1.544  7.165   1.00 9.83   ? 101 2J0 A H30    1 
HETATM 385 H  H31    . 2J0 B 2 .  ? -6.617  3.686  7.388   1.00 10.25  ? 101 2J0 A H31    1 
HETATM 386 H  H33    . 2J0 B 2 .  ? -2.044  2.666  7.361   1.00 9.54   ? 101 2J0 A H33    1 
HETATM 387 H  H34    . 2J0 B 2 .  ? -0.801  0.560  7.171   1.00 9.40   ? 101 2J0 A H34    1 
HETATM 388 H  H37    . 2J0 B 2 .  ? -2.023  -3.905 6.728   1.00 10.19  ? 101 2J0 A H37    1 
HETATM 389 H  H392   . 2J0 B 2 .  ? -15.717 0.533  11.335  1.00 18.33  ? 101 2J0 A H392   1 
HETATM 390 H  H39    . 2J0 B 2 .  ? -14.375 1.226  10.498  1.00 18.56  ? 101 2J0 A H39    1 
HETATM 391 H  H391   . 2J0 B 2 .  ? -14.890 -0.380 10.122  1.00 18.55  ? 101 2J0 A H391   1 
HETATM 392 BA BA     . BA  C 3 .  ? 3.662   1.250  5.712   1.00 9.82   ? 102 BA  A BA     1 
HETATM 393 CL CL     . CL  D 4 .  ? 3.198   -2.420 1.581   0.50 12.16  ? 103 CL  A CL     1 
HETATM 394 O  O      . HOH E 5 .  ? 5.357   1.248  7.945   1.00 11.81  ? 201 HOH A O      1 
HETATM 395 O  O      . HOH E 5 .  ? 4.720   -1.302 6.257   1.00 11.13  ? 202 HOH A O      1 
HETATM 396 O  O      . HOH E 5 .  ? 2.990   3.575  7.048   1.00 11.71  ? 203 HOH A O      1 
HETATM 397 O  O      . HOH E 5 .  ? 7.451   8.087  16.878  1.00 30.75  ? 204 HOH A O      1 
HETATM 398 O  O      . HOH E 5 .  ? -5.157  -7.561 3.137   1.00 14.67  ? 205 HOH A O      1 
HETATM 399 O  O      . HOH E 5 .  ? 5.830   2.941  5.202   1.00 19.43  ? 206 HOH A O      1 
HETATM 400 O  O      . HOH E 5 .  ? 2.585   -8.853 9.183   1.00 23.26  ? 207 HOH A O      1 
HETATM 401 O  O      . HOH E 5 .  ? 6.967   3.256  9.029   1.00 17.60  ? 208 HOH A O      1 
HETATM 402 O  O      . HOH E 5 .  ? 4.842   -0.001 3.494   1.00 19.93  ? 209 HOH A O      1 
HETATM 403 O  O      . HOH E 5 .  ? -2.964  -9.218 2.661   1.00 18.78  ? 210 HOH A O      1 
HETATM 404 O  O      . HOH E 5 .  ? -4.307  -5.440 4.672   1.00 13.39  ? 211 HOH A O      1 
HETATM 405 O  O      . HOH E 5 .  ? -2.836  -2.488 10.273  0.70 14.95  ? 212 HOH A O      1 
HETATM 406 O  O      . HOH E 5 .  ? 6.710   6.113  11.649  1.00 22.77  ? 213 HOH A O      1 
HETATM 407 O  O      . HOH E 5 .  ? -1.233  -9.574 4.772   1.00 24.51  ? 214 HOH A O      1 
HETATM 408 O  O      . HOH E 5 .  ? -3.124  -6.410 7.070   1.00 19.73  ? 215 HOH A O      1 
HETATM 409 O  O      . HOH E 5 .  ? 4.815   3.999  -11.673 1.00 11.93  ? 216 HOH A O      1 
HETATM 410 O  O      . HOH E 5 .  ? -6.758  -7.705 0.783   1.00 15.33  ? 217 HOH A O      1 
HETATM 411 O  O      . HOH E 5 .  ? 0.744   -3.430 -2.930  1.00 17.26  ? 218 HOH A O      1 
HETATM 412 O  O      . HOH E 5 .  ? 3.262   2.851  3.424   1.00 13.51  ? 219 HOH A O      1 
HETATM 413 O  O      . HOH E 5 .  ? 1.232   -3.878 -5.626  1.00 23.79  ? 220 HOH A O      1 
HETATM 414 O  O      . HOH E 5 .  ? 2.774   11.342 13.703  1.00 30.61  ? 221 HOH A O      1 
HETATM 415 O  O      . HOH E 5 .  ? -2.258  6.097  -5.752  1.00 21.02  ? 222 HOH A O      1 
HETATM 416 O  O      . HOH E 5 .  ? -2.122  -4.900 9.618   1.00 21.48  ? 223 HOH A O      1 
HETATM 417 O  O      . HOH E 5 .  ? 8.072   -5.004 7.851   1.00 20.76  ? 224 HOH A O      1 
HETATM 418 O  O      . HOH E 5 .  ? -5.520  0.232  13.161  1.00 16.52  ? 225 HOH A O      1 
HETATM 419 O  O      . HOH E 5 .  ? -1.860  -7.173 -3.638  1.00 23.91  ? 226 HOH A O      1 
HETATM 420 O  O      . HOH E 5 .  ? 3.083   -7.114 1.435   1.00 52.77  ? 227 HOH A O      1 
HETATM 421 O  O      . HOH E 5 .  ? -0.340  -3.530 -13.799 1.00 30.39  ? 228 HOH A O      1 
HETATM 422 O  O      . HOH E 5 .  ? 10.514  1.410  16.655  1.00 28.08  ? 229 HOH A O      1 
HETATM 423 O  O      . HOH E 5 .  ? 4.702   -3.589 4.642   1.00 20.34  ? 230 HOH A O      1 
HETATM 424 O  O      . HOH E 5 .  ? 2.068   4.750  -20.519 1.00 35.55  ? 231 HOH A O      1 
HETATM 425 O  O      . HOH E 5 .  ? 0.381   -6.018 -2.471  0.50 16.08  ? 232 HOH A O      1 
HETATM 426 O  O      . HOH E 5 .  ? 8.765   -0.378 7.781   1.00 22.82  ? 233 HOH A O      1 
HETATM 427 O  O      . HOH E 5 .  ? -2.553  -9.026 7.141   1.00 24.00  ? 234 HOH A O      1 
HETATM 428 O  O      . HOH E 5 .  ? 10.653  0.073  14.089  1.00 29.25  ? 235 HOH A O      1 
HETATM 429 O  O      . HOH E 5 .  ? -4.731  3.203  -4.552  1.00 23.16  ? 236 HOH A O      1 
HETATM 430 O  O      . HOH E 5 .  ? 9.518   -2.733 10.735  1.00 19.34  ? 237 HOH A O      1 
HETATM 431 O  O      . HOH E 5 .  ? -2.583  -1.888 -9.822  1.00 23.91  ? 238 HOH A O      1 
HETATM 432 O  O      . HOH E 5 .  ? 10.117  -0.169 10.175  1.00 21.69  ? 239 HOH A O      1 
HETATM 433 O  O      . HOH E 5 .  ? 2.919   7.553  -20.112 1.00 29.19  ? 240 HOH A O      1 
HETATM 434 O  O      . HOH E 5 .  ? -2.228  -1.092 -12.310 0.70 22.46  ? 241 HOH A O      1 
HETATM 435 O  O      . HOH E 5 .  ? -8.866  1.837  -6.847  1.00 33.53  ? 242 HOH A O      1 
HETATM 436 O  O      . HOH E 5 .  ? -0.017  -3.790 -8.902  1.00 22.72  ? 243 HOH A O      1 
HETATM 437 O  O      . HOH E 5 .  ? -6.197  1.026  -0.353  1.00 20.36  ? 244 HOH A O      1 
HETATM 438 O  O      . HOH E 5 .  ? 0.648   -7.981 10.884  1.00 25.81  ? 245 HOH A O      1 
HETATM 439 O  O      . HOH E 5 .  ? 2.390   -7.484 -3.618  1.00 37.11  ? 246 HOH A O      1 
HETATM 440 O  O      . HOH E 5 .  ? -5.468  -2.285 14.373  1.00 24.81  ? 247 HOH A O      1 
HETATM 441 O  O      . HOH E 5 .  ? -9.096  -6.037 9.440   1.00 15.10  ? 248 HOH A O      1 
HETATM 442 O  O      . HOH E 5 .  ? -0.438  5.770  -7.747  1.00 18.23  ? 249 HOH A O      1 
HETATM 443 O  O      . HOH E 5 .  ? 0.744   -4.899 -11.321 1.00 23.35  ? 250 HOH A O      1 
HETATM 444 O  O      . HOH E 5 .  ? -3.480  -3.655 12.964  1.00 24.09  ? 251 HOH A O      1 
HETATM 445 O  O      . HOH E 5 .  ? 4.269   -5.957 -4.846  1.00 23.87  ? 252 HOH A O      1 
HETATM 446 O  O      . HOH E 5 .  ? 0.521   -9.981 12.710  1.00 24.93  ? 253 HOH A O      1 
HETATM 447 O  O      . HOH E 5 .  ? 6.024   -7.149 7.863   0.50 22.19  ? 254 HOH A O      1 
HETATM 448 O  O      . HOH E 5 .  ? -2.148  -4.355 -6.155  1.00 27.93  ? 255 HOH A O      1 
HETATM 449 O  O      . HOH E 5 .  ? 9.595   -2.662 13.504  0.50 17.18  ? 256 HOH A O      1 
HETATM 450 O  O      . HOH E 5 .  ? -6.829  -6.217 10.866  1.00 29.15  ? 257 HOH A O      1 
HETATM 451 O  O      . HOH E 5 .  ? 10.988  3.861  -19.232 1.00 36.59  ? 258 HOH A O      1 
HETATM 452 O  O      . HOH E 5 .  ? -9.731  -0.968 -8.153  1.00 31.59  ? 259 HOH A O      1 
HETATM 453 O  O      . HOH E 5 .  ? -0.873  -0.541 -16.861 1.00 40.39  ? 260 HOH A O      1 
HETATM 454 O  O      . HOH E 5 .  ? -6.023  -5.164 13.334  1.00 34.16  ? 261 HOH A O      1 
HETATM 455 O  O      . HOH E 5 .  ? -4.856  -5.447 8.989   1.00 30.20  ? 262 HOH A O      1 
HETATM 456 O  O      . HOH E 5 .  ? 3.771   11.521 18.100  1.00 40.63  ? 263 HOH A O      1 
HETATM 457 O  O      . HOH E 5 .  ? -18.179 0.754  12.732  1.00 51.94  ? 264 HOH A O      1 
HETATM 458 O  O      . HOH E 5 .  ? 7.413   -3.804 5.418   0.50 20.19  ? 265 HOH A O      1 
HETATM 459 O  O      . HOH E 5 .  ? 12.169  3.325  16.344  0.40 28.85  ? 266 HOH A O      1 
HETATM 460 O  O      . HOH E 5 .  ? 4.431   7.206  10.005  0.50 21.59  ? 267 HOH A O      1 
HETATM 461 O  O      . HOH E 5 .  ? 7.296   -1.341 3.923   1.00 29.92  ? 268 HOH A O      1 
HETATM 462 O  O      . HOH E 5 .  ? 8.609   -2.833 12.227  0.50 17.35  ? 269 HOH A O      1 
HETATM 463 O  O      . HOH E 5 .  ? 0.276   -2.267 -18.210 1.00 44.09  ? 270 HOH A O      1 
HETATM 464 O  O      . HOH E 5 .  ? -1.618  -0.969 -14.084 0.30 24.10  ? 271 HOH A O      1 
HETATM 465 O  O      . HOH E 5 .  ? 5.935   10.226 17.776  1.00 50.00  ? 272 HOH A O      1 
HETATM 466 O  O      . HOH E 5 .  ? 3.305   -2.463 -20.871 1.00 40.95  ? 273 HOH A O      1 
HETATM 467 O  O      . HOH E 5 .  ? 7.935   9.113  -21.471 1.00 52.91  ? 274 HOH A O      1 
HETATM 468 O  O      . HOH E 5 .  ? -1.714  -5.219 -16.603 1.00 127.45 ? 275 HOH A O      1 
HETATM 469 O  O      . HOH E 5 .  ? 2.151   -4.484 -0.544  1.00 61.55  ? 276 HOH A O      1 
HETATM 470 O  O      . HOH E 5 .  ? 3.383   -1.505 1.622   0.50 13.24  ? 277 HOH A O      1 
HETATM 471 O  O      . HOH E 5 .  ? 2.216   10.306 10.994  0.50 30.41  ? 278 HOH A O      1 
HETATM 472 O  O      . HOH E 5 .  ? -8.093  1.445  -11.390 1.00 51.26  ? 279 HOH A O      1 
HETATM 473 O  O      . HOH E 5 .  ? 11.246  -3.943 12.280  0.50 22.12  ? 280 HOH A O      1 
HETATM 474 O  O      . HOH E 5 .  ? -4.089  2.868  -16.553 1.00 53.94  ? 281 HOH A O      1 
HETATM 475 O  O      . HOH E 5 .  ? 12.890  5.858  17.214  1.00 78.18  ? 282 HOH A O      1 
HETATM 476 O  O      . HOH E 5 .  ? 6.848   -5.160 -0.128  0.50 99.04  ? 283 HOH A O      1 
HETATM 477 O  O      . HOH E 5 .  ? -7.033  -0.074 -15.574 1.00 62.03  ? 284 HOH A O      1 
HETATM 478 O  O      . HOH E 5 .  ? 0.573   12.944 15.071  1.00 74.38  ? 285 HOH A O      1 
HETATM 479 O  O      . HOH E 5 .  ? 12.870  -1.098 13.313  0.50 25.94  ? 286 HOH A O      1 
HETATM 480 O  O      . HOH E 5 .  ? 10.216  5.198  10.257  0.50 31.93  ? 287 HOH A O      1 
HETATM 481 O  O      . HOH E 5 .  ? 4.313   2.855  -24.837 0.50 37.95  ? 288 HOH A O      1 
HETATM 482 O  O      . HOH E 5 .  ? 3.345   0.468  -24.159 0.50 38.63  ? 289 HOH A O      1 
HETATM 483 O  O      . HOH E 5 .  ? -3.826  -2.859 3.579   1.00 11.61  ? 290 HOH A O      1 
HETATM 484 O  O      . HOH E 5 .  ? 3.637   7.514  8.897   0.50 65.08  ? 291 HOH A O      1 
HETATM 485 O  O      . HOH E 5 .  ? -5.273  4.035  -2.267  0.50 27.58  ? 292 HOH A O      1 
HETATM 486 O  O      . HOH E 5 .  ? 5.179   5.075  -24.164 0.50 38.10  ? 293 HOH A O      1 
HETATM 487 O  O      . HOH E 5 .  ? 10.295  6.700  -22.988 0.50 44.91  ? 294 HOH A O      1 
HETATM 488 O  O      . HOH E 5 .  ? -6.920  4.280  -12.984 0.50 32.76  ? 295 HOH A O      1 
HETATM 489 O  O      . HOH E 5 .  ? -2.756  -2.118 11.373  0.30 14.72  ? 296 HOH A O      1 
HETATM 490 O  O      . HOH E 5 .  ? 6.724   -7.901 8.100   0.50 66.60  ? 297 HOH A O      1 
HETATM 491 O  O      . HOH E 5 .  ? 10.792  -2.102 6.468   1.00 48.49  ? 298 HOH A O      1 
HETATM 492 O  O      . HOH E 5 .  ? 3.811   9.790  9.685   0.50 30.65  ? 299 HOH A O      1 
HETATM 493 O  O      . HOH E 5 .  ? -10.739 -0.715 -12.688 0.50 38.88  ? 300 HOH A O      1 
HETATM 494 O  O      . HOH E 5 .  ? -8.742  3.335  -14.172 0.50 75.40  ? 301 HOH A O      1 
HETATM 495 O  O      . HOH E 5 .  ? -4.704  -5.934 11.479  0.50 23.46  ? 302 HOH A O      1 
HETATM 496 O  O      . HOH E 5 .  ? -3.383  -5.534 -11.154 0.50 41.34  ? 303 HOH A O      1 
HETATM 497 O  O      . HOH E 5 .  ? 12.991  -3.702 12.746  0.50 24.37  ? 304 HOH A O      1 
HETATM 498 O  O      . HOH E 5 .  ? 6.798   -6.204 -1.440  0.50 41.29  ? 305 HOH A O      1 
HETATM 499 O  O      . HOH E 5 .  ? 7.447   4.849  -25.037 0.50 29.87  ? 306 HOH A O      1 
HETATM 500 O  O      . HOH E 5 .  ? 10.750  6.582  -20.087 1.00 48.72  ? 307 HOH A O      1 
HETATM 501 O  O      . HOH E 5 .  ? -6.005  3.413  -1.355  0.50 40.62  ? 308 HOH A O      1 
HETATM 502 O  O      . HOH E 5 .  ? 12.197  3.044  12.817  0.50 31.28  ? 309 HOH A O      1 
HETATM 503 O  O      . HOH E 5 .  ? -0.960  1.338  -20.427 0.50 35.70  ? 310 HOH A O      1 
HETATM 504 O  O      . HOH E 5 .  ? -5.242  -7.778 8.655   0.50 26.54  ? 311 HOH A O      1 
HETATM 505 O  O      . HOH E 5 .  ? -6.260  -2.812 -11.988 0.50 30.65  ? 312 HOH A O      1 
HETATM 506 O  O      . HOH E 5 .  ? -2.727  -9.888 9.794   1.00 56.39  ? 313 HOH A O      1 
HETATM 507 O  O      . HOH E 5 .  ? -3.002  -4.345 -8.814  0.50 36.11  ? 314 HOH A O      1 
HETATM 508 O  O      . HOH E 5 .  ? -6.547  -0.824 -0.985  0.50 27.28  ? 315 HOH A O      1 
HETATM 509 O  O      . HOH E 5 .  ? -6.772  1.589  -20.804 0.50 34.15  ? 316 HOH A O      1 
# 
loop_
_atom_site_anisotrop.id 
_atom_site_anisotrop.type_symbol 
_atom_site_anisotrop.pdbx_label_atom_id 
_atom_site_anisotrop.pdbx_label_alt_id 
_atom_site_anisotrop.pdbx_label_comp_id 
_atom_site_anisotrop.pdbx_label_asym_id 
_atom_site_anisotrop.pdbx_label_seq_id 
_atom_site_anisotrop.pdbx_PDB_ins_code 
_atom_site_anisotrop.U[1][1] 
_atom_site_anisotrop.U[2][2] 
_atom_site_anisotrop.U[3][3] 
_atom_site_anisotrop.U[1][2] 
_atom_site_anisotrop.U[1][3] 
_atom_site_anisotrop.U[2][3] 
_atom_site_anisotrop.pdbx_auth_seq_id 
_atom_site_anisotrop.pdbx_auth_comp_id 
_atom_site_anisotrop.pdbx_auth_asym_id 
_atom_site_anisotrop.pdbx_auth_atom_id 
1   O  "O5'"  . DT  A 1  ? 0.3115 0.2565 0.2225 -0.0816 0.0274  -0.0137 1   DT  A "O5'"  
2   C  "C5'"  . DT  A 1  ? 0.2149 0.2399 0.1997 -0.0794 0.0004  -0.0339 1   DT  A "C5'"  
3   C  "C4'"  . DT  A 1  ? 0.1634 0.2003 0.1705 -0.0358 -0.0021 -0.0089 1   DT  A "C4'"  
4   O  "O4'"  . DT  A 1  ? 0.1753 0.2213 0.1645 -0.0254 -0.0012 -0.0070 1   DT  A "O4'"  
5   C  "C3'"  . DT  A 1  ? 0.1553 0.2116 0.1670 -0.0329 -0.0061 0.0020  1   DT  A "C3'"  
6   O  "O3'"  . DT  A 1  ? 0.1500 0.2052 0.1574 -0.0416 -0.0008 -0.0082 1   DT  A "O3'"  
7   C  "C2'"  . DT  A 1  ? 0.1531 0.2267 0.1564 -0.0295 0.0007  0.0104  1   DT  A "C2'"  
8   C  "C1'"  . DT  A 1  ? 0.1624 0.1954 0.1526 -0.0227 -0.0053 0.0134  1   DT  A "C1'"  
9   N  N1     . DT  A 1  ? 0.1810 0.1859 0.1629 -0.0285 0.0049  0.0363  1   DT  A N1     
10  C  C2     . DT  A 1  ? 0.1674 0.1615 0.1575 -0.0430 -0.0053 0.0142  1   DT  A C2     
11  O  O2     . DT  A 1  ? 0.1922 0.1482 0.1464 -0.0281 0.0093  0.0049  1   DT  A O2     
12  N  N3     . DT  A 1  ? 0.2102 0.1588 0.1854 -0.0403 0.0047  0.0300  1   DT  A N3     
13  C  C4     . DT  A 1  ? 0.2345 0.2059 0.2212 -0.0129 0.0183  0.0710  1   DT  A C4     
14  O  O4     . DT  A 1  ? 0.2840 0.1939 0.2854 -0.0054 0.0238  0.0826  1   DT  A O4     
15  C  C5     . DT  A 1  ? 0.2708 0.2110 0.2410 -0.0125 0.0467  0.0706  1   DT  A C5     
16  C  C7     . DT  A 1  ? 0.4229 0.3041 0.2522 -0.0002 0.0893  0.1030  1   DT  A C7     
17  C  C6     . DT  A 1  ? 0.2175 0.2297 0.1999 -0.0177 0.0294  0.0681  1   DT  A C6     
18  H  "H5'"  . DT  A 1  ? 0.2219 0.2312 0.1938 -0.0657 0.0041  -0.0226 1   DT  A "H5'"  
19  H  "H5''" . DT  A 1  ? 0.2308 0.2361 0.1998 -0.0616 0.0050  -0.0197 1   DT  A "H5''" 
20  H  "H4'"  . DT  A 1  ? 0.1695 0.2030 0.1701 -0.0377 -0.0033 -0.0059 1   DT  A "H4'"  
21  H  "H3'"  . DT  A 1  ? 0.1699 0.2139 0.1676 -0.0365 -0.0015 0.0028  1   DT  A "H3'"  
22  H  "H2'"  . DT  A 1  ? 0.1593 0.2147 0.1616 -0.0254 -0.0015 0.0127  1   DT  A "H2'"  
23  H  "H2''" . DT  A 1  ? 0.1571 0.2240 0.1598 -0.0273 -0.0032 0.0070  1   DT  A "H2''" 
24  H  "H1'"  . DT  A 1  ? 0.1663 0.1986 0.1568 -0.0253 -0.0023 0.0133  1   DT  A "H1'"  
25  H  H3     . DT  A 1  ? 0.2070 0.1700 0.1863 -0.0348 0.0037  0.0348  1   DT  A H3     
26  H  H71    . DT  A 1  ? 0.3898 0.2731 0.2684 -0.0003 0.0947  0.0965  1   DT  A H71    
27  H  H72    . DT  A 1  ? 0.3721 0.3022 0.2516 -0.0067 0.0741  0.1011  1   DT  A H72    
28  H  H73    . DT  A 1  ? 0.3967 0.2733 0.2502 -0.0138 0.0615  0.0904  1   DT  A H73    
29  H  H6     . DT  A 1  ? 0.2188 0.2165 0.1930 -0.0238 0.0204  0.0481  1   DT  A H6     
30  H  "HO5'" . DT  A 1  ? 0.2921 0.2562 0.2154 -0.0894 0.0132  -0.0186 1   DT  A "HO5'" 
31  P  P      . DC  A 2  ? 0.1927 0.2050 0.1476 -0.0537 0.0027  0.0018  2   DC  A P      
32  O  OP1    . DC  A 2  ? 0.2008 0.2240 0.1796 -0.0470 0.0200  -0.0269 2   DC  A OP1    
33  O  OP2    . DC  A 2  ? 0.2401 0.2236 0.1530 -0.0720 0.0021  0.0237  2   DC  A OP2    
34  O  "O5'"  . DC  A 2  ? 0.1917 0.1841 0.1385 -0.0516 -0.0195 0.0169  2   DC  A "O5'"  
35  C  "C5'"  . DC  A 2  ? 0.1825 0.1802 0.1319 -0.0346 -0.0295 0.0190  2   DC  A "C5'"  
36  C  "C4'"  . DC  A 2  ? 0.1626 0.1661 0.1150 -0.0204 -0.0147 0.0068  2   DC  A "C4'"  
37  O  "O4'"  . DC  A 2  ? 0.1780 0.1573 0.1158 -0.0150 -0.0143 0.0074  2   DC  A "O4'"  
38  C  "C3'"  . DC  A 2  ? 0.1532 0.1511 0.1155 -0.0135 -0.0235 0.0098  2   DC  A "C3'"  
39  O  "O3'"  . DC  A 2  ? 0.1594 0.1721 0.1234 0.0078  -0.0271 0.0126  2   DC  A "O3'"  
40  C  "C2'"  . DC  A 2  ? 0.1477 0.1472 0.1303 -0.0102 -0.0198 0.0061  2   DC  A "C2'"  
41  C  "C1'"  . DC  A 2  ? 0.1600 0.1428 0.1298 -0.0150 -0.0082 0.0140  2   DC  A "C1'"  
42  N  N1     . DC  A 2  ? 0.1608 0.1377 0.1130 -0.0224 -0.0073 0.0098  2   DC  A N1     
43  C  C2     . DC  A 2  ? 0.1591 0.1481 0.1061 -0.0180 -0.0198 0.0153  2   DC  A C2     
44  O  O2     . DC  A 2  ? 0.1494 0.1496 0.1300 -0.0170 -0.0193 0.0242  2   DC  A O2     
45  N  N3     . DC  A 2  ? 0.1625 0.1467 0.1182 -0.0164 -0.0139 0.0170  2   DC  A N3     
46  C  C4     . DC  A 2  ? 0.1758 0.1395 0.1334 -0.0179 -0.0100 0.0175  2   DC  A C4     
47  N  N4     . DC  A 2  ? 0.1973 0.1452 0.1752 -0.0220 0.0007  0.0361  2   DC  A N4     
48  C  C5     . DC  A 2  ? 0.1874 0.1485 0.1398 -0.0267 0.0117  0.0116  2   DC  A C5     
49  C  C6     . DC  A 2  ? 0.1796 0.1522 0.1302 -0.0279 0.0068  0.0160  2   DC  A C6     
50  H  "H5'"  . DC  A 2  ? 0.1796 0.1747 0.1336 -0.0350 -0.0230 0.0121  2   DC  A "H5'"  
51  H  "H5''" . DC  A 2  ? 0.1842 0.1803 0.1324 -0.0368 -0.0229 0.0142  2   DC  A "H5''" 
52  H  "H4'"  . DC  A 2  ? 0.1664 0.1653 0.1198 -0.0194 -0.0192 0.0075  2   DC  A "H4'"  
53  H  "H3'"  . DC  A 2  ? 0.1548 0.1557 0.1200 -0.0139 -0.0189 0.0104  2   DC  A "H3'"  
54  H  "H2'"  . DC  A 2  ? 0.1511 0.1465 0.1281 -0.0118 -0.0149 0.0058  2   DC  A "H2'"  
55  H  "H2''" . DC  A 2  ? 0.1520 0.1466 0.1275 -0.0106 -0.0171 0.0068  2   DC  A "H2''" 
56  H  "H1'"  . DC  A 2  ? 0.1572 0.1450 0.1235 -0.0158 -0.0113 0.0111  2   DC  A "H1'"  
57  H  H41    . DC  A 2  ? 0.1824 0.1482 0.1659 -0.0194 -0.0020 0.0307  2   DC  A H41    
58  H  H42    . DC  A 2  ? 0.1946 0.1453 0.1613 -0.0238 -0.0040 0.0300  2   DC  A H42    
59  H  H5     . DC  A 2  ? 0.1793 0.1539 0.1428 -0.0278 0.0040  0.0164  2   DC  A H5     
60  H  H6     . DC  A 2  ? 0.1780 0.1493 0.1274 -0.0264 -0.0010 0.0129  2   DC  A H6     
61  P  P      . DG  A 3  ? 0.1318 0.1683 0.1354 0.0109  -0.0211 0.0117  3   DG  A P      
62  O  OP1    . DG  A 3  ? 0.1369 0.1818 0.1777 0.0158  -0.0211 0.0196  3   DG  A OP1    
63  O  OP2    . DG  A 3  ? 0.1317 0.1820 0.1378 0.0092  -0.0166 0.0095  3   DG  A OP2    
64  O  "O5'"  . DG  A 3  ? 0.1304 0.1584 0.1269 0.0146  -0.0163 0.0087  3   DG  A "O5'"  
65  C  "C5'"  . DG  A 3  ? 0.1441 0.1485 0.1236 0.0157  -0.0229 0.0074  3   DG  A "C5'"  
66  C  "C4'"  . DG  A 3  ? 0.1426 0.1378 0.1276 0.0146  -0.0246 -0.0035 3   DG  A "C4'"  
67  O  "O4'"  . DG  A 3  ? 0.1423 0.1312 0.1123 0.0109  -0.0124 -0.0009 3   DG  A "O4'"  
68  C  "C3'"  . DG  A 3  ? 0.1353 0.1331 0.1252 0.0154  -0.0206 -0.0083 3   DG  A "C3'"  
69  O  "O3'"  . DG  A 3  ? 0.1859 0.1408 0.1523 0.0346  -0.0361 -0.0270 3   DG  A "O3'"  
70  C  "C2'"  . DG  A 3  ? 0.1292 0.1459 0.1255 0.0086  -0.0176 -0.0072 3   DG  A "C2'"  
71  C  "C1'"  . DG  A 3  ? 0.1329 0.1264 0.1196 0.0054  -0.0092 0.0034  3   DG  A "C1'"  
72  N  N9     . DG  A 3  ? 0.1126 0.1270 0.1083 0.0048  -0.0049 -0.0009 3   DG  A N9     
73  C  C8     . DG  A 3  ? 0.1163 0.1335 0.1101 0.0009  -0.0098 0.0057  3   DG  A C8     
74  N  N7     . DG  A 3  ? 0.1167 0.1327 0.1039 0.0028  -0.0063 0.0026  3   DG  A N7     
75  C  C5     . DG  A 3  ? 0.1138 0.1368 0.1095 0.0031  -0.0047 0.0093  3   DG  A C5     
76  C  C6     . DG  A 3  ? 0.1253 0.1323 0.0967 -0.0026 -0.0048 0.0025  3   DG  A C6     
77  O  O6     . DG  A 3  ? 0.1366 0.1315 0.1125 0.0010  0.0033  0.0104  3   DG  A O6     
78  N  N1     . DG  A 3  ? 0.1265 0.1251 0.1029 0.0042  -0.0030 0.0020  3   DG  A N1     
79  C  C2     . DG  A 3  ? 0.1180 0.1324 0.1058 0.0054  -0.0040 0.0103  3   DG  A C2     
80  N  N2     . DG  A 3  ? 0.1249 0.1366 0.1257 0.0076  0.0074  0.0061  3   DG  A N2     
81  N  N3     . DG  A 3  ? 0.1137 0.1325 0.1142 0.0034  0.0006  0.0057  3   DG  A N3     
82  C  C4     . DG  A 3  ? 0.1189 0.1300 0.1022 0.0082  -0.0064 0.0042  3   DG  A C4     
83  H  "H5'"  . DG  A 3  ? 0.1408 0.1468 0.1247 0.0145  -0.0218 0.0036  3   DG  A "H5'"  
84  H  "H5''" . DG  A 3  ? 0.1419 0.1489 0.1257 0.0141  -0.0216 0.0051  3   DG  A "H5''" 
85  H  "H4'"  . DG  A 3  ? 0.1439 0.1392 0.1251 0.0143  -0.0213 -0.0042 3   DG  A "H4'"  
86  H  "H3'"  . DG  A 3  ? 0.1408 0.1412 0.1282 0.0123  -0.0173 -0.0092 3   DG  A "H3'"  
87  H  "H2'"  . DG  A 3  ? 0.1323 0.1399 0.1267 0.0080  -0.0149 -0.0064 3   DG  A "H2'"  
88  H  "H2''" . DG  A 3  ? 0.1368 0.1427 0.1295 0.0075  -0.0152 -0.0037 3   DG  A "H2''" 
89  H  "H1'"  . DG  A 3  ? 0.1324 0.1309 0.1166 0.0069  -0.0100 -0.0001 3   DG  A "H1'"  
90  H  H8     . DG  A 3  ? 0.1205 0.1345 0.1100 0.0019  -0.0084 0.0029  3   DG  A H8     
91  H  H1     . DG  A 3  ? 0.1240 0.1263 0.1034 0.0046  -0.0026 0.0028  3   DG  A H1     
92  H  H21    . DG  A 3  ? 0.1237 0.1367 0.1198 0.0068  0.0037  0.0056  3   DG  A H21    
93  H  H22    . DG  A 3  ? 0.1236 0.1356 0.1190 0.0064  0.0039  0.0059  3   DG  A H22    
94  P  P      . DG  A 4  ? 0.1847 0.1858 0.1743 0.0487  -0.0397 -0.0493 4   DG  A P      
95  O  OP1    . DG  A 4  ? 0.2949 0.1747 0.2126 0.0861  -0.0811 -0.0633 4   DG  A OP1    
96  O  OP2    . DG  A 4  ? 0.1739 0.3044 0.1947 0.0171  -0.0108 -0.0907 4   DG  A OP2    
97  O  "O5'"  . DG  A 4  ? 0.1572 0.1670 0.1359 0.0058  -0.0150 -0.0216 4   DG  A "O5'"  
98  C  "C5'"  . DG  A 4  ? 0.1654 0.1428 0.1522 -0.0096 -0.0142 0.0016  4   DG  A "C5'"  
99  C  "C4'"  . DG  A 4  ? 0.1497 0.1451 0.1211 -0.0022 -0.0002 -0.0239 4   DG  A "C4'"  
100 O  "O4'"  . DG  A 4  ? 0.1557 0.1501 0.1196 0.0120  0.0059  -0.0081 4   DG  A "O4'"  
101 C  "C3'"  . DG  A 4  ? 0.1476 0.1609 0.1250 0.0114  -0.0033 -0.0269 4   DG  A "C3'"  
102 O  "O3'"  . DG  A 4  ? 0.1583 0.2261 0.1344 0.0130  -0.0157 -0.0366 4   DG  A "O3'"  
103 C  "C2'"  . DG  A 4  ? 0.1554 0.1676 0.1218 0.0206  0.0126  -0.0025 4   DG  A "C2'"  
104 C  "C1'"  . DG  A 4  ? 0.1339 0.1504 0.1184 0.0123  0.0002  -0.0045 4   DG  A "C1'"  
105 N  N9     . DG  A 4  ? 0.1324 0.1472 0.1091 0.0135  0.0011  -0.0005 4   DG  A N9     
106 C  C8     . DG  A 4  ? 0.1359 0.1643 0.1133 0.0155  -0.0019 -0.0089 4   DG  A C8     
107 N  N7     . DG  A 4  ? 0.1281 0.1559 0.1124 0.0144  -0.0079 -0.0030 4   DG  A N7     
108 C  C5     . DG  A 4  ? 0.1155 0.1488 0.1121 0.0016  0.0063  0.0041  4   DG  A C5     
109 C  C6     . DG  A 4  ? 0.1116 0.1483 0.0967 -0.0024 0.0025  0.0087  4   DG  A C6     
110 O  O6     . DG  A 4  ? 0.1153 0.1459 0.1185 -0.0007 -0.0005 0.0076  4   DG  A O6     
111 N  N1     . DG  A 4  ? 0.1111 0.1413 0.1161 0.0007  0.0078  0.0185  4   DG  A N1     
112 C  C2     . DG  A 4  ? 0.1132 0.1398 0.1124 -0.0013 0.0006  0.0177  4   DG  A C2     
113 N  N2     . DG  A 4  ? 0.1118 0.1424 0.1479 -0.0068 -0.0102 0.0163  4   DG  A N2     
114 N  N3     . DG  A 4  ? 0.1237 0.1378 0.1143 0.0032  0.0048  0.0130  4   DG  A N3     
115 C  C4     . DG  A 4  ? 0.1229 0.1421 0.1042 0.0051  0.0065  0.0062  4   DG  A C4     
116 H  "H5'"  . DG  A 4  ? 0.1642 0.1491 0.1540 -0.0053 -0.0159 -0.0076 4   DG  A "H5'"  
117 H  "H5''" . DG  A 4  ? 0.1720 0.1464 0.1509 -0.0032 -0.0144 -0.0124 4   DG  A "H5''" 
118 H  "H4'"  . DG  A 4  ? 0.1476 0.1499 0.1273 -0.0006 -0.0017 -0.0182 4   DG  A "H4'"  
119 H  "H3'"  . DG  A 4  ? 0.1492 0.1649 0.1257 0.0139  -0.0001 -0.0242 4   DG  A "H3'"  
120 H  "H2'"  . DG  A 4  ? 0.1579 0.1624 0.1222 0.0148  0.0083  -0.0090 4   DG  A "H2'"  
121 H  "H2''" . DG  A 4  ? 0.1525 0.1637 0.1194 0.0140  0.0065  -0.0089 4   DG  A "H2''" 
122 H  "H1'"  . DG  A 4  ? 0.1370 0.1520 0.1144 0.0137  0.0008  -0.0026 4   DG  A "H1'"  
123 H  H8     . DG  A 4  ? 0.1372 0.1609 0.1170 0.0145  -0.0012 -0.0082 4   DG  A H8     
124 H  H1     . DG  A 4  ? 0.1122 0.1411 0.1116 -0.0004 0.0051  0.0141  4   DG  A H1     
125 H  H21    . DG  A 4  ? 0.1134 0.1435 0.1332 -0.0046 -0.0071 0.0109  4   DG  A H21    
126 H  H22    . DG  A 4  ? 0.1133 0.1431 0.1356 -0.0056 -0.0062 0.0136  4   DG  A H22    
127 P  P      . DC  A 5  ? 0.1794 0.1962 0.1427 0.0148  -0.0128 -0.0407 5   DC  A P      
128 O  OP1    . DC  A 5  ? 0.2661 0.1690 0.2003 0.0321  0.0157  -0.0409 5   DC  A OP1    
129 O  OP2    . DC  A 5  ? 0.1740 0.2467 0.1492 0.0169  0.0050  -0.0467 5   DC  A OP2    
130 O  "O5'"  . DC  A 5  ? 0.1523 0.1791 0.1387 -0.0123 -0.0108 -0.0112 5   DC  A "O5'"  
131 C  "C5'"  . DC  A 5  ? 0.1484 0.1609 0.1503 -0.0226 -0.0019 -0.0099 5   DC  A "C5'"  
132 C  "C4'"  . DC  A 5  ? 0.1471 0.1720 0.1193 -0.0166 -0.0017 -0.0022 5   DC  A "C4'"  
133 O  "O4'"  . DC  A 5  ? 0.1500 0.1487 0.1467 -0.0281 0.0082  0.0088  5   DC  A "O4'"  
134 C  "C3'"  . DC  A 5  ? 0.1544 0.1633 0.1286 -0.0210 -0.0109 0.0030  5   DC  A "C3'"  
135 O  "O3'"  . DC  A 5  ? 0.1490 0.1569 0.1427 -0.0231 -0.0110 0.0018  5   DC  A "O3'"  
136 C  "C2'"  . DC  A 5  ? 0.1632 0.1582 0.1557 -0.0228 -0.0038 0.0023  5   DC  A "C2'"  
137 C  "C1'"  . DC  A 5  ? 0.1566 0.1476 0.1541 -0.0217 -0.0018 -0.0034 5   DC  A "C1'"  
138 N  N1     . DC  A 5  ? 0.1500 0.1532 0.1377 -0.0211 -0.0087 0.0081  5   DC  A N1     
139 C  C2     . DC  A 5  ? 0.1495 0.1561 0.1382 -0.0306 -0.0225 0.0284  5   DC  A C2     
140 O  O2     . DC  A 5  ? 0.1563 0.1691 0.2030 -0.0278 -0.0322 0.0389  5   DC  A O2     
141 N  N3     . DC  A 5  ? 0.1353 0.1558 0.1254 -0.0221 -0.0077 0.0236  5   DC  A N3     
142 C  C4     . DC  A 5  ? 0.1343 0.1436 0.1060 -0.0220 0.0115  0.0107  5   DC  A C4     
143 N  N4     . DC  A 5  ? 0.1268 0.1333 0.1203 -0.0145 0.0123  0.0010  5   DC  A N4     
144 C  C5     . DC  A 5  ? 0.1415 0.1452 0.1233 -0.0176 0.0143  -0.0026 5   DC  A C5     
145 C  C6     . DC  A 5  ? 0.1589 0.1417 0.1347 -0.0275 0.0205  -0.0052 5   DC  A C6     
146 H  "H5'"  . DC  A 5  ? 0.1498 0.1686 0.1481 -0.0165 -0.0060 -0.0107 5   DC  A "H5'"  
147 H  "H5''" . DC  A 5  ? 0.1473 0.1647 0.1431 -0.0211 -0.0061 -0.0091 5   DC  A "H5''" 
148 H  "H4'"  . DC  A 5  ? 0.1474 0.1671 0.1344 -0.0194 -0.0030 -0.0045 5   DC  A "H4'"  
149 H  "H3'"  . DC  A 5  ? 0.1572 0.1656 0.1358 -0.0189 -0.0073 -0.0002 5   DC  A "H3'"  
150 H  "H2'"  . DC  A 5  ? 0.1585 0.1584 0.1490 -0.0195 -0.0064 0.0005  5   DC  A "H2'"  
151 H  "H2''" . DC  A 5  ? 0.1643 0.1649 0.1516 -0.0194 -0.0056 -0.0004 5   DC  A "H2''" 
152 H  "H1'"  . DC  A 5  ? 0.1567 0.1584 0.1506 -0.0165 -0.0014 -0.0005 5   DC  A "H1'"  
153 H  H41    . DC  A 5  ? 0.1282 0.1358 0.1156 -0.0133 0.0107  0.0037  5   DC  A H41    
154 H  H42    . DC  A 5  ? 0.1317 0.1398 0.1110 -0.0176 0.0110  0.0068  5   DC  A H42    
155 H  H5     . DC  A 5  ? 0.1428 0.1460 0.1223 -0.0176 0.0130  -0.0008 5   DC  A H5     
156 H  H6     . DC  A 5  ? 0.1535 0.1416 0.1324 -0.0240 0.0114  -0.0020 5   DC  A H6     
157 P  P      . DG  A 6  ? 0.2027 0.1756 0.1414 -0.0144 -0.0017 -0.0271 6   DG  A P      
158 O  OP1    . DG  A 6  ? 0.2692 0.1978 0.1896 -0.0637 -0.0184 -0.0254 6   DG  A OP1    
159 O  OP2    . DG  A 6  ? 0.2674 0.2323 0.1774 0.0334  0.0311  -0.0270 6   DG  A OP2    
160 O  "O5'"  . DG  A 6  ? 0.1350 0.1904 0.1412 -0.0185 -0.0015 0.0074  6   DG  A "O5'"  
161 C  "C5'"  . DG  A 6  ? 0.1169 0.1901 0.1670 -0.0204 -0.0026 0.0199  6   DG  A "C5'"  
162 C  "C4'"  . DG  A 6  ? 0.1181 0.2114 0.1799 -0.0355 0.0007  0.0394  6   DG  A "C4'"  
163 O  "O4'"  . DG  A 6  ? 0.1441 0.2090 0.2146 -0.0372 0.0184  -0.0102 6   DG  A "O4'"  
164 C  "C3'"  . DG  A 6  ? 0.1496 0.2130 0.1664 -0.0393 -0.0136 0.0270  6   DG  A "C3'"  
165 O  "O3'"  . DG  A 6  ? 0.1456 0.2683 0.2063 -0.0542 -0.0247 0.0858  6   DG  A "O3'"  
166 C  "C2'"  . DG  A 6  ? 0.1491 0.2031 0.1578 -0.0383 -0.0128 0.0199  6   DG  A "C2'"  
167 C  "C1'"  . DG  A 6  ? 0.1167 0.1821 0.1895 -0.0230 -0.0019 0.0304  6   DG  A "C1'"  
168 N  N9     . DG  A 6  ? 0.1332 0.1542 0.1687 -0.0196 -0.0067 0.0080  6   DG  A N9     
169 C  C8     . DG  A 6  ? 0.1463 0.1612 0.1427 -0.0214 -0.0011 0.0127  6   DG  A C8     
170 N  N7     . DG  A 6  ? 0.1334 0.1536 0.1352 -0.0177 0.0053  0.0079  6   DG  A N7     
171 C  C5     . DG  A 6  ? 0.1230 0.1540 0.1277 -0.0086 0.0086  0.0129  6   DG  A C5     
172 C  C6     . DG  A 6  ? 0.1181 0.1464 0.1197 -0.0029 0.0172  0.0196  6   DG  A C6     
173 O  O6     . DG  A 6  ? 0.1276 0.1367 0.1241 0.0061  0.0126  0.0077  6   DG  A O6     
174 N  N1     . DG  A 6  ? 0.1135 0.1431 0.1681 -0.0002 0.0135  0.0196  6   DG  A N1     
175 C  C2     . DG  A 6  ? 0.1264 0.1467 0.2118 -0.0094 -0.0043 0.0303  6   DG  A C2     
176 N  N2     . DG  A 6  ? 0.1368 0.1423 0.2621 0.0010  -0.0158 0.0049  6   DG  A N2     
177 N  N3     . DG  A 6  ? 0.1304 0.1527 0.2079 -0.0065 -0.0064 0.0164  6   DG  A N3     
178 C  C4     . DG  A 6  ? 0.1179 0.1488 0.1582 -0.0099 0.0042  0.0065  6   DG  A C4     
179 H  "H5'"  . DG  A 6  ? 0.1315 0.1917 0.1671 -0.0224 -0.0040 0.0151  6   DG  A "H5'"  
180 H  "H5''" . DG  A 6  ? 0.1258 0.1900 0.1603 -0.0231 -0.0016 0.0146  6   DG  A "H5''" 
181 H  "H4'"  . DG  A 6  ? 0.1280 0.2067 0.1826 -0.0283 -0.0028 0.0256  6   DG  A "H4'"  
182 H  "H3'"  . DG  A 6  ? 0.1501 0.2126 0.1699 -0.0426 -0.0139 0.0304  6   DG  A "H3'"  
183 H  "H2'"  . DG  A 6  ? 0.1480 0.2048 0.1705 -0.0344 -0.0068 0.0190  6   DG  A "H2'"  
184 H  "H2''" . DG  A 6  ? 0.1478 0.2046 0.1663 -0.0375 -0.0099 0.0265  6   DG  A "H2''" 
185 H  "H1'"  . DG  A 6  ? 0.1302 0.1755 0.1831 -0.0251 -0.0010 0.0206  6   DG  A "H1'"  
186 H  H8     . DG  A 6  ? 0.1440 0.1635 0.1518 -0.0217 -0.0001 0.0085  6   DG  A H8     
187 H  H1     . DG  A 6  ? 0.1207 0.1428 0.1608 -0.0005 0.0117  0.0185  6   DG  A H1     
188 H  H21    . DG  A 6  ? 0.1387 0.1406 0.2382 -0.0038 -0.0090 0.0130  6   DG  A H21    
189 H  H22    . DG  A 6  ? 0.1388 0.1382 0.2340 0.0011  -0.0074 0.0064  6   DG  A H22    
190 P  P      . DC  A 7  ? 0.2414 0.3117 0.2240 -0.1347 -0.0708 0.0971  7   DC  A P      
191 O  OP1    . DC  A 7  ? 0.2335 0.4669 0.3047 -0.1630 -0.1260 0.1825  7   DC  A OP1    
192 O  OP2    . DC  A 7  ? 0.3839 0.2753 0.1900 -0.1613 -0.0704 0.0395  7   DC  A OP2    
193 O  "O5'"  . DC  A 7  ? 0.1841 0.2371 0.1954 -0.0724 -0.0205 0.0508  7   DC  A "O5'"  
194 C  "C5'"  . DC  A 7  ? 0.1192 0.2547 0.1716 -0.0214 -0.0058 0.0243  7   DC  A "C5'"  
195 C  "C4'"  . DC  A 7  ? 0.1235 0.1984 0.1642 0.0031  0.0035  0.0240  7   DC  A "C4'"  
196 O  "O4'"  . DC  A 7  ? 0.1232 0.2066 0.1580 -0.0006 0.0063  0.0238  7   DC  A "O4'"  
197 C  "C3'"  . DC  A 7  ? 0.1232 0.1682 0.1538 -0.0105 -0.0063 0.0236  7   DC  A "C3'"  
198 O  "O3'"  . DC  A 7  ? 0.1381 0.2050 0.1536 -0.0128 -0.0044 0.0315  7   DC  A "O3'"  
199 C  "C2'"  . DC  A 7  ? 0.1229 0.1759 0.1523 -0.0112 -0.0043 0.0173  7   DC  A "C2'"  
200 C  "C1'"  . DC  A 7  ? 0.1249 0.1732 0.1528 -0.0060 -0.0118 0.0171  7   DC  A "C1'"  
201 N  N1     . DC  A 7  ? 0.1180 0.1587 0.1491 -0.0101 -0.0032 0.0145  7   DC  A N1     
202 C  C2     . DC  A 7  ? 0.1128 0.1595 0.1539 -0.0135 -0.0015 0.0225  7   DC  A C2     
203 O  O2     . DC  A 7  ? 0.1315 0.1607 0.1607 -0.0002 -0.0098 0.0122  7   DC  A O2     
204 N  N3     . DC  A 7  ? 0.1158 0.1482 0.1323 -0.0088 0.0106  0.0073  7   DC  A N3     
205 C  C4     . DC  A 7  ? 0.1206 0.1461 0.1455 -0.0134 0.0175  0.0157  7   DC  A C4     
206 N  N4     . DC  A 7  ? 0.1295 0.1398 0.1569 -0.0059 0.0135  0.0167  7   DC  A N4     
207 C  C5     . DC  A 7  ? 0.1275 0.1523 0.1572 -0.0171 0.0113  0.0110  7   DC  A C5     
208 C  C6     . DC  A 7  ? 0.1226 0.1662 0.1455 -0.0182 0.0006  0.0168  7   DC  A C6     
209 H  "H5'"  . DC  A 7  ? 0.1320 0.2339 0.1674 -0.0288 -0.0069 0.0276  7   DC  A "H5'"  
210 H  "H5''" . DC  A 7  ? 0.1316 0.2320 0.1738 -0.0227 -0.0073 0.0288  7   DC  A "H5''" 
211 H  "H4'"  . DC  A 7  ? 0.1231 0.1965 0.1614 -0.0030 0.0006  0.0226  7   DC  A "H4'"  
212 H  "H3'"  . DC  A 7  ? 0.1340 0.1724 0.1579 -0.0143 -0.0049 0.0174  7   DC  A "H3'"  
213 H  "H2'"  . DC  A 7  ? 0.1258 0.1728 0.1523 -0.0093 -0.0063 0.0175  7   DC  A "H2'"  
214 H  "H2''" . DC  A 7  ? 0.1246 0.1747 0.1540 -0.0102 -0.0061 0.0165  7   DC  A "H2''" 
215 H  "H1'"  . DC  A 7  ? 0.1281 0.1748 0.1540 -0.0080 -0.0075 0.0149  7   DC  A "H1'"  
216 H  H41    . DC  A 7  ? 0.1278 0.1416 0.1494 -0.0086 0.0146  0.0140  7   DC  A H41    
217 H  H42    . DC  A 7  ? 0.1304 0.1420 0.1528 -0.0078 0.0156  0.0157  7   DC  A H42    
218 H  H5     . DC  A 7  ? 0.1314 0.1539 0.1541 -0.0195 0.0119  0.0097  7   DC  A H5     
219 H  H6     . DC  A 7  ? 0.1271 0.1665 0.1507 -0.0183 -0.0002 0.0081  7   DC  A H6     
220 P  P      . DC  A 8  ? 0.1643 0.2617 0.1665 -0.0560 -0.0189 0.0148  8   DC  A P      
221 O  OP1    . DC  A 8  ? 0.1647 0.3764 0.1740 -0.0194 -0.0406 0.0457  8   DC  A OP1    
222 O  OP2    . DC  A 8  ? 0.2591 0.3034 0.2110 -0.1340 -0.0172 -0.0066 8   DC  A OP2    
223 O  "O5'"  . DC  A 8  ? 0.1668 0.1873 0.1561 -0.0302 -0.0098 0.0081  8   DC  A "O5'"  
224 C  "C5'"  . DC  A 8  ? 0.1383 0.1598 0.1493 -0.0012 -0.0080 0.0200  8   DC  A "C5'"  
225 C  "C4'"  . DC  A 8  ? 0.1334 0.1787 0.1405 -0.0004 -0.0172 -0.0019 8   DC  A "C4'"  
226 O  "O4'"  . DC  A 8  ? 0.1685 0.1946 0.1378 0.0435  -0.0359 -0.0319 8   DC  A "O4'"  
227 C  "C3'"  . DC  A 8  ? 0.1527 0.1977 0.1397 0.0084  -0.0182 -0.0038 8   DC  A "C3'"  
228 O  "O3'"  . DC  A 8  ? 0.1806 0.2093 0.1376 0.0251  -0.0146 0.0070  8   DC  A "O3'"  
229 C  "C2'"  . DC  A 8  ? 0.1498 0.1775 0.1329 0.0057  -0.0054 -0.0129 8   DC  A "C2'"  
230 C  "C1'"  . DC  A 8  ? 0.1411 0.1727 0.1353 0.0178  -0.0122 -0.0086 8   DC  A "C1'"  
231 N  N1     . DC  A 8  ? 0.1294 0.1564 0.1260 0.0029  -0.0094 -0.0122 8   DC  A N1     
232 C  C2     . DC  A 8  ? 0.1171 0.1410 0.1274 0.0069  -0.0034 -0.0140 8   DC  A C2     
233 O  O2     . DC  A 8  ? 0.1307 0.1434 0.1307 0.0072  -0.0051 -0.0075 8   DC  A O2     
234 N  N3     . DC  A 8  ? 0.1203 0.1454 0.1247 -0.0034 0.0087  -0.0059 8   DC  A N3     
235 C  C4     . DC  A 8  ? 0.1250 0.1651 0.1279 -0.0086 0.0066  -0.0124 8   DC  A C4     
236 N  N4     . DC  A 8  ? 0.1343 0.1787 0.1350 -0.0116 0.0100  -0.0022 8   DC  A N4     
237 C  C5     . DC  A 8  ? 0.1258 0.1893 0.1478 -0.0089 0.0024  -0.0074 8   DC  A C5     
238 C  C6     . DC  A 8  ? 0.1236 0.1849 0.1351 -0.0014 -0.0063 -0.0096 8   DC  A C6     
239 H  "H5'"  . DC  A 8  ? 0.1425 0.1711 0.1499 -0.0066 -0.0114 0.0157  8   DC  A "H5'"  
240 H  "H5''" . DC  A 8  ? 0.1415 0.1706 0.1440 -0.0052 -0.0144 0.0173  8   DC  A "H5''" 
241 H  "H4'"  . DC  A 8  ? 0.1431 0.1728 0.1421 0.0034  -0.0176 -0.0012 8   DC  A "H4'"  
242 H  "H3'"  . DC  A 8  ? 0.1554 0.1958 0.1404 0.0052  -0.0158 -0.0044 8   DC  A "H3'"  
243 H  "H2'"  . DC  A 8  ? 0.1471 0.1785 0.1366 0.0060  -0.0093 -0.0106 8   DC  A "H2'"  
244 H  "H2''" . DC  A 8  ? 0.1502 0.1815 0.1342 0.0077  -0.0055 -0.0103 8   DC  A "H2''" 
245 H  "H1'"  . DC  A 8  ? 0.1449 0.1705 0.1333 0.0151  -0.0138 -0.0141 8   DC  A "H1'"  
246 H  H41    . DC  A 8  ? 0.1361 0.1714 0.1339 -0.0123 0.0066  -0.0062 8   DC  A H41    
247 H  H42    . DC  A 8  ? 0.1377 0.1734 0.1340 -0.0099 0.0069  -0.0070 8   DC  A H42    
248 H  H5     . DC  A 8  ? 0.1348 0.1867 0.1494 -0.0145 0.0036  -0.0094 8   DC  A H5     
249 H  H6     . DC  A 8  ? 0.1309 0.1895 0.1417 -0.0027 -0.0139 -0.0082 8   DC  A H6     
250 P  P      . DG  A 9  ? 0.2101 0.2947 0.1416 0.0157  -0.0339 0.0115  9   DG  A P      
251 O  OP1    . DG  A 9  ? 0.3008 0.3203 0.1600 0.0632  -0.0302 0.0546  9   DG  A OP1    
252 O  OP2    . DG  A 9  ? 0.2420 0.3404 0.1697 -0.0310 -0.0390 -0.0191 9   DG  A OP2    
253 O  "O5'"  . DG  A 9  ? 0.2236 0.2242 0.1396 -0.0036 -0.0081 -0.0030 9   DG  A "O5'"  
254 C  "C5'"  . DG  A 9  ? 0.2045 0.1896 0.1587 0.0013  0.0163  -0.0010 9   DG  A "C5'"  
255 C  "C4'"  . DG  A 9  ? 0.2219 0.2005 0.1808 0.0100  0.0480  0.0025  9   DG  A "C4'"  
256 O  "O4'"  . DG  A 9  ? 0.1888 0.1846 0.1704 0.0152  0.0184  -0.0013 9   DG  A "O4'"  
257 C  "C3'"  . DG  A 9  ? 0.3060 0.2400 0.1804 0.0145  0.0737  -0.0127 9   DG  A "C3'"  
258 O  "O3'"  . DG  A 9  ? 0.4098 0.3023 0.3214 0.0416  0.2239  -0.0236 9   DG  A "O3'"  
259 C  "C2'"  . DG  A 9  ? 0.2988 0.2080 0.1745 0.0152  0.0575  -0.0272 9   DG  A "C2'"  
260 C  "C1'"  . DG  A 9  ? 0.2209 0.1916 0.1929 0.0291  0.0487  0.0048  9   DG  A "C1'"  
261 N  N9     . DG  A 9  ? 0.1852 0.1690 0.1840 0.0307  0.0255  -0.0039 9   DG  A N9     
262 C  C8     . DG  A 9  ? 0.1920 0.2034 0.1838 0.0122  -0.0038 -0.0156 9   DG  A C8     
263 N  N7     . DG  A 9  ? 0.1526 0.2109 0.1952 0.0100  -0.0001 -0.0042 9   DG  A N7     
264 C  C5     . DG  A 9  ? 0.1486 0.1727 0.1780 0.0050  0.0137  -0.0094 9   DG  A C5     
265 C  C6     . DG  A 9  ? 0.1387 0.1590 0.1659 0.0008  0.0130  -0.0213 9   DG  A C6     
266 O  O6     . DG  A 9  ? 0.1326 0.1922 0.1859 -0.0158 0.0154  -0.0042 9   DG  A O6     
267 N  N1     . DG  A 9  ? 0.1312 0.1484 0.1657 0.0027  0.0181  -0.0080 9   DG  A N1     
268 C  C2     . DG  A 9  ? 0.1414 0.1318 0.1699 0.0097  0.0305  -0.0132 9   DG  A C2     
269 N  N2     . DG  A 9  ? 0.1364 0.1285 0.2002 0.0031  0.0309  -0.0002 9   DG  A N2     
270 N  N3     . DG  A 9  ? 0.1591 0.1514 0.1786 0.0170  0.0335  -0.0062 9   DG  A N3     
271 C  C4     . DG  A 9  ? 0.1639 0.1576 0.1750 0.0211  0.0332  -0.0096 9   DG  A C4     
272 H  "H5'"  . DG  A 9  ? 0.2096 0.2005 0.1562 0.0015  0.0152  -0.0016 9   DG  A "H5'"  
273 H  "H5''" . DG  A 9  ? 0.2143 0.1999 0.1553 0.0014  0.0174  0.0009  9   DG  A "H5''" 
274 H  "H4'"  . DG  A 9  ? 0.2247 0.2029 0.1794 0.0068  0.0431  -0.0023 9   DG  A "H4'"  
275 H  "H3'"  . DG  A 9  ? 0.2984 0.2371 0.1963 0.0177  0.0737  -0.0134 9   DG  A "H3'"  
276 H  "H2'"  . DG  A 9  ? 0.2967 0.2106 0.1805 0.0190  0.0502  -0.0175 9   DG  A "H2'"  
277 H  "H2''" . DG  A 9  ? 0.3014 0.2078 0.1805 0.0227  0.0555  -0.0243 9   DG  A "H2''" 
278 H  "H1'"  . DG  A 9  ? 0.2165 0.1875 0.1836 0.0236  0.0390  -0.0030 9   DG  A "H1'"  
279 H  H8     . DG  A 9  ? 0.1908 0.2076 0.1861 0.0192  -0.0033 -0.0112 9   DG  A H8     
280 H  H1     . DG  A 9  ? 0.1355 0.1472 0.1637 0.0041  0.0187  -0.0110 9   DG  A H1     
281 H  H21    . DG  A 9  ? 0.1388 0.1287 0.1892 0.0042  0.0314  -0.0039 9   DG  A H21    
282 H  H22    . DG  A 9  ? 0.1391 0.1319 0.1937 0.0044  0.0319  -0.0073 9   DG  A H22    
283 P  P      . DA  A 10 ? 0.4836 0.3282 0.3187 -0.0307 0.1965  -0.0645 10  DA  A P      
284 O  OP1    . DA  A 10 ? 0.5444 0.3588 0.2919 -0.0673 0.1154  -0.0707 10  DA  A OP1    
285 O  OP2    . DA  A 10 ? 0.5091 0.3720 0.2717 0.0446  0.1681  -0.1015 10  DA  A OP2    
286 O  "O5'"  . DA  A 10 ? 0.4203 0.3297 0.2093 -0.0562 0.0968  -0.0523 10  DA  A "O5'"  
287 C  "C5'"  . DA  A 10 ? 0.3618 0.2826 0.2442 -0.0253 0.1165  -0.0505 10  DA  A "C5'"  
288 C  "C4'"  . DA  A 10 ? 0.3419 0.2757 0.1512 -0.0256 0.0472  -0.0252 10  DA  A "C4'"  
289 O  "O4'"  . DA  A 10 ? 0.3058 0.2890 0.1658 -0.0155 0.0365  -0.0436 10  DA  A "O4'"  
290 C  "C3'"  . DA  A 10 ? 0.3339 0.3163 0.2307 -0.0311 0.0188  -0.0480 10  DA  A "C3'"  
291 O  "O3'"  . DA  A 10 ? 0.4483 0.3644 0.2536 -0.0627 0.0516  0.0007  10  DA  A "O3'"  
292 C  "C2'"  . DA  A 10 ? 0.2964 0.3479 0.2038 -0.0518 0.0281  -0.0244 10  DA  A "C2'"  
293 C  "C1'"  . DA  A 10 ? 0.2842 0.2912 0.1558 -0.0367 0.0311  -0.0311 10  DA  A "C1'"  
294 N  N9     . DA  A 10 ? 0.2275 0.2973 0.1550 -0.0311 0.0264  -0.0275 10  DA  A N9     
295 C  C8     . DA  A 10 ? 0.2092 0.2807 0.1816 -0.0098 0.0269  -0.0380 10  DA  A C8     
296 N  N7     . DA  A 10 ? 0.1813 0.2257 0.1689 -0.0058 0.0103  -0.0417 10  DA  A N7     
297 C  C5     . DA  A 10 ? 0.1827 0.1995 0.1464 -0.0272 -0.0007 -0.0281 10  DA  A C5     
298 C  C6     . DA  A 10 ? 0.1682 0.1651 0.1406 -0.0168 -0.0138 -0.0118 10  DA  A C6     
299 N  N6     . DA  A 10 ? 0.1596 0.1450 0.1358 -0.0053 -0.0076 -0.0198 10  DA  A N6     
300 N  N1     . DA  A 10 ? 0.1901 0.1880 0.1489 -0.0086 -0.0316 -0.0058 10  DA  A N1     
301 C  C2     . DA  A 10 ? 0.2403 0.2201 0.1427 -0.0101 -0.0393 -0.0163 10  DA  A C2     
302 N  N3     . DA  A 10 ? 0.2605 0.2271 0.1478 -0.0312 -0.0253 -0.0152 10  DA  A N3     
303 C  C4     . DA  A 10 ? 0.2122 0.2193 0.1520 -0.0497 -0.0027 -0.0228 10  DA  A C4     
304 H  "H5'"  . DA  A 10 ? 0.3035 0.2837 0.2330 -0.0425 0.0868  -0.0450 10  DA  A "H5'"  
305 H  "H5''" . DA  A 10 ? 0.3579 0.2805 0.2483 -0.0335 0.1066  -0.0496 10  DA  A "H5''" 
306 H  "H4'"  . DA  A 10 ? 0.3379 0.2779 0.1698 -0.0122 0.0384  -0.0219 10  DA  A "H4'"  
307 H  "H3'"  . DA  A 10 ? 0.3307 0.3181 0.2148 -0.0358 0.0336  -0.0317 10  DA  A "H3'"  
308 H  "HO3'" . DA  A 10 ? 0.4146 0.3649 0.2417 -0.0749 0.0290  -0.0133 10  DA  A "HO3'" 
309 H  "H2'"  . DA  A 10 ? 0.3032 0.3246 0.2011 -0.0425 0.0308  -0.0353 10  DA  A "H2'"  
310 H  "H2''" . DA  A 10 ? 0.3033 0.3365 0.2006 -0.0358 0.0241  -0.0303 10  DA  A "H2''" 
311 H  "H1'"  . DA  A 10 ? 0.2788 0.2964 0.1599 -0.0348 0.0277  -0.0278 10  DA  A "H1'"  
312 H  H8     . DA  A 10 ? 0.2111 0.2682 0.1729 -0.0094 0.0219  -0.0364 10  DA  A H8     
313 H  H61    . DA  A 10 ? 0.1581 0.1501 0.1353 -0.0075 -0.0077 -0.0189 10  DA  A H61    
314 H  H62    . DA  A 10 ? 0.1595 0.1500 0.1360 -0.0075 -0.0100 -0.0173 10  DA  A H62    
315 H  H2     . DA  A 10 ? 0.2278 0.2135 0.1459 -0.0163 -0.0317 -0.0138 10  DA  A H2     
316 C  C14    . 2J0 B .  ? 0.1674 0.2285 0.2374 -0.0098 0.0709  -0.0487 101 2J0 A C14    
317 C  C13    . 2J0 B .  ? 0.1616 0.1930 0.2102 -0.0209 0.0665  -0.0457 101 2J0 A C13    
318 N  N4     . 2J0 B .  ? 0.1382 0.1709 0.1983 -0.0140 0.0371  -0.0327 101 2J0 A N4     
319 C  C7     . 2J0 B .  ? 0.1366 0.1353 0.1658 -0.0117 0.0270  -0.0398 101 2J0 A C7     
320 C  C8     . 2J0 B .  ? 0.1199 0.1309 0.1663 -0.0023 0.0136  -0.0266 101 2J0 A C8     
321 C  C9     . 2J0 B .  ? 0.1172 0.1406 0.1835 -0.0066 0.0045  -0.0226 101 2J0 A C9     
322 C  C11    . 2J0 B .  ? 0.1131 0.1436 0.1761 -0.0035 -0.0044 -0.0151 101 2J0 A C11    
323 C  C12    . 2J0 B .  ? 0.1141 0.1319 0.1579 -0.0066 -0.0003 -0.0160 101 2J0 A C12    
324 C  C10    . 2J0 B .  ? 0.1172 0.1250 0.1413 -0.0080 0.0086  -0.0211 101 2J0 A C10    
325 N  N1     . 2J0 B .  ? 0.1169 0.1333 0.1353 -0.0130 -0.0011 -0.0154 101 2J0 A N1     
326 C  C18    . 2J0 B .  ? 0.1870 0.2430 0.2512 -0.0061 0.0823  -0.0501 101 2J0 A C18    
327 C  C17    . 2J0 B .  ? 0.2162 0.2445 0.2411 -0.0064 0.0861  -0.0353 101 2J0 A C17    
328 C  C16    . 2J0 B .  ? 0.2056 0.2366 0.2082 -0.0266 0.0865  -0.0414 101 2J0 A C16    
329 C  C15    . 2J0 B .  ? 0.1818 0.1810 0.1871 -0.0209 0.0583  -0.0472 101 2J0 A C15    
330 N  N3     . 2J0 B .  ? 0.1795 0.1663 0.1607 -0.0237 0.0383  -0.0250 101 2J0 A N3     
331 C  C6     . 2J0 B .  ? 0.1579 0.1404 0.1570 -0.0145 0.0328  -0.0257 101 2J0 A C6     
332 C  C5     . 2J0 B .  ? 0.1490 0.1336 0.1392 -0.0080 0.0197  -0.0178 101 2J0 A C5     
333 C  C1     . 2J0 B .  ? 0.1273 0.1194 0.1379 -0.0080 0.0093  -0.0171 101 2J0 A C1     
334 C  C4     . 2J0 B .  ? 0.1718 0.1486 0.1474 0.0041  0.0189  0.0049  101 2J0 A C4     
335 C  C3     . 2J0 B .  ? 0.1632 0.1689 0.1538 0.0060  0.0070  0.0151  101 2J0 A C3     
336 C  C2     . 2J0 B .  ? 0.1350 0.1397 0.1511 0.0005  -0.0010 0.0037  101 2J0 A C2     
337 N  N2     . 2J0 B .  ? 0.1211 0.1316 0.1409 0.0008  0.0032  -0.0090 101 2J0 A N2     
338 RU RU     . 2J0 B .  ? 0.1063 0.1259 0.1325 -0.0017 0.0007  -0.0099 101 2J0 A RU     
339 N  N12    . 2J0 B .  ? 0.1134 0.1234 0.1236 -0.0043 0.0039  -0.0104 101 2J0 A N12    
340 C  C36    . 2J0 B .  ? 0.1164 0.1270 0.0994 -0.0028 -0.0059 -0.0024 101 2J0 A C36    
341 C  C38    . 2J0 B .  ? 0.1214 0.1297 0.1354 0.0088  0.0076  -0.0086 101 2J0 A C38    
342 N  N5     . 2J0 B .  ? 0.1194 0.1327 0.1743 -0.0069 -0.0012 -0.0156 101 2J0 A N5     
343 C  C20    . 2J0 B .  ? 0.1390 0.1300 0.2059 -0.0072 0.0149  -0.0111 101 2J0 A C20    
344 C  C21    . 2J0 B .  ? 0.1673 0.1443 0.2339 -0.0204 0.0227  -0.0306 101 2J0 A C21    
345 N  N6     . 2J0 B .  ? 0.1409 0.1524 0.2491 -0.0252 0.0230  -0.0523 101 2J0 A N6     
346 C  C19    . 2J0 B .  ? 0.1033 0.1477 0.1866 -0.0020 -0.0042 -0.0343 101 2J0 A C19    
347 C  C22    . 2J0 B .  ? 0.1216 0.1739 0.2016 -0.0029 0.0020  -0.0575 101 2J0 A C22    
348 C  C23    . 2J0 B .  ? 0.1270 0.2041 0.2075 -0.0004 -0.0042 -0.0725 101 2J0 A C23    
349 C  C24    . 2J0 B .  ? 0.1189 0.2331 0.1728 0.0039  -0.0201 -0.0745 101 2J0 A C24    
350 C  C25    . 2J0 B .  ? 0.1113 0.1988 0.1474 0.0143  -0.0145 -0.0345 101 2J0 A C25    
351 N  N7     . 2J0 B .  ? 0.1175 0.2345 0.1419 0.0214  -0.0154 -0.0259 101 2J0 A N7     
352 C  C27    . 2J0 B .  ? 0.1157 0.2091 0.1344 0.0106  -0.0066 -0.0042 101 2J0 A C27    
353 C  C28    . 2J0 B .  ? 0.1062 0.1797 0.1359 0.0028  -0.0112 -0.0121 101 2J0 A C28    
354 C  C26    . 2J0 B .  ? 0.1017 0.1805 0.1474 0.0088  -0.0047 -0.0366 101 2J0 A C26    
355 N  N8     . 2J0 B .  ? 0.1121 0.1543 0.1279 0.0125  -0.0003 -0.0230 101 2J0 A N8     
356 N  N9     . 2J0 B .  ? 0.1088 0.1219 0.1185 -0.0014 -0.0101 -0.0016 101 2J0 A N9     
357 C  C29    . 2J0 B .  ? 0.1160 0.1326 0.0989 -0.0005 -0.0013 -0.0004 101 2J0 A C29    
358 C  C30    . 2J0 B .  ? 0.1172 0.1376 0.1217 0.0057  -0.0027 -0.0119 101 2J0 A C30    
359 C  C31    . 2J0 B .  ? 0.1390 0.1295 0.1263 0.0004  -0.0010 0.0023  101 2J0 A C31    
360 N  N10    . 2J0 B .  ? 0.1367 0.1287 0.1197 -0.0026 -0.0026 0.0051  101 2J0 A N10    
361 C  C32    . 2J0 B .  ? 0.1196 0.1308 0.1015 -0.0010 -0.0038 0.0027  101 2J0 A C32    
362 C  C33    . 2J0 B .  ? 0.1213 0.1421 0.1015 -0.0134 -0.0046 0.0095  101 2J0 A C33    
363 C  C34    . 2J0 B .  ? 0.1129 0.1481 0.1013 -0.0101 -0.0063 0.0025  101 2J0 A C34    
364 C  C35    . 2J0 B .  ? 0.1155 0.1386 0.1005 -0.0033 -0.0012 -0.0032 101 2J0 A C35    
365 N  N11    . 2J0 B .  ? 0.1149 0.1468 0.1118 0.0112  0.0052  -0.0013 101 2J0 A N11    
366 C  C37    . 2J0 B .  ? 0.1203 0.1439 0.1195 0.0074  0.0044  -0.0107 101 2J0 A C37    
367 C  C39    . 2J0 B .  ? 0.1708 0.2884 0.2645 0.0249  0.0713  -0.0440 101 2J0 A C39    
368 H  H9     . 2J0 B .  ? 0.1198 0.1388 0.1775 -0.0024 0.0043  -0.0224 101 2J0 A H9     
369 H  H11    . 2J0 B .  ? 0.1145 0.1376 0.1708 -0.0046 -0.0012 -0.0147 101 2J0 A H11    
370 H  H12    . 2J0 B .  ? 0.1146 0.1376 0.1560 -0.0056 -0.0026 -0.0160 101 2J0 A H12    
371 H  H18    . 2J0 B .  ? 0.1899 0.2397 0.2451 -0.0011 0.0805  -0.0467 101 2J0 A H18    
372 H  H17    . 2J0 B .  ? 0.2056 0.2356 0.2368 -0.0076 0.0800  -0.0374 101 2J0 A H17    
373 H  H16    . 2J0 B .  ? 0.2066 0.2224 0.2148 -0.0226 0.0835  -0.0428 101 2J0 A H16    
374 H  H4     . 2J0 B .  ? 0.1644 0.1511 0.1458 0.0013  0.0168  0.0003  101 2J0 A H4     
375 H  H3     . 2J0 B .  ? 0.1663 0.1670 0.1626 0.0049  0.0003  0.0129  101 2J0 A H3     
376 H  H2     . 2J0 B .  ? 0.1375 0.1429 0.1515 0.0012  0.0024  0.0018  101 2J0 A H2     
377 H  H38    . 2J0 B .  ? 0.1210 0.1335 0.1341 0.0054  0.0054  -0.0090 101 2J0 A H38    
378 H  H20    . 2J0 B .  ? 0.1391 0.1382 0.2049 -0.0076 0.0106  -0.0130 101 2J0 A H20    
379 H  H21    . 2J0 B .  ? 0.1543 0.1452 0.2262 -0.0112 0.0148  -0.0270 101 2J0 A H21    
380 H  H23    . 2J0 B .  ? 0.1262 0.1981 0.2026 0.0000  -0.0074 -0.0635 101 2J0 A H23    
381 H  H24    . 2J0 B .  ? 0.1207 0.2127 0.1690 0.0047  -0.0145 -0.0585 101 2J0 A H24    
382 H  H27    . 2J0 B .  ? 0.1175 0.2053 0.1399 0.0095  -0.0092 -0.0051 101 2J0 A H27    
383 H  H28    . 2J0 B .  ? 0.1099 0.1771 0.1333 0.0062  -0.0077 -0.0126 101 2J0 A H28    
384 H  H30    . 2J0 B .  ? 0.1178 0.1316 0.1241 0.0016  -0.0048 -0.0070 101 2J0 A H30    
385 H  H31    . 2J0 B .  ? 0.1338 0.1316 0.1240 0.0002  -0.0014 -0.0010 101 2J0 A H31    
386 H  H33    . 2J0 B .  ? 0.1198 0.1396 0.1028 -0.0100 -0.0055 0.0056  101 2J0 A H33    
387 H  H34    . 2J0 B .  ? 0.1131 0.1426 0.1014 -0.0070 -0.0056 0.0028  101 2J0 A H34    
388 H  H37    . 2J0 B .  ? 0.1217 0.1429 0.1224 0.0075  0.0054  -0.0077 101 2J0 A H37    
389 H  H392   . 2J0 B .  ? 0.1736 0.2704 0.2523 0.0189  0.0734  -0.0439 101 2J0 A H392   
390 H  H39    . 2J0 B .  ? 0.1722 0.2819 0.2512 0.0242  0.0643  -0.0469 101 2J0 A H39    
391 H  H391   . 2J0 B .  ? 0.1693 0.2754 0.2600 0.0165  0.0692  -0.0337 101 2J0 A H391   
392 BA BA     . BA  C .  ? 0.1189 0.1455 0.1088 -0.0039 0.0014  0.0068  102 BA  A BA     
393 CL CL     . CL  D .  ? 0.1404 0.1749 0.1464 -0.0232 0.0154  -0.0076 103 CL  A CL     
394 O  O      . HOH E .  ? 0.1383 0.1731 0.1372 -0.0048 -0.0128 0.0057  201 HOH A O      
395 O  O      . HOH E .  ? 0.1388 0.1601 0.1237 0.0126  -0.0008 0.0037  202 HOH A O      
396 O  O      . HOH E .  ? 0.1403 0.1567 0.1480 -0.0132 0.0124  -0.0002 203 HOH A O      
397 O  O      . HOH E .  ? 0.5450 0.2952 0.3280 0.0728  0.1456  0.0685  204 HOH A O      
398 O  O      . HOH E .  ? 0.2131 0.1471 0.1970 -0.0176 0.0231  -0.0043 205 HOH A O      
399 O  O      . HOH E .  ? 0.1862 0.3881 0.1636 -0.1053 -0.0142 0.0703  206 HOH A O      
400 O  O      . HOH E .  ? 0.3613 0.2350 0.2874 -0.0204 -0.0838 -0.0431 207 HOH A O      
401 O  O      . HOH E .  ? 0.2580 0.2307 0.1799 -0.0857 -0.0247 0.0175  208 HOH A O      
402 O  O      . HOH E .  ? 0.4031 0.1897 0.1642 -0.0156 0.0924  0.0120  209 HOH A O      
403 O  O      . HOH E .  ? 0.2499 0.1923 0.2710 0.0331  0.0135  0.0101  210 HOH A O      
404 O  O      . HOH E .  ? 0.1508 0.1486 0.2091 -0.0041 0.0162  -0.0015 211 HOH A O      
405 O  O      . HOH E .  ? 0.1318 0.1618 0.2741 -0.0128 0.0145  0.0199  212 HOH A O      
406 O  O      . HOH E .  ? 0.3673 0.2865 0.2112 -0.0501 0.0250  0.0387  213 HOH A O      
407 O  O      . HOH E .  ? 0.3919 0.2272 0.3121 -0.0686 -0.0564 -0.0063 214 HOH A O      
408 O  O      . HOH E .  ? 0.2778 0.1970 0.2748 0.0118  0.0125  0.0191  215 HOH A O      
409 O  O      . HOH E .  ? 0.1436 0.1384 0.1711 0.0055  -0.0035 -0.0082 216 HOH A O      
410 O  O      . HOH E .  ? 0.1832 0.1869 0.2120 0.0259  -0.0184 -0.0105 217 HOH A O      
411 O  O      . HOH E .  ? 0.2318 0.2056 0.2185 0.0363  -0.0279 -0.0135 218 HOH A O      
412 O  O      . HOH E .  ? 0.1397 0.2186 0.1549 -0.0212 -0.0017 0.0669  219 HOH A O      
413 O  O      . HOH E .  ? 0.3895 0.1736 0.3404 0.0096  0.1280  0.0227  220 HOH A O      
414 O  O      . HOH E .  ? 0.4497 0.2703 0.4429 -0.0602 -0.0591 0.1589  221 HOH A O      
415 O  O      . HOH E .  ? 0.3221 0.1993 0.2772 0.0192  -0.0356 0.0278  222 HOH A O      
416 O  O      . HOH E .  ? 0.2525 0.2675 0.2958 -0.0303 -0.0242 0.0503  223 HOH A O      
417 O  O      . HOH E .  ? 0.2259 0.3105 0.2522 0.0642  0.0035  -0.0113 224 HOH A O      
418 O  O      . HOH E .  ? 0.2406 0.2065 0.1805 0.0097  -0.0359 0.0003  225 HOH A O      
419 O  O      . HOH E .  ? 0.3348 0.3097 0.2637 0.0153  0.0290  -0.0306 226 HOH A O      
420 O  O      . HOH E .  ? 0.4808 0.8055 0.7184 0.2547  0.2692  0.0326  227 HOH A O      
421 O  O      . HOH E .  ? 0.1968 0.6043 0.3534 -0.1031 0.0021  0.0169  228 HOH A O      
422 O  O      . HOH E .  ? 0.4162 0.4001 0.2503 0.0856  0.0411  -0.0018 229 HOH A O      
423 O  O      . HOH E .  ? 0.1864 0.2846 0.3016 0.0541  -0.0223 -0.1214 230 HOH A O      
424 O  O      . HOH E .  ? 0.6558 0.4977 0.1971 -0.1386 0.0313  0.0068  231 HOH A O      
425 O  O      . HOH E .  ? 0.1953 0.1591 0.2563 0.0007  0.0598  0.0021  232 HOH A O      
426 O  O      . HOH E .  ? 0.1917 0.3384 0.3369 -0.0356 0.0408  0.0068  233 HOH A O      
427 O  O      . HOH E .  ? 0.3638 0.2099 0.3380 -0.0223 -0.0129 -0.0195 234 HOH A O      
428 O  O      . HOH E .  ? 0.2549 0.4992 0.3570 -0.0705 -0.0209 0.1290  235 HOH A O      
429 O  O      . HOH E .  ? 0.1667 0.2093 0.5037 -0.0021 -0.0639 0.0115  236 HOH A O      
430 O  O      . HOH E .  ? 0.2129 0.2466 0.2753 -0.0026 -0.0338 0.0322  237 HOH A O      
431 O  O      . HOH E .  ? 0.3202 0.2940 0.2942 -0.1005 0.0162  -0.0722 238 HOH A O      
432 O  O      . HOH E .  ? 0.2371 0.3149 0.2720 -0.0007 -0.0451 -0.0561 239 HOH A O      
433 O  O      . HOH E .  ? 0.4364 0.4913 0.1813 -0.0907 -0.0941 0.0699  240 HOH A O      
434 O  O      . HOH E .  ? 0.2843 0.3273 0.2414 -0.0832 0.0019  0.0316  241 HOH A O      
435 O  O      . HOH E .  ? 0.3105 0.6037 0.3597 0.0707  0.0149  0.0473  242 HOH A O      
436 O  O      . HOH E .  ? 0.2900 0.2779 0.2953 -0.1050 0.0663  0.0130  243 HOH A O      
437 O  O      . HOH E .  ? 0.1986 0.2951 0.2796 -0.0098 -0.0050 0.0485  244 HOH A O      
438 O  O      . HOH E .  ? 0.4615 0.2579 0.2612 0.0446  -0.0933 -0.0725 245 HOH A O      
439 O  O      . HOH E .  ? 0.4488 0.4484 0.5126 0.0749  0.1590  -0.0097 246 HOH A O      
440 O  O      . HOH E .  ? 0.3547 0.2746 0.3133 0.0045  -0.0502 0.0859  247 HOH A O      
441 O  O      . HOH E .  ? 0.1634 0.2000 0.2101 0.0090  -0.0002 0.0189  248 HOH A O      
442 O  O      . HOH E .  ? 0.2599 0.1914 0.2412 -0.0448 -0.0674 0.0004  249 HOH A O      
443 O  O      . HOH E .  ? 0.2113 0.3480 0.3280 -0.1040 0.0702  -0.0682 250 HOH A O      
444 O  O      . HOH E .  ? 0.2493 0.2686 0.3974 0.0078  -0.1228 0.0382  251 HOH A O      
445 O  O      . HOH E .  ? 0.3904 0.1859 0.3304 0.0000  0.1495  0.0152  252 HOH A O      
446 O  O      . HOH E .  ? 0.4005 0.2853 0.2613 0.0303  -0.0246 -0.0490 253 HOH A O      
447 O  O      . HOH E .  ? 0.2432 0.4210 0.1790 0.0021  0.0167  -0.0926 254 HOH A O      
448 O  O      . HOH E .  ? 0.3098 0.3795 0.3716 0.0027  0.0576  -0.0001 255 HOH A O      
449 O  O      . HOH E .  ? 0.2247 0.2392 0.1886 0.0021  0.0119  0.0157  256 HOH A O      
450 O  O      . HOH E .  ? 0.2869 0.3921 0.4283 0.0944  -0.1326 -0.0797 257 HOH A O      
451 O  O      . HOH E .  ? 0.5065 0.5136 0.3698 0.1153  0.1537  0.0270  258 HOH A O      
452 O  O      . HOH E .  ? 0.3543 0.4856 0.3604 0.0245  -0.0469 0.1358  259 HOH A O      
453 O  O      . HOH E .  ? 0.7418 0.3836 0.4090 -0.1482 -0.2932 -0.0182 260 HOH A O      
454 O  O      . HOH E .  ? 0.5388 0.4164 0.3424 -0.1498 -0.2579 0.0825  261 HOH A O      
455 O  O      . HOH E .  ? 0.4743 0.3523 0.3205 0.1543  0.1106  0.0860  262 HOH A O      
456 O  O      . HOH E .  ? 0.6775 0.5190 0.3471 -0.1315 0.0676  0.1537  263 HOH A O      
457 O  O      . HOH E .  ? 0.4279 0.9391 0.6064 -0.1061 0.2194  -0.2369 264 HOH A O      
458 O  O      . HOH E .  ? 0.2374 0.3505 0.1791 0.0484  0.0227  0.0350  265 HOH A O      
459 O  O      . HOH E .  ? 0.4511 0.3347 0.3104 0.1594  0.0599  0.1207  266 HOH A O      
460 O  O      . HOH E .  ? 0.2776 0.3049 0.2376 -0.1280 -0.0417 0.0552  267 HOH A O      
461 O  O      . HOH E .  ? 0.2255 0.6539 0.2574 0.0535  0.0618  0.0228  268 HOH A O      
462 O  O      . HOH E .  ? 0.1999 0.2515 0.2077 0.0276  -0.0406 0.0262  269 HOH A O      
463 O  O      . HOH E .  ? 0.4578 0.6092 0.6083 0.1927  -0.2324 -0.0897 270 HOH A O      
464 O  O      . HOH E .  ? 0.3079 0.3389 0.2684 -0.1643 -0.0589 0.0157  271 HOH A O      
465 O  O      . HOH E .  ? 0.5163 0.5613 0.8220 0.1368  0.0789  0.3233  272 HOH A O      
466 O  O      . HOH E .  ? 0.8547 0.3963 0.3046 0.0540  -0.0834 -0.0866 273 HOH A O      
467 O  O      . HOH E .  ? 0.6767 0.7326 0.6010 0.0029  0.0888  0.0116  274 HOH A O      
468 O  O      . HOH E .  ? 0.5282 1.3314 2.9829 0.1161  0.2878  0.5338  275 HOH A O      
469 O  O      . HOH E .  ? 0.5056 0.3923 1.4406 -0.1423 0.5224  -0.1353 276 HOH A O      
470 O  O      . HOH E .  ? 0.1491 0.1771 0.1767 -0.0137 0.0307  0.0361  277 HOH A O      
471 O  O      . HOH E .  ? 0.4645 0.4040 0.2869 -0.1909 -0.0768 0.1274  278 HOH A O      
472 O  O      . HOH E .  ? 0.8259 0.5782 0.5432 -0.3148 -0.4611 0.3082  279 HOH A O      
473 O  O      . HOH E .  ? 0.2565 0.3494 0.2344 0.0280  -0.0001 0.0957  280 HOH A O      
474 O  O      . HOH E .  ? 1.0027 0.6275 0.4192 0.1218  -0.3766 -0.1251 281 HOH A O      
475 O  O      . HOH E .  ? 0.2286 1.4210 1.3208 -0.2159 0.2701  0.1402  282 HOH A O      
476 O  O      . HOH E .  ? 0.4955 1.5464 1.7208 -0.1143 0.0848  0.9548  283 HOH A O      
477 O  O      . HOH E .  ? 0.6568 0.8086 0.8910 -0.0577 0.0641  -0.0316 284 HOH A O      
478 O  O      . HOH E .  ? 1.1395 0.7590 0.9274 0.0996  -0.0847 -0.0288 285 HOH A O      
479 O  O      . HOH E .  ? 0.3439 0.2773 0.3641 0.0416  0.0179  0.0206  286 HOH A O      
480 O  O      . HOH E .  ? 0.3377 0.3841 0.4914 -0.1425 0.0763  0.1210  287 HOH A O      
481 O  O      . HOH E .  ? 0.4369 0.4643 0.5406 0.0200  0.0086  0.2120  288 HOH A O      
482 O  O      . HOH E .  ? 0.7610 0.4704 0.2364 0.1178  0.0048  -0.1031 289 HOH A O      
483 O  O      . HOH E .  ? 0.1229 0.1600 0.1579 -0.0032 -0.0028 0.0004  290 HOH A O      
484 O  O      . HOH E .  ? 0.5581 0.8139 1.1005 0.1630  0.1395  0.3519  291 HOH A O      
485 O  O      . HOH E .  ? 0.2499 0.5282 0.2698 0.0049  0.0416  0.0365  292 HOH A O      
486 O  O      . HOH E .  ? 0.5172 0.7040 0.2262 0.0528  -0.0089 -0.0517 293 HOH A O      
487 O  O      . HOH E .  ? 0.5894 0.6734 0.4434 0.0981  -0.2237 -0.0612 294 HOH A O      
488 O  O      . HOH E .  ? 0.1396 0.6346 0.4707 0.0787  -0.0155 -0.1364 295 HOH A O      
489 O  O      . HOH E .  ? 0.2128 0.1608 0.1854 -0.0100 -0.0752 -0.0145 296 HOH A O      
490 O  O      . HOH E .  ? 0.5093 0.9729 1.0482 -0.0947 0.0581  -0.6254 297 HOH A O      
491 O  O      . HOH E .  ? 0.6610 0.6132 0.5679 -0.0123 0.1600  -0.2027 298 HOH A O      
492 O  O      . HOH E .  ? 0.5492 0.3120 0.3033 -0.0485 0.0259  0.0941  299 HOH A O      
493 O  O      . HOH E .  ? 0.4613 0.5891 0.4268 -0.0061 -0.1049 0.0822  300 HOH A O      
494 O  O      . HOH E .  ? 1.0014 0.9586 0.9046 -0.0504 -0.0122 -0.0511 301 HOH A O      
495 O  O      . HOH E .  ? 0.3183 0.2606 0.3123 -0.0660 -0.0790 -0.0271 302 HOH A O      
496 O  O      . HOH E .  ? 0.3405 0.5637 0.6662 -0.1166 0.1479  -0.1858 303 HOH A O      
497 O  O      . HOH E .  ? 0.2819 0.3517 0.2921 0.0683  -0.0362 -0.0192 304 HOH A O      
498 O  O      . HOH E .  ? 0.5818 0.4583 0.5286 0.0166  -0.0082 0.1278  305 HOH A O      
499 O  O      . HOH E .  ? 0.2990 0.3876 0.4480 0.0816  -0.0324 -0.0191 306 HOH A O      
500 O  O      . HOH E .  ? 0.7804 0.5119 0.5585 -0.0076 -0.0012 -0.1465 307 HOH A O      
501 O  O      . HOH E .  ? 0.4864 0.4146 0.6422 0.1855  -0.0969 -0.0509 308 HOH A O      
502 O  O      . HOH E .  ? 0.3491 0.2622 0.5770 -0.1216 0.0366  -0.0832 309 HOH A O      
503 O  O      . HOH E .  ? 0.5381 0.6092 0.2089 0.0714  -0.1458 -0.1545 310 HOH A O      
504 O  O      . HOH E .  ? 0.2918 0.3604 0.3561 -0.0853 -0.0504 0.0010  311 HOH A O      
505 O  O      . HOH E .  ? 0.4457 0.3131 0.4054 0.0062  -0.1209 -0.0802 312 HOH A O      
506 O  O      . HOH E .  ? 0.8684 0.5828 0.6912 -0.3273 -0.2661 0.1067  313 HOH A O      
507 O  O      . HOH E .  ? 0.6418 0.3784 0.3515 0.0974  -0.0412 0.0839  314 HOH A O      
508 O  O      . HOH E .  ? 0.4043 0.4282 0.2041 0.0675  0.0009  -0.0420 315 HOH A O      
509 O  O      . HOH E .  ? 0.4314 0.3691 0.4969 0.1582  -0.1845 -0.1275 316 HOH A O      
# 
